data_6M7H
# 
_entry.id   6M7H 
# 
_audit_conform.dict_name       mmcif_pdbx.dic 
_audit_conform.dict_version    5.397 
_audit_conform.dict_location   http://mmcif.pdb.org/dictionaries/ascii/mmcif_pdbx.dic 
# 
loop_
_database_2.database_id 
_database_2.database_code 
_database_2.pdbx_database_accession 
_database_2.pdbx_DOI 
PDB   6M7H         pdb_00006m7h 10.2210/pdb6m7h/pdb 
WWPDB D_1000236276 ?            ?                   
# 
loop_
_pdbx_audit_revision_history.ordinal 
_pdbx_audit_revision_history.data_content_type 
_pdbx_audit_revision_history.major_revision 
_pdbx_audit_revision_history.minor_revision 
_pdbx_audit_revision_history.revision_date 
1 'Structure model' 1 0 2019-08-28 
2 'Structure model' 1 1 2019-11-06 
3 'Structure model' 1 2 2019-11-27 
4 'Structure model' 1 3 2024-10-16 
# 
_pdbx_audit_revision_details.ordinal             1 
_pdbx_audit_revision_details.revision_ordinal    1 
_pdbx_audit_revision_details.data_content_type   'Structure model' 
_pdbx_audit_revision_details.provider            repository 
_pdbx_audit_revision_details.type                'Initial release' 
_pdbx_audit_revision_details.description         ? 
_pdbx_audit_revision_details.details             ? 
# 
loop_
_pdbx_audit_revision_group.ordinal 
_pdbx_audit_revision_group.revision_ordinal 
_pdbx_audit_revision_group.data_content_type 
_pdbx_audit_revision_group.group 
1 2 'Structure model' 'Data collection'            
2 2 'Structure model' 'Database references'        
3 2 'Structure model' 'Source and taxonomy'        
4 2 'Structure model' 'Structure summary'          
5 3 'Structure model' 'Author supporting evidence' 
6 4 'Structure model' 'Data collection'            
7 4 'Structure model' 'Database references'        
8 4 'Structure model' 'Derived calculations'       
9 4 'Structure model' 'Structure summary'          
# 
loop_
_pdbx_audit_revision_category.ordinal 
_pdbx_audit_revision_category.revision_ordinal 
_pdbx_audit_revision_category.data_content_type 
_pdbx_audit_revision_category.category 
1  2 'Structure model' audit_author              
2  2 'Structure model' entity_src_gen            
3  2 'Structure model' struct_ref                
4  2 'Structure model' struct_ref_seq            
5  3 'Structure model' pdbx_audit_support        
6  4 'Structure model' chem_comp_atom            
7  4 'Structure model' chem_comp_bond            
8  4 'Structure model' citation                  
9  4 'Structure model' database_2                
10 4 'Structure model' pdbx_entry_details        
11 4 'Structure model' pdbx_modification_feature 
12 4 'Structure model' struct_conn               
13 4 'Structure model' struct_conn_type          
# 
loop_
_pdbx_audit_revision_item.ordinal 
_pdbx_audit_revision_item.revision_ordinal 
_pdbx_audit_revision_item.data_content_type 
_pdbx_audit_revision_item.item 
1  2 'Structure model' '_entity_src_gen.gene_src_common_name'           
2  2 'Structure model' '_entity_src_gen.pdbx_gene_src_gene'             
3  2 'Structure model' '_entity_src_gen.pdbx_gene_src_ncbi_taxonomy_id' 
4  2 'Structure model' '_entity_src_gen.pdbx_gene_src_scientific_name'  
5  2 'Structure model' '_struct_ref.db_code'                            
6  2 'Structure model' '_struct_ref.pdbx_db_accession'                  
7  2 'Structure model' '_struct_ref_seq.pdbx_db_accession'              
8  3 'Structure model' '_pdbx_audit_support.funding_organization'       
9  4 'Structure model' '_citation.country'                              
10 4 'Structure model' '_database_2.pdbx_DOI'                           
11 4 'Structure model' '_database_2.pdbx_database_accession'            
12 4 'Structure model' '_struct_conn.conn_type_id'                      
13 4 'Structure model' '_struct_conn.id'                                
14 4 'Structure model' '_struct_conn.pdbx_dist_value'                   
15 4 'Structure model' '_struct_conn.pdbx_leaving_atom_flag'            
16 4 'Structure model' '_struct_conn.ptnr1_auth_comp_id'                
17 4 'Structure model' '_struct_conn.ptnr1_auth_seq_id'                 
18 4 'Structure model' '_struct_conn.ptnr1_label_atom_id'               
19 4 'Structure model' '_struct_conn.ptnr1_label_comp_id'               
20 4 'Structure model' '_struct_conn.ptnr1_label_seq_id'                
21 4 'Structure model' '_struct_conn.ptnr2_auth_comp_id'                
22 4 'Structure model' '_struct_conn.ptnr2_auth_seq_id'                 
23 4 'Structure model' '_struct_conn.ptnr2_label_asym_id'               
24 4 'Structure model' '_struct_conn.ptnr2_label_atom_id'               
25 4 'Structure model' '_struct_conn.ptnr2_label_comp_id'               
26 4 'Structure model' '_struct_conn.ptnr2_label_seq_id'                
27 4 'Structure model' '_struct_conn_type.id'                           
# 
_pdbx_database_status.status_code                     REL 
_pdbx_database_status.status_code_sf                  REL 
_pdbx_database_status.status_code_mr                  ? 
_pdbx_database_status.entry_id                        6M7H 
_pdbx_database_status.recvd_initial_deposition_date   2018-08-20 
_pdbx_database_status.SG_entry                        N 
_pdbx_database_status.deposit_site                    RCSB 
_pdbx_database_status.process_site                    RCSB 
_pdbx_database_status.status_code_cs                  ? 
_pdbx_database_status.methods_development_category    ? 
_pdbx_database_status.pdb_format_compatible           Y 
_pdbx_database_status.status_code_nmr_data            ? 
# 
loop_
_audit_author.name 
_audit_author.pdbx_ordinal 
_audit_author.identifier_ORCID 
'Damo, S.M.'     1 0000-0002-1483-7712 
'Pattanayek, R.' 2 ?                   
'Johnson, C.N.'  3 ?                   
# 
_citation.abstract                  ? 
_citation.abstract_id_CAS           ? 
_citation.book_id_ISBN              ? 
_citation.book_publisher            ? 
_citation.book_publisher_city       ? 
_citation.book_title                ? 
_citation.coordinate_linkage        ? 
_citation.country                   NE 
_citation.database_id_Medline       ? 
_citation.details                   ? 
_citation.id                        primary 
_citation.journal_abbrev            'Cell Calcium' 
_citation.journal_id_ASTM           ? 
_citation.journal_id_CSD            ? 
_citation.journal_id_ISSN           1532-1991 
_citation.journal_full              ? 
_citation.journal_issue             ? 
_citation.journal_volume            82 
_citation.language                  ? 
_citation.page_first                102063 
_citation.page_last                 102063 
_citation.title                     
'The CaMKII inhibitor KN93-calmodulin interaction and implications for calmodulin tuning of NaV1.5 and RyR2 function.' 
_citation.year                      2019 
_citation.database_id_CSD           ? 
_citation.pdbx_database_id_DOI      10.1016/j.ceca.2019.102063 
_citation.pdbx_database_id_PubMed   31401388 
_citation.unpublished_flag          ? 
# 
loop_
_citation_author.citation_id 
_citation_author.name 
_citation_author.ordinal 
_citation_author.identifier_ORCID 
primary 'Johnson, C.N.'    1  ? 
primary 'Pattanayek, R.'   2  ? 
primary 'Potet, F.'        3  ? 
primary 'Rebbeck, R.T.'    4  ? 
primary 'Blackwell, D.J.'  5  ? 
primary 'Nikolaienko, R.'  6  ? 
primary 'Sequeira, V.'     7  ? 
primary 'Le Meur, R.'      8  ? 
primary 'Radwanski, P.B.'  9  ? 
primary 'Davis, J.P.'      10 ? 
primary 'Zima, A.V.'       11 ? 
primary 'Cornea, R.L.'     12 ? 
primary 'Damo, S.M.'       13 ? 
primary 'Gyorke, S.'       14 ? 
primary 'George Jr., A.L.' 15 ? 
primary 'Knollmann, B.C.'  16 ? 
# 
loop_
_entity.id 
_entity.type 
_entity.src_method 
_entity.pdbx_description 
_entity.formula_weight 
_entity.pdbx_number_of_molecules 
_entity.pdbx_ec 
_entity.pdbx_mutation 
_entity.pdbx_fragment 
_entity.details 
1 polymer     man Calmodulin-1 16967.332 1  ? ? ? ? 
2 non-polymer syn 
"N-[2-[[[3-(4'-Chlorophenyl)-2-propenyl]methylamino]methyl]phenyl]-N-(2-hydroxyethyl)-4'-methoxybenzenesulfonamide" 501.037   3  ? 
? ? ? 
3 non-polymer syn 'CALCIUM ION' 40.078    4  ? ? ? ? 
4 water       nat water 18.015    79 ? ? ? ? 
# 
_entity_poly.entity_id                      1 
_entity_poly.type                           'polypeptide(L)' 
_entity_poly.nstd_linkage                   no 
_entity_poly.nstd_monomer                   yes 
_entity_poly.pdbx_seq_one_letter_code       
;ADQLTEEQIAEFKEAFSLFDKDGDGTITTKELGTV(MSE)RSLGQNPTEAELQD(MSE)INEVDADGNGTIDFPEFLT
(MSE)(MSE)ARKMKDTDSEEEIREAFRVFDKDGNGYISAAELRHV(MSE)TNLGEKLTDEEVDE(MSE)IREADIDGDG
QVNYEEFVQ(MSE)(MSE)TA
;
_entity_poly.pdbx_seq_one_letter_code_can   
;ADQLTEEQIAEFKEAFSLFDKDGDGTITTKELGTVMRSLGQNPTEAELQDMINEVDADGNGTIDFPEFLTMMARKMKDTD
SEEEIREAFRVFDKDGNGYISAAELRHVMTNLGEKLTDEEVDEMIREADIDGDGQVNYEEFVQMMTA
;
_entity_poly.pdbx_strand_id                 A 
_entity_poly.pdbx_target_identifier         ? 
# 
loop_
_pdbx_entity_nonpoly.entity_id 
_pdbx_entity_nonpoly.name 
_pdbx_entity_nonpoly.comp_id 
2 "N-[2-[[[3-(4'-Chlorophenyl)-2-propenyl]methylamino]methyl]phenyl]-N-(2-hydroxyethyl)-4'-methoxybenzenesulfonamide" KN9 
3 'CALCIUM ION'                                                                                                       CA  
4 water                                                                                                               HOH 
# 
loop_
_entity_poly_seq.entity_id 
_entity_poly_seq.num 
_entity_poly_seq.mon_id 
_entity_poly_seq.hetero 
1 1   ALA n 
1 2   ASP n 
1 3   GLN n 
1 4   LEU n 
1 5   THR n 
1 6   GLU n 
1 7   GLU n 
1 8   GLN n 
1 9   ILE n 
1 10  ALA n 
1 11  GLU n 
1 12  PHE n 
1 13  LYS n 
1 14  GLU n 
1 15  ALA n 
1 16  PHE n 
1 17  SER n 
1 18  LEU n 
1 19  PHE n 
1 20  ASP n 
1 21  LYS n 
1 22  ASP n 
1 23  GLY n 
1 24  ASP n 
1 25  GLY n 
1 26  THR n 
1 27  ILE n 
1 28  THR n 
1 29  THR n 
1 30  LYS n 
1 31  GLU n 
1 32  LEU n 
1 33  GLY n 
1 34  THR n 
1 35  VAL n 
1 36  MSE n 
1 37  ARG n 
1 38  SER n 
1 39  LEU n 
1 40  GLY n 
1 41  GLN n 
1 42  ASN n 
1 43  PRO n 
1 44  THR n 
1 45  GLU n 
1 46  ALA n 
1 47  GLU n 
1 48  LEU n 
1 49  GLN n 
1 50  ASP n 
1 51  MSE n 
1 52  ILE n 
1 53  ASN n 
1 54  GLU n 
1 55  VAL n 
1 56  ASP n 
1 57  ALA n 
1 58  ASP n 
1 59  GLY n 
1 60  ASN n 
1 61  GLY n 
1 62  THR n 
1 63  ILE n 
1 64  ASP n 
1 65  PHE n 
1 66  PRO n 
1 67  GLU n 
1 68  PHE n 
1 69  LEU n 
1 70  THR n 
1 71  MSE n 
1 72  MSE n 
1 73  ALA n 
1 74  ARG n 
1 75  LYS n 
1 76  MET n 
1 77  LYS n 
1 78  ASP n 
1 79  THR n 
1 80  ASP n 
1 81  SER n 
1 82  GLU n 
1 83  GLU n 
1 84  GLU n 
1 85  ILE n 
1 86  ARG n 
1 87  GLU n 
1 88  ALA n 
1 89  PHE n 
1 90  ARG n 
1 91  VAL n 
1 92  PHE n 
1 93  ASP n 
1 94  LYS n 
1 95  ASP n 
1 96  GLY n 
1 97  ASN n 
1 98  GLY n 
1 99  TYR n 
1 100 ILE n 
1 101 SER n 
1 102 ALA n 
1 103 ALA n 
1 104 GLU n 
1 105 LEU n 
1 106 ARG n 
1 107 HIS n 
1 108 VAL n 
1 109 MSE n 
1 110 THR n 
1 111 ASN n 
1 112 LEU n 
1 113 GLY n 
1 114 GLU n 
1 115 LYS n 
1 116 LEU n 
1 117 THR n 
1 118 ASP n 
1 119 GLU n 
1 120 GLU n 
1 121 VAL n 
1 122 ASP n 
1 123 GLU n 
1 124 MSE n 
1 125 ILE n 
1 126 ARG n 
1 127 GLU n 
1 128 ALA n 
1 129 ASP n 
1 130 ILE n 
1 131 ASP n 
1 132 GLY n 
1 133 ASP n 
1 134 GLY n 
1 135 GLN n 
1 136 VAL n 
1 137 ASN n 
1 138 TYR n 
1 139 GLU n 
1 140 GLU n 
1 141 PHE n 
1 142 VAL n 
1 143 GLN n 
1 144 MSE n 
1 145 MSE n 
1 146 THR n 
1 147 ALA n 
# 
_entity_src_gen.entity_id                          1 
_entity_src_gen.pdbx_src_id                        1 
_entity_src_gen.pdbx_alt_source_flag               sample 
_entity_src_gen.pdbx_seq_type                      'Biological sequence' 
_entity_src_gen.pdbx_beg_seq_num                   1 
_entity_src_gen.pdbx_end_seq_num                   147 
_entity_src_gen.gene_src_common_name               Human 
_entity_src_gen.gene_src_genus                     ? 
_entity_src_gen.pdbx_gene_src_gene                 'CALM1, CALM, CAM, CAM1' 
_entity_src_gen.gene_src_species                   ? 
_entity_src_gen.gene_src_strain                    ? 
_entity_src_gen.gene_src_tissue                    ? 
_entity_src_gen.gene_src_tissue_fraction           ? 
_entity_src_gen.gene_src_details                   ? 
_entity_src_gen.pdbx_gene_src_fragment             ? 
_entity_src_gen.pdbx_gene_src_scientific_name      'Homo sapiens' 
_entity_src_gen.pdbx_gene_src_ncbi_taxonomy_id     9606 
_entity_src_gen.pdbx_gene_src_variant              ? 
_entity_src_gen.pdbx_gene_src_cell_line            ? 
_entity_src_gen.pdbx_gene_src_atcc                 ? 
_entity_src_gen.pdbx_gene_src_organ                ? 
_entity_src_gen.pdbx_gene_src_organelle            ? 
_entity_src_gen.pdbx_gene_src_cell                 ? 
_entity_src_gen.pdbx_gene_src_cellular_location    ? 
_entity_src_gen.host_org_common_name               ? 
_entity_src_gen.pdbx_host_org_scientific_name      'Escherichia coli BL21(DE3)' 
_entity_src_gen.pdbx_host_org_ncbi_taxonomy_id     469008 
_entity_src_gen.host_org_genus                     ? 
_entity_src_gen.pdbx_host_org_gene                 ? 
_entity_src_gen.pdbx_host_org_organ                ? 
_entity_src_gen.host_org_species                   ? 
_entity_src_gen.pdbx_host_org_tissue               ? 
_entity_src_gen.pdbx_host_org_tissue_fraction      ? 
_entity_src_gen.pdbx_host_org_strain               ? 
_entity_src_gen.pdbx_host_org_variant              ? 
_entity_src_gen.pdbx_host_org_cell_line            ? 
_entity_src_gen.pdbx_host_org_atcc                 ? 
_entity_src_gen.pdbx_host_org_culture_collection   ? 
_entity_src_gen.pdbx_host_org_cell                 ? 
_entity_src_gen.pdbx_host_org_organelle            ? 
_entity_src_gen.pdbx_host_org_cellular_location    ? 
_entity_src_gen.pdbx_host_org_vector_type          ? 
_entity_src_gen.pdbx_host_org_vector               ? 
_entity_src_gen.host_org_details                   ? 
_entity_src_gen.expression_system_id               ? 
_entity_src_gen.plasmid_name                       ? 
_entity_src_gen.plasmid_details                    ? 
_entity_src_gen.pdbx_description                   ? 
# 
loop_
_chem_comp.id 
_chem_comp.type 
_chem_comp.mon_nstd_flag 
_chem_comp.name 
_chem_comp.pdbx_synonyms 
_chem_comp.formula 
_chem_comp.formula_weight 
ALA 'L-peptide linking' y ALANINE ? 'C3 H7 N O2'         89.093  
ARG 'L-peptide linking' y ARGININE ? 'C6 H15 N4 O2 1'     175.209 
ASN 'L-peptide linking' y ASPARAGINE ? 'C4 H8 N2 O3'        132.118 
ASP 'L-peptide linking' y 'ASPARTIC ACID' ? 'C4 H7 N O4'         133.103 
CA  non-polymer         . 'CALCIUM ION' ? 'Ca 2'               40.078  
GLN 'L-peptide linking' y GLUTAMINE ? 'C5 H10 N2 O3'       146.144 
GLU 'L-peptide linking' y 'GLUTAMIC ACID' ? 'C5 H9 N O4'         147.129 
GLY 'peptide linking'   y GLYCINE ? 'C2 H5 N O2'         75.067  
HIS 'L-peptide linking' y HISTIDINE ? 'C6 H10 N3 O2 1'     156.162 
HOH non-polymer         . WATER ? 'H2 O'               18.015  
ILE 'L-peptide linking' y ISOLEUCINE ? 'C6 H13 N O2'        131.173 
KN9 non-polymer         . 
"N-[2-[[[3-(4'-Chlorophenyl)-2-propenyl]methylamino]methyl]phenyl]-N-(2-hydroxyethyl)-4'-methoxybenzenesulfonamide" 
'N-[2-({[(2E)-3-(4-chlorophenyl)prop-2-en-1-yl](methyl)amino}methyl)phenyl]-N-(2-hydroxyethyl)-4-methoxybenzene-1-sulfonamide' 
'C26 H29 Cl N2 O4 S' 501.037 
LEU 'L-peptide linking' y LEUCINE ? 'C6 H13 N O2'        131.173 
LYS 'L-peptide linking' y LYSINE ? 'C6 H15 N2 O2 1'     147.195 
MET 'L-peptide linking' y METHIONINE ? 'C5 H11 N O2 S'      149.211 
MSE 'L-peptide linking' n SELENOMETHIONINE ? 'C5 H11 N O2 Se'     196.106 
PHE 'L-peptide linking' y PHENYLALANINE ? 'C9 H11 N O2'        165.189 
PRO 'L-peptide linking' y PROLINE ? 'C5 H9 N O2'         115.130 
SER 'L-peptide linking' y SERINE ? 'C3 H7 N O3'         105.093 
THR 'L-peptide linking' y THREONINE ? 'C4 H9 N O3'         119.119 
TYR 'L-peptide linking' y TYROSINE ? 'C9 H11 N O3'        181.189 
VAL 'L-peptide linking' y VALINE ? 'C5 H11 N O2'        117.146 
# 
loop_
_pdbx_poly_seq_scheme.asym_id 
_pdbx_poly_seq_scheme.entity_id 
_pdbx_poly_seq_scheme.seq_id 
_pdbx_poly_seq_scheme.mon_id 
_pdbx_poly_seq_scheme.ndb_seq_num 
_pdbx_poly_seq_scheme.pdb_seq_num 
_pdbx_poly_seq_scheme.auth_seq_num 
_pdbx_poly_seq_scheme.pdb_mon_id 
_pdbx_poly_seq_scheme.auth_mon_id 
_pdbx_poly_seq_scheme.pdb_strand_id 
_pdbx_poly_seq_scheme.pdb_ins_code 
_pdbx_poly_seq_scheme.hetero 
A 1 1   ALA 1   1   ?   ?   ?   A . n 
A 1 2   ASP 2   2   ?   ?   ?   A . n 
A 1 3   GLN 3   3   ?   ?   ?   A . n 
A 1 4   LEU 4   4   4   LEU LEU A . n 
A 1 5   THR 5   5   5   THR THR A . n 
A 1 6   GLU 6   6   6   GLU GLU A . n 
A 1 7   GLU 7   7   7   GLU GLU A . n 
A 1 8   GLN 8   8   8   GLN GLN A . n 
A 1 9   ILE 9   9   9   ILE ILE A . n 
A 1 10  ALA 10  10  10  ALA ALA A . n 
A 1 11  GLU 11  11  11  GLU GLU A . n 
A 1 12  PHE 12  12  12  PHE PHE A . n 
A 1 13  LYS 13  13  13  LYS LYS A . n 
A 1 14  GLU 14  14  14  GLU GLU A . n 
A 1 15  ALA 15  15  15  ALA ALA A . n 
A 1 16  PHE 16  16  16  PHE PHE A . n 
A 1 17  SER 17  17  17  SER SER A . n 
A 1 18  LEU 18  18  18  LEU LEU A . n 
A 1 19  PHE 19  19  19  PHE PHE A . n 
A 1 20  ASP 20  20  20  ASP ASP A . n 
A 1 21  LYS 21  21  21  LYS LYS A . n 
A 1 22  ASP 22  22  22  ASP ASP A . n 
A 1 23  GLY 23  23  23  GLY GLY A . n 
A 1 24  ASP 24  24  24  ASP ASP A . n 
A 1 25  GLY 25  25  25  GLY GLY A . n 
A 1 26  THR 26  26  26  THR THR A . n 
A 1 27  ILE 27  27  27  ILE ILE A . n 
A 1 28  THR 28  28  28  THR THR A . n 
A 1 29  THR 29  29  29  THR THR A . n 
A 1 30  LYS 30  30  30  LYS LYS A . n 
A 1 31  GLU 31  31  31  GLU GLU A . n 
A 1 32  LEU 32  32  32  LEU LEU A . n 
A 1 33  GLY 33  33  33  GLY GLY A . n 
A 1 34  THR 34  34  34  THR THR A . n 
A 1 35  VAL 35  35  35  VAL VAL A . n 
A 1 36  MSE 36  36  36  MSE MSE A . n 
A 1 37  ARG 37  37  37  ARG ARG A . n 
A 1 38  SER 38  38  38  SER SER A . n 
A 1 39  LEU 39  39  39  LEU LEU A . n 
A 1 40  GLY 40  40  40  GLY GLY A . n 
A 1 41  GLN 41  41  41  GLN GLN A . n 
A 1 42  ASN 42  42  42  ASN ASN A . n 
A 1 43  PRO 43  43  43  PRO PRO A . n 
A 1 44  THR 44  44  44  THR THR A . n 
A 1 45  GLU 45  45  45  GLU GLU A . n 
A 1 46  ALA 46  46  46  ALA ALA A . n 
A 1 47  GLU 47  47  47  GLU GLU A . n 
A 1 48  LEU 48  48  48  LEU LEU A . n 
A 1 49  GLN 49  49  49  GLN GLN A . n 
A 1 50  ASP 50  50  50  ASP ASP A . n 
A 1 51  MSE 51  51  51  MSE MSE A . n 
A 1 52  ILE 52  52  52  ILE ILE A . n 
A 1 53  ASN 53  53  53  ASN ASN A . n 
A 1 54  GLU 54  54  54  GLU GLU A . n 
A 1 55  VAL 55  55  55  VAL VAL A . n 
A 1 56  ASP 56  56  56  ASP ASP A . n 
A 1 57  ALA 57  57  57  ALA ALA A . n 
A 1 58  ASP 58  58  58  ASP ASP A . n 
A 1 59  GLY 59  59  59  GLY GLY A . n 
A 1 60  ASN 60  60  60  ASN ASN A . n 
A 1 61  GLY 61  61  61  GLY GLY A . n 
A 1 62  THR 62  62  62  THR THR A . n 
A 1 63  ILE 63  63  63  ILE ILE A . n 
A 1 64  ASP 64  64  64  ASP ASP A . n 
A 1 65  PHE 65  65  65  PHE PHE A . n 
A 1 66  PRO 66  66  66  PRO PRO A . n 
A 1 67  GLU 67  67  67  GLU GLU A . n 
A 1 68  PHE 68  68  68  PHE PHE A . n 
A 1 69  LEU 69  69  69  LEU LEU A . n 
A 1 70  THR 70  70  70  THR THR A . n 
A 1 71  MSE 71  71  71  MSE MSE A . n 
A 1 72  MSE 72  72  72  MSE MSE A . n 
A 1 73  ALA 73  73  73  ALA ALA A . n 
A 1 74  ARG 74  74  74  ARG ARG A . n 
A 1 75  LYS 75  75  75  LYS LYS A . n 
A 1 76  MET 76  76  76  MET MET A . n 
A 1 77  LYS 77  77  77  LYS LYS A . n 
A 1 78  ASP 78  78  78  ASP ASP A . n 
A 1 79  THR 79  79  79  THR THR A . n 
A 1 80  ASP 80  80  80  ASP ASP A . n 
A 1 81  SER 81  81  81  SER SER A . n 
A 1 82  GLU 82  82  82  GLU GLU A . n 
A 1 83  GLU 83  83  83  GLU GLU A . n 
A 1 84  GLU 84  84  84  GLU GLU A . n 
A 1 85  ILE 85  85  85  ILE ILE A . n 
A 1 86  ARG 86  86  86  ARG ARG A . n 
A 1 87  GLU 87  87  87  GLU GLU A . n 
A 1 88  ALA 88  88  88  ALA ALA A . n 
A 1 89  PHE 89  89  89  PHE PHE A . n 
A 1 90  ARG 90  90  90  ARG ARG A . n 
A 1 91  VAL 91  91  91  VAL VAL A . n 
A 1 92  PHE 92  92  92  PHE PHE A . n 
A 1 93  ASP 93  93  93  ASP ASP A . n 
A 1 94  LYS 94  94  94  LYS LYS A . n 
A 1 95  ASP 95  95  95  ASP ASP A . n 
A 1 96  GLY 96  96  96  GLY GLY A . n 
A 1 97  ASN 97  97  97  ASN ASN A . n 
A 1 98  GLY 98  98  98  GLY GLY A . n 
A 1 99  TYR 99  99  99  TYR TYR A . n 
A 1 100 ILE 100 100 100 ILE ILE A . n 
A 1 101 SER 101 101 101 SER SER A . n 
A 1 102 ALA 102 102 102 ALA ALA A . n 
A 1 103 ALA 103 103 103 ALA ALA A . n 
A 1 104 GLU 104 104 104 GLU GLU A . n 
A 1 105 LEU 105 105 105 LEU LEU A . n 
A 1 106 ARG 106 106 106 ARG ARG A . n 
A 1 107 HIS 107 107 107 HIS HIS A . n 
A 1 108 VAL 108 108 108 VAL VAL A . n 
A 1 109 MSE 109 109 109 MSE MSE A . n 
A 1 110 THR 110 110 110 THR THR A . n 
A 1 111 ASN 111 111 111 ASN ASN A . n 
A 1 112 LEU 112 112 112 LEU LEU A . n 
A 1 113 GLY 113 113 113 GLY GLY A . n 
A 1 114 GLU 114 114 114 GLU GLU A . n 
A 1 115 LYS 115 115 115 LYS LYS A . n 
A 1 116 LEU 116 116 116 LEU LEU A . n 
A 1 117 THR 117 117 117 THR THR A . n 
A 1 118 ASP 118 118 118 ASP ASP A . n 
A 1 119 GLU 119 119 119 GLU GLU A . n 
A 1 120 GLU 120 120 120 GLU GLU A . n 
A 1 121 VAL 121 121 121 VAL VAL A . n 
A 1 122 ASP 122 122 122 ASP ASP A . n 
A 1 123 GLU 123 123 123 GLU GLU A . n 
A 1 124 MSE 124 124 124 MSE MSE A . n 
A 1 125 ILE 125 125 125 ILE ILE A . n 
A 1 126 ARG 126 126 126 ARG ARG A . n 
A 1 127 GLU 127 127 127 GLU GLU A . n 
A 1 128 ALA 128 128 128 ALA ALA A . n 
A 1 129 ASP 129 129 129 ASP ASP A . n 
A 1 130 ILE 130 130 130 ILE ILE A . n 
A 1 131 ASP 131 131 131 ASP ASP A . n 
A 1 132 GLY 132 132 132 GLY GLY A . n 
A 1 133 ASP 133 133 133 ASP ASP A . n 
A 1 134 GLY 134 134 134 GLY GLY A . n 
A 1 135 GLN 135 135 135 GLN GLN A . n 
A 1 136 VAL 136 136 136 VAL VAL A . n 
A 1 137 ASN 137 137 137 ASN ASN A . n 
A 1 138 TYR 138 138 138 TYR TYR A . n 
A 1 139 GLU 139 139 139 GLU GLU A . n 
A 1 140 GLU 140 140 140 GLU GLU A . n 
A 1 141 PHE 141 141 141 PHE PHE A . n 
A 1 142 VAL 142 142 142 VAL VAL A . n 
A 1 143 GLN 143 143 143 GLN GLN A . n 
A 1 144 MSE 144 144 144 MSE MSE A . n 
A 1 145 MSE 145 145 145 MSE MSE A . n 
A 1 146 THR 146 146 146 THR THR A . n 
A 1 147 ALA 147 147 147 ALA ALA A . n 
# 
loop_
_pdbx_nonpoly_scheme.asym_id 
_pdbx_nonpoly_scheme.entity_id 
_pdbx_nonpoly_scheme.mon_id 
_pdbx_nonpoly_scheme.ndb_seq_num 
_pdbx_nonpoly_scheme.pdb_seq_num 
_pdbx_nonpoly_scheme.auth_seq_num 
_pdbx_nonpoly_scheme.pdb_mon_id 
_pdbx_nonpoly_scheme.auth_mon_id 
_pdbx_nonpoly_scheme.pdb_strand_id 
_pdbx_nonpoly_scheme.pdb_ins_code 
B 2 KN9 1  201 201 KN9 KN9 A . 
C 2 KN9 1  202 202 KN9 KN9 A . 
D 2 KN9 1  203 203 KN9 KN9 A . 
E 3 CA  1  204 204 CA  CA  A . 
F 3 CA  1  205 205 CA  CA  A . 
G 3 CA  1  206 206 CA  CA  A . 
H 3 CA  1  207 207 CA  CA  A . 
I 4 HOH 1  301 306 HOH HOH A . 
I 4 HOH 2  302 304 HOH HOH A . 
I 4 HOH 3  303 311 HOH HOH A . 
I 4 HOH 4  304 333 HOH HOH A . 
I 4 HOH 5  305 330 HOH HOH A . 
I 4 HOH 6  306 307 HOH HOH A . 
I 4 HOH 7  307 340 HOH HOH A . 
I 4 HOH 8  308 312 HOH HOH A . 
I 4 HOH 9  309 317 HOH HOH A . 
I 4 HOH 10 310 335 HOH HOH A . 
I 4 HOH 11 311 322 HOH HOH A . 
I 4 HOH 12 312 364 HOH HOH A . 
I 4 HOH 13 313 326 HOH HOH A . 
I 4 HOH 14 314 305 HOH HOH A . 
I 4 HOH 15 315 315 HOH HOH A . 
I 4 HOH 16 316 327 HOH HOH A . 
I 4 HOH 17 317 337 HOH HOH A . 
I 4 HOH 18 318 316 HOH HOH A . 
I 4 HOH 19 319 329 HOH HOH A . 
I 4 HOH 20 320 318 HOH HOH A . 
I 4 HOH 21 321 313 HOH HOH A . 
I 4 HOH 22 322 310 HOH HOH A . 
I 4 HOH 23 323 339 HOH HOH A . 
I 4 HOH 24 324 348 HOH HOH A . 
I 4 HOH 25 325 353 HOH HOH A . 
I 4 HOH 26 326 345 HOH HOH A . 
I 4 HOH 27 327 323 HOH HOH A . 
I 4 HOH 28 328 334 HOH HOH A . 
I 4 HOH 29 329 358 HOH HOH A . 
I 4 HOH 30 330 346 HOH HOH A . 
I 4 HOH 31 331 336 HOH HOH A . 
I 4 HOH 32 332 350 HOH HOH A . 
I 4 HOH 33 333 341 HOH HOH A . 
I 4 HOH 34 334 351 HOH HOH A . 
I 4 HOH 35 335 343 HOH HOH A . 
I 4 HOH 36 336 324 HOH HOH A . 
I 4 HOH 37 337 369 HOH HOH A . 
I 4 HOH 38 338 342 HOH HOH A . 
I 4 HOH 39 339 370 HOH HOH A . 
I 4 HOH 40 340 328 HOH HOH A . 
I 4 HOH 41 341 354 HOH HOH A . 
I 4 HOH 42 342 366 HOH HOH A . 
I 4 HOH 43 343 352 HOH HOH A . 
I 4 HOH 44 344 368 HOH HOH A . 
I 4 HOH 45 345 338 HOH HOH A . 
I 4 HOH 46 346 356 HOH HOH A . 
I 4 HOH 47 347 355 HOH HOH A . 
I 4 HOH 48 348 365 HOH HOH A . 
I 4 HOH 49 349 363 HOH HOH A . 
I 4 HOH 50 350 373 HOH HOH A . 
I 4 HOH 51 351 347 HOH HOH A . 
I 4 HOH 52 352 314 HOH HOH A . 
I 4 HOH 53 353 383 HOH HOH A . 
I 4 HOH 54 354 399 HOH HOH A . 
I 4 HOH 55 355 385 HOH HOH A . 
I 4 HOH 56 356 378 HOH HOH A . 
I 4 HOH 57 357 380 HOH HOH A . 
I 4 HOH 58 358 376 HOH HOH A . 
I 4 HOH 59 359 375 HOH HOH A . 
I 4 HOH 60 360 395 HOH HOH A . 
I 4 HOH 61 361 390 HOH HOH A . 
I 4 HOH 62 362 374 HOH HOH A . 
I 4 HOH 63 363 397 HOH HOH A . 
I 4 HOH 64 364 360 HOH HOH A . 
I 4 HOH 65 365 389 HOH HOH A . 
I 4 HOH 66 366 367 HOH HOH A . 
I 4 HOH 67 367 388 HOH HOH A . 
I 4 HOH 68 368 371 HOH HOH A . 
I 4 HOH 69 369 391 HOH HOH A . 
I 4 HOH 70 370 402 HOH HOH A . 
I 4 HOH 71 371 410 HOH HOH A . 
I 4 HOH 72 372 406 HOH HOH A . 
I 4 HOH 73 373 396 HOH HOH A . 
I 4 HOH 74 374 403 HOH HOH A . 
I 4 HOH 75 375 400 HOH HOH A . 
I 4 HOH 76 376 418 HOH HOH A . 
I 4 HOH 77 377 413 HOH HOH A . 
I 4 HOH 78 378 417 HOH HOH A . 
I 4 HOH 79 379 419 HOH HOH A . 
# 
loop_
_pdbx_unobs_or_zero_occ_atoms.id 
_pdbx_unobs_or_zero_occ_atoms.PDB_model_num 
_pdbx_unobs_or_zero_occ_atoms.polymer_flag 
_pdbx_unobs_or_zero_occ_atoms.occupancy_flag 
_pdbx_unobs_or_zero_occ_atoms.auth_asym_id 
_pdbx_unobs_or_zero_occ_atoms.auth_comp_id 
_pdbx_unobs_or_zero_occ_atoms.auth_seq_id 
_pdbx_unobs_or_zero_occ_atoms.PDB_ins_code 
_pdbx_unobs_or_zero_occ_atoms.auth_atom_id 
_pdbx_unobs_or_zero_occ_atoms.label_alt_id 
_pdbx_unobs_or_zero_occ_atoms.label_asym_id 
_pdbx_unobs_or_zero_occ_atoms.label_comp_id 
_pdbx_unobs_or_zero_occ_atoms.label_seq_id 
_pdbx_unobs_or_zero_occ_atoms.label_atom_id 
1  1 Y 1 A LEU 4  ? CD1 ? A LEU 4  CD1 
2  1 Y 1 A LEU 4  ? CD2 ? A LEU 4  CD2 
3  1 Y 1 A GLN 8  ? CG  ? A GLN 8  CG  
4  1 Y 1 A GLN 8  ? CD  ? A GLN 8  CD  
5  1 Y 1 A GLN 8  ? OE1 ? A GLN 8  OE1 
6  1 Y 1 A GLN 8  ? NE2 ? A GLN 8  NE2 
7  1 Y 1 A LYS 75 ? CD  ? A LYS 75 CD  
8  1 Y 1 A LYS 75 ? CE  ? A LYS 75 CE  
9  1 Y 1 A LYS 75 ? NZ  ? A LYS 75 NZ  
10 1 Y 1 A LYS 77 ? CG  ? A LYS 77 CG  
11 1 Y 1 A LYS 77 ? CD  ? A LYS 77 CD  
12 1 Y 1 A LYS 77 ? CE  ? A LYS 77 CE  
13 1 Y 1 A LYS 77 ? NZ  ? A LYS 77 NZ  
# 
loop_
_software.citation_id 
_software.classification 
_software.compiler_name 
_software.compiler_version 
_software.contact_author 
_software.contact_author_email 
_software.date 
_software.description 
_software.dependencies 
_software.hardware 
_software.language 
_software.location 
_software.mods 
_software.name 
_software.os 
_software.os_version 
_software.type 
_software.version 
_software.pdbx_ordinal 
? refinement        ? ? ? ? ? ? ? ? ? ? ? PHENIX      ? ? ? 1.14_3260 1 
? 'data extraction' ? ? ? ? ? ? ? ? ? ? ? PDB_EXTRACT ? ? ? 3.24      2 
? 'data reduction'  ? ? ? ? ? ? ? ? ? ? ? XDS         ? ? ? .         3 
? 'data scaling'    ? ? ? ? ? ? ? ? ? ? ? Aimless     ? ? ? .         4 
? phasing           ? ? ? ? ? ? ? ? ? ? ? AutoSol     ? ? ? .         5 
# 
_cell.angle_alpha                  90.00 
_cell.angle_alpha_esd              ? 
_cell.angle_beta                   90.00 
_cell.angle_beta_esd               ? 
_cell.angle_gamma                  120.00 
_cell.angle_gamma_esd              ? 
_cell.entry_id                     6M7H 
_cell.details                      ? 
_cell.formula_units_Z              ? 
_cell.length_a                     40.511 
_cell.length_a_esd                 ? 
_cell.length_b                     40.511 
_cell.length_b_esd                 ? 
_cell.length_c                     348.785 
_cell.length_c_esd                 ? 
_cell.volume                       ? 
_cell.volume_esd                   ? 
_cell.Z_PDB                        12 
_cell.reciprocal_angle_alpha       ? 
_cell.reciprocal_angle_beta        ? 
_cell.reciprocal_angle_gamma       ? 
_cell.reciprocal_angle_alpha_esd   ? 
_cell.reciprocal_angle_beta_esd    ? 
_cell.reciprocal_angle_gamma_esd   ? 
_cell.reciprocal_length_a          ? 
_cell.reciprocal_length_b          ? 
_cell.reciprocal_length_c          ? 
_cell.reciprocal_length_a_esd      ? 
_cell.reciprocal_length_b_esd      ? 
_cell.reciprocal_length_c_esd      ? 
_cell.pdbx_unique_axis             ? 
# 
_symmetry.entry_id                         6M7H 
_symmetry.cell_setting                     ? 
_symmetry.Int_Tables_number                178 
_symmetry.space_group_name_Hall            ? 
_symmetry.space_group_name_H-M             'P 61 2 2' 
_symmetry.pdbx_full_space_group_name_H-M   ? 
# 
_exptl.absorpt_coefficient_mu     ? 
_exptl.absorpt_correction_T_max   ? 
_exptl.absorpt_correction_T_min   ? 
_exptl.absorpt_correction_type    ? 
_exptl.absorpt_process_details    ? 
_exptl.entry_id                   6M7H 
_exptl.crystals_number            1 
_exptl.details                    ? 
_exptl.method                     'X-RAY DIFFRACTION' 
_exptl.method_details             ? 
# 
_exptl_crystal.colour                      ? 
_exptl_crystal.density_diffrn              ? 
_exptl_crystal.density_Matthews            2.43 
_exptl_crystal.density_method              ? 
_exptl_crystal.density_percent_sol         49.48 
_exptl_crystal.description                 ? 
_exptl_crystal.F_000                       ? 
_exptl_crystal.id                          1 
_exptl_crystal.preparation                 ? 
_exptl_crystal.size_max                    ? 
_exptl_crystal.size_mid                    ? 
_exptl_crystal.size_min                    ? 
_exptl_crystal.size_rad                    ? 
_exptl_crystal.colour_lustre               ? 
_exptl_crystal.colour_modifier             ? 
_exptl_crystal.colour_primary              ? 
_exptl_crystal.density_meas                ? 
_exptl_crystal.density_meas_esd            ? 
_exptl_crystal.density_meas_gt             ? 
_exptl_crystal.density_meas_lt             ? 
_exptl_crystal.density_meas_temp           ? 
_exptl_crystal.density_meas_temp_esd       ? 
_exptl_crystal.density_meas_temp_gt        ? 
_exptl_crystal.density_meas_temp_lt        ? 
_exptl_crystal.pdbx_crystal_image_url      ? 
_exptl_crystal.pdbx_crystal_image_format   ? 
_exptl_crystal.pdbx_mosaicity              ? 
_exptl_crystal.pdbx_mosaicity_esd          ? 
# 
_exptl_crystal_grow.apparatus       ? 
_exptl_crystal_grow.atmosphere      ? 
_exptl_crystal_grow.crystal_id      1 
_exptl_crystal_grow.details         ? 
_exptl_crystal_grow.method          'VAPOR DIFFUSION, HANGING DROP' 
_exptl_crystal_grow.method_ref      ? 
_exptl_crystal_grow.pH              ? 
_exptl_crystal_grow.pressure        ? 
_exptl_crystal_grow.pressure_esd    ? 
_exptl_crystal_grow.seeding         ? 
_exptl_crystal_grow.seeding_ref     ? 
_exptl_crystal_grow.temp            289 
_exptl_crystal_grow.temp_details    ? 
_exptl_crystal_grow.temp_esd        ? 
_exptl_crystal_grow.time            ? 
_exptl_crystal_grow.pdbx_details    'bis tris ph 6.5, peg 3350' 
_exptl_crystal_grow.pdbx_pH_range   ? 
# 
_diffrn.ambient_environment              ? 
_diffrn.ambient_temp                     100 
_diffrn.ambient_temp_details             ? 
_diffrn.ambient_temp_esd                 ? 
_diffrn.crystal_id                       1 
_diffrn.crystal_support                  ? 
_diffrn.crystal_treatment                ? 
_diffrn.details                          ? 
_diffrn.id                               1 
_diffrn.ambient_pressure                 ? 
_diffrn.ambient_pressure_esd             ? 
_diffrn.ambient_pressure_gt              ? 
_diffrn.ambient_pressure_lt              ? 
_diffrn.ambient_temp_gt                  ? 
_diffrn.ambient_temp_lt                  ? 
_diffrn.pdbx_serial_crystal_experiment   N 
# 
_diffrn_detector.details                      ? 
_diffrn_detector.detector                     CCD 
_diffrn_detector.diffrn_id                    1 
_diffrn_detector.type                         'RAYONIX MX-300' 
_diffrn_detector.area_resol_mean              ? 
_diffrn_detector.dtime                        ? 
_diffrn_detector.pdbx_frames_total            ? 
_diffrn_detector.pdbx_collection_time_total   ? 
_diffrn_detector.pdbx_collection_date         2017-11-08 
_diffrn_detector.pdbx_frequency               ? 
# 
_diffrn_radiation.collimation                      ? 
_diffrn_radiation.diffrn_id                        1 
_diffrn_radiation.filter_edge                      ? 
_diffrn_radiation.inhomogeneity                    ? 
_diffrn_radiation.monochromator                    ? 
_diffrn_radiation.polarisn_norm                    ? 
_diffrn_radiation.polarisn_ratio                   ? 
_diffrn_radiation.probe                            ? 
_diffrn_radiation.type                             ? 
_diffrn_radiation.xray_symbol                      ? 
_diffrn_radiation.wavelength_id                    1 
_diffrn_radiation.pdbx_monochromatic_or_laue_m_l   M 
_diffrn_radiation.pdbx_wavelength_list             ? 
_diffrn_radiation.pdbx_wavelength                  ? 
_diffrn_radiation.pdbx_diffrn_protocol             'SINGLE WAVELENGTH' 
_diffrn_radiation.pdbx_analyzer                    ? 
_diffrn_radiation.pdbx_scattering_type             x-ray 
# 
_diffrn_radiation_wavelength.id           1 
_diffrn_radiation_wavelength.wavelength   0.97872 
_diffrn_radiation_wavelength.wt           1.0 
# 
_diffrn_source.current                     ? 
_diffrn_source.details                     ? 
_diffrn_source.diffrn_id                   1 
_diffrn_source.power                       ? 
_diffrn_source.size                        ? 
_diffrn_source.source                      SYNCHROTRON 
_diffrn_source.target                      ? 
_diffrn_source.type                        'APS BEAMLINE 21-ID-F' 
_diffrn_source.voltage                     ? 
_diffrn_source.take-off_angle              ? 
_diffrn_source.pdbx_wavelength_list        0.97872 
_diffrn_source.pdbx_wavelength             ? 
_diffrn_source.pdbx_synchrotron_beamline   21-ID-F 
_diffrn_source.pdbx_synchrotron_site       APS 
# 
_reflns.B_iso_Wilson_estimate            ? 
_reflns.entry_id                         6M7H 
_reflns.data_reduction_details           ? 
_reflns.data_reduction_method            ? 
_reflns.d_resolution_high                1.6 
_reflns.d_resolution_low                 38.8 
_reflns.details                          ? 
_reflns.limit_h_max                      ? 
_reflns.limit_h_min                      ? 
_reflns.limit_k_max                      ? 
_reflns.limit_k_min                      ? 
_reflns.limit_l_max                      ? 
_reflns.limit_l_min                      ? 
_reflns.number_all                       ? 
_reflns.number_obs                       50207 
_reflns.observed_criterion               ? 
_reflns.observed_criterion_F_max         ? 
_reflns.observed_criterion_F_min         ? 
_reflns.observed_criterion_I_max         ? 
_reflns.observed_criterion_I_min         ? 
_reflns.observed_criterion_sigma_F       ? 
_reflns.observed_criterion_sigma_I       ? 
_reflns.percent_possible_obs             99.8 
_reflns.R_free_details                   ? 
_reflns.Rmerge_F_all                     ? 
_reflns.Rmerge_F_obs                     ? 
_reflns.Friedel_coverage                 ? 
_reflns.number_gt                        ? 
_reflns.threshold_expression             ? 
_reflns.pdbx_redundancy                  15.4 
_reflns.pdbx_Rmerge_I_obs                .092 
_reflns.pdbx_Rmerge_I_all                ? 
_reflns.pdbx_Rsym_value                  ? 
_reflns.pdbx_netI_over_av_sigmaI         ? 
_reflns.pdbx_netI_over_sigmaI            18 
_reflns.pdbx_res_netI_over_av_sigmaI_2   ? 
_reflns.pdbx_res_netI_over_sigmaI_2      ? 
_reflns.pdbx_chi_squared                 ? 
_reflns.pdbx_scaling_rejects             ? 
_reflns.pdbx_d_res_high_opt              ? 
_reflns.pdbx_d_res_low_opt               ? 
_reflns.pdbx_d_res_opt_method            ? 
_reflns.phase_calculation_details        ? 
_reflns.pdbx_Rrim_I_all                  ? 
_reflns.pdbx_Rpim_I_all                  ? 
_reflns.pdbx_d_opt                       ? 
_reflns.pdbx_number_measured_all         ? 
_reflns.pdbx_diffrn_id                   1 
_reflns.pdbx_ordinal                     1 
_reflns.pdbx_CC_half                     .999 
_reflns.pdbx_R_split                     ? 
# 
_reflns_shell.d_res_high                  1.6 
_reflns_shell.d_res_low                   1.66 
_reflns_shell.meanI_over_sigI_all         ? 
_reflns_shell.meanI_over_sigI_obs         4 
_reflns_shell.number_measured_all         ? 
_reflns_shell.number_measured_obs         ? 
_reflns_shell.number_possible             ? 
_reflns_shell.number_unique_all           ? 
_reflns_shell.number_unique_obs           2264 
_reflns_shell.percent_possible_all        98.8 
_reflns_shell.percent_possible_obs        ? 
_reflns_shell.Rmerge_F_all                ? 
_reflns_shell.Rmerge_F_obs                ? 
_reflns_shell.Rmerge_I_all                ? 
_reflns_shell.Rmerge_I_obs                .505 
_reflns_shell.meanI_over_sigI_gt          ? 
_reflns_shell.meanI_over_uI_all           ? 
_reflns_shell.meanI_over_uI_gt            ? 
_reflns_shell.number_measured_gt          ? 
_reflns_shell.number_unique_gt            ? 
_reflns_shell.percent_possible_gt         ? 
_reflns_shell.Rmerge_F_gt                 ? 
_reflns_shell.Rmerge_I_gt                 ? 
_reflns_shell.pdbx_redundancy             13.1 
_reflns_shell.pdbx_Rsym_value             ? 
_reflns_shell.pdbx_chi_squared            ? 
_reflns_shell.pdbx_netI_over_sigmaI_all   ? 
_reflns_shell.pdbx_netI_over_sigmaI_obs   ? 
_reflns_shell.pdbx_Rrim_I_all             ? 
_reflns_shell.pdbx_Rpim_I_all             ? 
_reflns_shell.pdbx_rejects                ? 
_reflns_shell.pdbx_ordinal                1 
_reflns_shell.pdbx_diffrn_id              1 
_reflns_shell.pdbx_CC_half                .929 
_reflns_shell.pdbx_R_split                ? 
# 
_refine.aniso_B[1][1]                            ? 
_refine.aniso_B[1][2]                            ? 
_refine.aniso_B[1][3]                            ? 
_refine.aniso_B[2][2]                            ? 
_refine.aniso_B[2][3]                            ? 
_refine.aniso_B[3][3]                            ? 
_refine.B_iso_max                                ? 
_refine.B_iso_mean                               ? 
_refine.B_iso_min                                ? 
_refine.correlation_coeff_Fo_to_Fc               ? 
_refine.correlation_coeff_Fo_to_Fc_free          ? 
_refine.details                                  ? 
_refine.diff_density_max                         ? 
_refine.diff_density_max_esd                     ? 
_refine.diff_density_min                         ? 
_refine.diff_density_min_esd                     ? 
_refine.diff_density_rms                         ? 
_refine.diff_density_rms_esd                     ? 
_refine.entry_id                                 6M7H 
_refine.pdbx_refine_id                           'X-RAY DIFFRACTION' 
_refine.ls_abs_structure_details                 ? 
_refine.ls_abs_structure_Flack                   ? 
_refine.ls_abs_structure_Flack_esd               ? 
_refine.ls_abs_structure_Rogers                  ? 
_refine.ls_abs_structure_Rogers_esd              ? 
_refine.ls_d_res_high                            1.600 
_refine.ls_d_res_low                             35.084 
_refine.ls_extinction_coef                       ? 
_refine.ls_extinction_coef_esd                   ? 
_refine.ls_extinction_expression                 ? 
_refine.ls_extinction_method                     ? 
_refine.ls_goodness_of_fit_all                   ? 
_refine.ls_goodness_of_fit_all_esd               ? 
_refine.ls_goodness_of_fit_obs                   ? 
_refine.ls_goodness_of_fit_obs_esd               ? 
_refine.ls_hydrogen_treatment                    ? 
_refine.ls_matrix_type                           ? 
_refine.ls_number_constraints                    ? 
_refine.ls_number_parameters                     ? 
_refine.ls_number_reflns_all                     ? 
_refine.ls_number_reflns_obs                     40767 
_refine.ls_number_reflns_R_free                  3097 
_refine.ls_number_reflns_R_work                  ? 
_refine.ls_number_restraints                     ? 
_refine.ls_percent_reflns_obs                    96.51 
_refine.ls_percent_reflns_R_free                 7.60 
_refine.ls_R_factor_all                          ? 
_refine.ls_R_factor_obs                          0.2311 
_refine.ls_R_factor_R_free                       0.2666 
_refine.ls_R_factor_R_free_error                 ? 
_refine.ls_R_factor_R_free_error_details         ? 
_refine.ls_R_factor_R_work                       0.2282 
_refine.ls_R_Fsqd_factor_obs                     ? 
_refine.ls_R_I_factor_obs                        ? 
_refine.ls_redundancy_reflns_all                 ? 
_refine.ls_redundancy_reflns_obs                 ? 
_refine.ls_restrained_S_all                      ? 
_refine.ls_restrained_S_obs                      ? 
_refine.ls_shift_over_esd_max                    ? 
_refine.ls_shift_over_esd_mean                   ? 
_refine.ls_structure_factor_coef                 ? 
_refine.ls_weighting_details                     ? 
_refine.ls_weighting_scheme                      ? 
_refine.ls_wR_factor_all                         ? 
_refine.ls_wR_factor_obs                         ? 
_refine.ls_wR_factor_R_free                      ? 
_refine.ls_wR_factor_R_work                      ? 
_refine.occupancy_max                            ? 
_refine.occupancy_min                            ? 
_refine.solvent_model_details                    ? 
_refine.solvent_model_param_bsol                 ? 
_refine.solvent_model_param_ksol                 ? 
_refine.ls_R_factor_gt                           ? 
_refine.ls_goodness_of_fit_gt                    ? 
_refine.ls_goodness_of_fit_ref                   ? 
_refine.ls_shift_over_su_max                     ? 
_refine.ls_shift_over_su_max_lt                  ? 
_refine.ls_shift_over_su_mean                    ? 
_refine.ls_shift_over_su_mean_lt                 ? 
_refine.pdbx_ls_sigma_I                          ? 
_refine.pdbx_ls_sigma_F                          2.00 
_refine.pdbx_ls_sigma_Fsqd                       ? 
_refine.pdbx_data_cutoff_high_absF               ? 
_refine.pdbx_data_cutoff_high_rms_absF           ? 
_refine.pdbx_data_cutoff_low_absF                ? 
_refine.pdbx_isotropic_thermal_model             ? 
_refine.pdbx_ls_cross_valid_method               THROUGHOUT 
_refine.pdbx_method_to_determine_struct          SAD 
_refine.pdbx_starting_model                      ? 
_refine.pdbx_stereochemistry_target_values       ? 
_refine.pdbx_R_Free_selection_details            ? 
_refine.pdbx_stereochem_target_val_spec_case     ? 
_refine.pdbx_overall_ESU_R                       ? 
_refine.pdbx_overall_ESU_R_Free                  ? 
_refine.pdbx_solvent_vdw_probe_radii             1.11 
_refine.pdbx_solvent_ion_probe_radii             ? 
_refine.pdbx_solvent_shrinkage_radii             0.90 
_refine.pdbx_real_space_R                        ? 
_refine.pdbx_density_correlation                 ? 
_refine.pdbx_pd_number_of_powder_patterns        ? 
_refine.pdbx_pd_number_of_points                 ? 
_refine.pdbx_pd_meas_number_of_points            ? 
_refine.pdbx_pd_proc_ls_prof_R_factor            ? 
_refine.pdbx_pd_proc_ls_prof_wR_factor           ? 
_refine.pdbx_pd_Marquardt_correlation_coeff      ? 
_refine.pdbx_pd_Fsqrd_R_factor                   ? 
_refine.pdbx_pd_ls_matrix_band_width             ? 
_refine.pdbx_overall_phase_error                 26.82 
_refine.pdbx_overall_SU_R_free_Cruickshank_DPI   ? 
_refine.pdbx_overall_SU_R_free_Blow_DPI          ? 
_refine.pdbx_overall_SU_R_Blow_DPI               ? 
_refine.pdbx_TLS_residual_ADP_flag               ? 
_refine.pdbx_diffrn_id                           1 
_refine.overall_SU_B                             ? 
_refine.overall_SU_ML                            0.23 
_refine.overall_SU_R_Cruickshank_DPI             ? 
_refine.overall_SU_R_free                        ? 
_refine.overall_FOM_free_R_set                   ? 
_refine.overall_FOM_work_R_set                   ? 
_refine.pdbx_average_fsc_overall                 ? 
_refine.pdbx_average_fsc_work                    ? 
_refine.pdbx_average_fsc_free                    ? 
# 
_refine_hist.pdbx_refine_id                   'X-RAY DIFFRACTION' 
_refine_hist.cycle_id                         LAST 
_refine_hist.details                          ? 
_refine_hist.d_res_high                       1.600 
_refine_hist.d_res_low                        35.084 
_refine_hist.number_atoms_solvent             79 
_refine_hist.number_atoms_total               1306 
_refine_hist.number_reflns_all                ? 
_refine_hist.number_reflns_obs                ? 
_refine_hist.number_reflns_R_free             ? 
_refine_hist.number_reflns_R_work             ? 
_refine_hist.R_factor_all                     ? 
_refine_hist.R_factor_obs                     ? 
_refine_hist.R_factor_R_free                  ? 
_refine_hist.R_factor_R_work                  ? 
_refine_hist.pdbx_number_residues_total       ? 
_refine_hist.pdbx_B_iso_mean_ligand           ? 
_refine_hist.pdbx_B_iso_mean_solvent          ? 
_refine_hist.pdbx_number_atoms_protein        1121 
_refine_hist.pdbx_number_atoms_nucleic_acid   0 
_refine_hist.pdbx_number_atoms_ligand         106 
_refine_hist.pdbx_number_atoms_lipid          ? 
_refine_hist.pdbx_number_atoms_carb           ? 
_refine_hist.pdbx_pseudo_atom_details         ? 
# 
loop_
_refine_ls_restr.pdbx_refine_id 
_refine_ls_restr.criterion 
_refine_ls_restr.dev_ideal 
_refine_ls_restr.dev_ideal_target 
_refine_ls_restr.number 
_refine_ls_restr.rejects 
_refine_ls_restr.type 
_refine_ls_restr.weight 
_refine_ls_restr.pdbx_restraint_function 
'X-RAY DIFFRACTION' ? 0.008 ? 1247 ? f_bond_d           ? ? 
'X-RAY DIFFRACTION' ? 0.981 ? 1680 ? f_angle_d          ? ? 
'X-RAY DIFFRACTION' ? 8.649 ? 1001 ? f_dihedral_angle_d ? ? 
'X-RAY DIFFRACTION' ? 0.049 ? 169  ? f_chiral_restr     ? ? 
'X-RAY DIFFRACTION' ? 0.005 ? 222  ? f_plane_restr      ? ? 
# 
loop_
_refine_ls_shell.pdbx_refine_id 
_refine_ls_shell.d_res_high 
_refine_ls_shell.d_res_low 
_refine_ls_shell.number_reflns_all 
_refine_ls_shell.number_reflns_obs 
_refine_ls_shell.number_reflns_R_free 
_refine_ls_shell.number_reflns_R_work 
_refine_ls_shell.percent_reflns_obs 
_refine_ls_shell.percent_reflns_R_free 
_refine_ls_shell.R_factor_all 
_refine_ls_shell.R_factor_obs 
_refine_ls_shell.R_factor_R_free 
_refine_ls_shell.R_factor_R_free_error 
_refine_ls_shell.R_factor_R_work 
_refine_ls_shell.redundancy_reflns_all 
_refine_ls_shell.redundancy_reflns_obs 
_refine_ls_shell.wR_factor_all 
_refine_ls_shell.wR_factor_obs 
_refine_ls_shell.wR_factor_R_free 
_refine_ls_shell.wR_factor_R_work 
_refine_ls_shell.pdbx_total_number_of_bins_used 
_refine_ls_shell.pdbx_phase_error 
_refine_ls_shell.pdbx_fsc_work 
_refine_ls_shell.pdbx_fsc_free 
'X-RAY DIFFRACTION' 1.6000 1.6250  . . 139 1647 92.00  . . . 0.3206 . 0.2851 . . . . . . . . . . 
'X-RAY DIFFRACTION' 1.6250 1.6517  . . 118 1587 92.00  . . . 0.3055 . 0.2809 . . . . . . . . . . 
'X-RAY DIFFRACTION' 1.6517 1.6802  . . 141 1695 93.00  . . . 0.3644 . 0.2740 . . . . . . . . . . 
'X-RAY DIFFRACTION' 1.6802 1.7107  . . 137 1640 93.00  . . . 0.3052 . 0.2945 . . . . . . . . . . 
'X-RAY DIFFRACTION' 1.7107 1.7436  . . 133 1626 93.00  . . . 0.3604 . 0.2802 . . . . . . . . . . 
'X-RAY DIFFRACTION' 1.7436 1.7792  . . 150 1647 93.00  . . . 0.3174 . 0.2915 . . . . . . . . . . 
'X-RAY DIFFRACTION' 1.7792 1.8179  . . 131 1705 95.00  . . . 0.3394 . 0.2710 . . . . . . . . . . 
'X-RAY DIFFRACTION' 1.8179 1.8602  . . 146 1682 96.00  . . . 0.2995 . 0.2694 . . . . . . . . . . 
'X-RAY DIFFRACTION' 1.8602 1.9067  . . 149 1709 96.00  . . . 0.2793 . 0.2634 . . . . . . . . . . 
'X-RAY DIFFRACTION' 1.9067 1.9582  . . 128 1724 97.00  . . . 0.2927 . 0.2479 . . . . . . . . . . 
'X-RAY DIFFRACTION' 1.9582 2.0158  . . 148 1744 97.00  . . . 0.3042 . 0.2498 . . . . . . . . . . 
'X-RAY DIFFRACTION' 2.0158 2.0809  . . 136 1694 97.00  . . . 0.3419 . 0.2432 . . . . . . . . . . 
'X-RAY DIFFRACTION' 2.0809 2.1553  . . 142 1744 97.00  . . . 0.2597 . 0.2469 . . . . . . . . . . 
'X-RAY DIFFRACTION' 2.1553 2.2415  . . 148 1758 98.00  . . . 0.2743 . 0.2456 . . . . . . . . . . 
'X-RAY DIFFRACTION' 2.2415 2.3435  . . 142 1742 98.00  . . . 0.2710 . 0.2345 . . . . . . . . . . 
'X-RAY DIFFRACTION' 2.3435 2.4671  . . 139 1715 98.00  . . . 0.2815 . 0.2234 . . . . . . . . . . 
'X-RAY DIFFRACTION' 2.4671 2.6216  . . 143 1769 99.00  . . . 0.3020 . 0.2335 . . . . . . . . . . 
'X-RAY DIFFRACTION' 2.6216 2.8239  . . 140 1766 99.00  . . . 0.2739 . 0.2271 . . . . . . . . . . 
'X-RAY DIFFRACTION' 2.8239 3.1080  . . 149 1764 99.00  . . . 0.2519 . 0.2317 . . . . . . . . . . 
'X-RAY DIFFRACTION' 3.1080 3.5573  . . 143 1761 100.00 . . . 0.2368 . 0.2082 . . . . . . . . . . 
'X-RAY DIFFRACTION' 3.5573 4.4804  . . 144 1793 100.00 . . . 0.2764 . 0.1750 . . . . . . . . . . 
'X-RAY DIFFRACTION' 4.4804 35.0920 . . 151 1758 100.00 . . . 0.1684 . 0.2105 . . . . . . . . . . 
# 
_struct.entry_id                     6M7H 
_struct.title                        'Structure of calmodulin with KN93' 
_struct.pdbx_model_details           ? 
_struct.pdbx_formula_weight          ? 
_struct.pdbx_formula_weight_method   ? 
_struct.pdbx_model_type_details      ? 
_struct.pdbx_CASP_flag               N 
# 
_struct_keywords.entry_id        6M7H 
_struct_keywords.text            'Ca2+ binding EF-hand inhibitor complex, SIGNALING PROTEIN' 
_struct_keywords.pdbx_keywords   'SIGNALING PROTEIN' 
# 
loop_
_struct_asym.id 
_struct_asym.pdbx_blank_PDB_chainid_flag 
_struct_asym.pdbx_modified 
_struct_asym.entity_id 
_struct_asym.details 
A N N 1 ? 
B N N 2 ? 
C N N 2 ? 
D N N 2 ? 
E N N 3 ? 
F N N 3 ? 
G N N 3 ? 
H N N 3 ? 
I N N 4 ? 
# 
_struct_ref.id                         1 
_struct_ref.db_name                    UNP 
_struct_ref.db_code                    CALM1_HUMAN 
_struct_ref.pdbx_db_accession          P0DP23 
_struct_ref.pdbx_db_isoform            ? 
_struct_ref.entity_id                  1 
_struct_ref.pdbx_seq_one_letter_code   
;ADQLTEEQIAEFKEAFSLFDKDGDGTITTKELGTVMRSLGQNPTEAELQDMINEVDADGNGTIDFPEFLTMMARKMKDTD
SEEEIREAFRVFDKDGNGYISAAELRHVMTNLGEKLTDEEVDEMIREADIDGDGQVNYEEFVQMMTA
;
_struct_ref.pdbx_align_begin           2 
# 
_struct_ref_seq.align_id                      1 
_struct_ref_seq.ref_id                        1 
_struct_ref_seq.pdbx_PDB_id_code              6M7H 
_struct_ref_seq.pdbx_strand_id                A 
_struct_ref_seq.seq_align_beg                 1 
_struct_ref_seq.pdbx_seq_align_beg_ins_code   ? 
_struct_ref_seq.seq_align_end                 147 
_struct_ref_seq.pdbx_seq_align_end_ins_code   ? 
_struct_ref_seq.pdbx_db_accession             P0DP23 
_struct_ref_seq.db_align_beg                  2 
_struct_ref_seq.pdbx_db_align_beg_ins_code    ? 
_struct_ref_seq.db_align_end                  148 
_struct_ref_seq.pdbx_db_align_end_ins_code    ? 
_struct_ref_seq.pdbx_auth_seq_align_beg       1 
_struct_ref_seq.pdbx_auth_seq_align_end       147 
# 
_pdbx_struct_assembly.id                   1 
_pdbx_struct_assembly.details              author_defined_assembly 
_pdbx_struct_assembly.method_details       ? 
_pdbx_struct_assembly.oligomeric_details   monomeric 
_pdbx_struct_assembly.oligomeric_count     1 
# 
_pdbx_struct_assembly_gen.assembly_id       1 
_pdbx_struct_assembly_gen.oper_expression   1 
_pdbx_struct_assembly_gen.asym_id_list      A,B,C,D,E,F,G,H,I 
# 
_pdbx_struct_assembly_auth_evidence.id                     1 
_pdbx_struct_assembly_auth_evidence.assembly_id            1 
_pdbx_struct_assembly_auth_evidence.experimental_support   none 
_pdbx_struct_assembly_auth_evidence.details                ? 
# 
_pdbx_struct_oper_list.id                   1 
_pdbx_struct_oper_list.type                 'identity operation' 
_pdbx_struct_oper_list.name                 1_555 
_pdbx_struct_oper_list.symmetry_operation   x,y,z 
_pdbx_struct_oper_list.matrix[1][1]         1.0000000000 
_pdbx_struct_oper_list.matrix[1][2]         0.0000000000 
_pdbx_struct_oper_list.matrix[1][3]         0.0000000000 
_pdbx_struct_oper_list.vector[1]            0.0000000000 
_pdbx_struct_oper_list.matrix[2][1]         0.0000000000 
_pdbx_struct_oper_list.matrix[2][2]         1.0000000000 
_pdbx_struct_oper_list.matrix[2][3]         0.0000000000 
_pdbx_struct_oper_list.vector[2]            0.0000000000 
_pdbx_struct_oper_list.matrix[3][1]         0.0000000000 
_pdbx_struct_oper_list.matrix[3][2]         0.0000000000 
_pdbx_struct_oper_list.matrix[3][3]         1.0000000000 
_pdbx_struct_oper_list.vector[3]            0.0000000000 
# 
loop_
_struct_conf.conf_type_id 
_struct_conf.id 
_struct_conf.pdbx_PDB_helix_id 
_struct_conf.beg_label_comp_id 
_struct_conf.beg_label_asym_id 
_struct_conf.beg_label_seq_id 
_struct_conf.pdbx_beg_PDB_ins_code 
_struct_conf.end_label_comp_id 
_struct_conf.end_label_asym_id 
_struct_conf.end_label_seq_id 
_struct_conf.pdbx_end_PDB_ins_code 
_struct_conf.beg_auth_comp_id 
_struct_conf.beg_auth_asym_id 
_struct_conf.beg_auth_seq_id 
_struct_conf.end_auth_comp_id 
_struct_conf.end_auth_asym_id 
_struct_conf.end_auth_seq_id 
_struct_conf.pdbx_PDB_helix_class 
_struct_conf.details 
_struct_conf.pdbx_PDB_helix_length 
HELX_P HELX_P1 AA1 THR A 5   ? ASP A 20  ? THR A 5   ASP A 20  1 ? 16 
HELX_P HELX_P2 AA2 THR A 28  ? LEU A 39  ? THR A 28  LEU A 39  1 ? 12 
HELX_P HELX_P3 AA3 THR A 44  ? GLU A 54  ? THR A 44  GLU A 54  1 ? 11 
HELX_P HELX_P4 AA4 ASP A 64  ? ASP A 78  ? ASP A 64  ASP A 78  1 ? 15 
HELX_P HELX_P5 AA5 SER A 81  ? ASP A 93  ? SER A 81  ASP A 93  1 ? 13 
HELX_P HELX_P6 AA6 SER A 101 ? LEU A 112 ? SER A 101 LEU A 112 1 ? 12 
HELX_P HELX_P7 AA7 THR A 117 ? ASP A 129 ? THR A 117 ASP A 129 1 ? 13 
HELX_P HELX_P8 AA8 TYR A 138 ? THR A 146 ? TYR A 138 THR A 146 1 ? 9  
# 
_struct_conf_type.id          HELX_P 
_struct_conf_type.criteria    ? 
_struct_conf_type.reference   ? 
# 
loop_
_struct_conn.id 
_struct_conn.conn_type_id 
_struct_conn.pdbx_leaving_atom_flag 
_struct_conn.pdbx_PDB_id 
_struct_conn.ptnr1_label_asym_id 
_struct_conn.ptnr1_label_comp_id 
_struct_conn.ptnr1_label_seq_id 
_struct_conn.ptnr1_label_atom_id 
_struct_conn.pdbx_ptnr1_label_alt_id 
_struct_conn.pdbx_ptnr1_PDB_ins_code 
_struct_conn.pdbx_ptnr1_standard_comp_id 
_struct_conn.ptnr1_symmetry 
_struct_conn.ptnr2_label_asym_id 
_struct_conn.ptnr2_label_comp_id 
_struct_conn.ptnr2_label_seq_id 
_struct_conn.ptnr2_label_atom_id 
_struct_conn.pdbx_ptnr2_label_alt_id 
_struct_conn.pdbx_ptnr2_PDB_ins_code 
_struct_conn.ptnr1_auth_asym_id 
_struct_conn.ptnr1_auth_comp_id 
_struct_conn.ptnr1_auth_seq_id 
_struct_conn.ptnr2_auth_asym_id 
_struct_conn.ptnr2_auth_comp_id 
_struct_conn.ptnr2_auth_seq_id 
_struct_conn.ptnr2_symmetry 
_struct_conn.pdbx_ptnr3_label_atom_id 
_struct_conn.pdbx_ptnr3_label_seq_id 
_struct_conn.pdbx_ptnr3_label_comp_id 
_struct_conn.pdbx_ptnr3_label_asym_id 
_struct_conn.pdbx_ptnr3_label_alt_id 
_struct_conn.pdbx_ptnr3_PDB_ins_code 
_struct_conn.details 
_struct_conn.pdbx_dist_value 
_struct_conn.pdbx_value_order 
_struct_conn.pdbx_role 
covale1  covale both ? A VAL 35  C   ? ? ? 1_555 A MSE 36  N  ? ? A VAL 35  A MSE 36  1_555 ? ? ? ? ? ? ? 1.338 ? ? 
covale2  covale both ? A MSE 36  C   ? ? ? 1_555 A ARG 37  N  ? ? A MSE 36  A ARG 37  1_555 ? ? ? ? ? ? ? 1.327 ? ? 
covale3  covale both ? A ASP 50  C   ? ? ? 1_555 A MSE 51  N  ? ? A ASP 50  A MSE 51  1_555 ? ? ? ? ? ? ? 1.322 ? ? 
covale4  covale both ? A MSE 51  C   ? ? ? 1_555 A ILE 52  N  ? ? A MSE 51  A ILE 52  1_555 ? ? ? ? ? ? ? 1.336 ? ? 
covale5  covale both ? A THR 70  C   ? ? ? 1_555 A MSE 71  N  ? ? A THR 70  A MSE 71  1_555 ? ? ? ? ? ? ? 1.323 ? ? 
covale6  covale both ? A MSE 71  C   ? ? ? 1_555 A MSE 72  N  ? ? A MSE 71  A MSE 72  1_555 ? ? ? ? ? ? ? 1.329 ? ? 
covale7  covale both ? A MSE 72  C   ? ? ? 1_555 A ALA 73  N  ? ? A MSE 72  A ALA 73  1_555 ? ? ? ? ? ? ? 1.334 ? ? 
covale8  covale both ? A VAL 108 C   ? ? ? 1_555 A MSE 109 N  ? ? A VAL 108 A MSE 109 1_555 ? ? ? ? ? ? ? 1.329 ? ? 
covale9  covale both ? A MSE 109 C   ? ? ? 1_555 A THR 110 N  ? ? A MSE 109 A THR 110 1_555 ? ? ? ? ? ? ? 1.336 ? ? 
covale10 covale both ? A GLU 123 C   ? ? ? 1_555 A MSE 124 N  ? ? A GLU 123 A MSE 124 1_555 ? ? ? ? ? ? ? 1.335 ? ? 
covale11 covale both ? A MSE 124 C   ? ? ? 1_555 A ILE 125 N  ? ? A MSE 124 A ILE 125 1_555 ? ? ? ? ? ? ? 1.330 ? ? 
covale12 covale both ? A GLN 143 C   ? ? ? 1_555 A MSE 144 N  ? ? A GLN 143 A MSE 144 1_555 ? ? ? ? ? ? ? 1.332 ? ? 
covale13 covale both ? A MSE 144 C   ? ? ? 1_555 A MSE 145 N  ? ? A MSE 144 A MSE 145 1_555 ? ? ? ? ? ? ? 1.328 ? ? 
covale14 covale both ? A MSE 145 C   ? ? ? 1_555 A THR 146 N  ? ? A MSE 145 A THR 146 1_555 ? ? ? ? ? ? ? 1.330 ? ? 
metalc1  metalc ?    ? A ASP 20  OD1 ? ? ? 1_555 H CA  .   CA ? ? A ASP 20  A CA  207 1_555 ? ? ? ? ? ? ? 2.296 ? ? 
metalc2  metalc ?    ? A ASP 22  OD1 ? ? ? 1_555 H CA  .   CA ? ? A ASP 22  A CA  207 1_555 ? ? ? ? ? ? ? 2.391 ? ? 
metalc3  metalc ?    ? A ASP 24  OD1 ? ? ? 1_555 H CA  .   CA ? ? A ASP 24  A CA  207 1_555 ? ? ? ? ? ? ? 2.288 ? ? 
metalc4  metalc ?    ? A THR 26  O   ? ? ? 1_555 H CA  .   CA ? ? A THR 26  A CA  207 1_555 ? ? ? ? ? ? ? 2.317 ? ? 
metalc5  metalc ?    ? A GLU 31  OE1 ? ? ? 1_555 H CA  .   CA ? ? A GLU 31  A CA  207 1_555 ? ? ? ? ? ? ? 2.416 ? ? 
metalc6  metalc ?    ? A GLU 31  OE2 ? ? ? 1_555 H CA  .   CA ? ? A GLU 31  A CA  207 1_555 ? ? ? ? ? ? ? 2.508 ? ? 
metalc7  metalc ?    ? A ASP 56  OD1 ? ? ? 1_555 E CA  .   CA ? ? A ASP 56  A CA  204 1_555 ? ? ? ? ? ? ? 2.334 ? ? 
metalc8  metalc ?    ? A ASP 58  OD1 ? ? ? 1_555 E CA  .   CA ? ? A ASP 58  A CA  204 1_555 ? ? ? ? ? ? ? 2.375 ? ? 
metalc9  metalc ?    ? A ASN 60  OD1 ? ? ? 1_555 E CA  .   CA ? ? A ASN 60  A CA  204 1_555 ? ? ? ? ? ? ? 2.340 ? ? 
metalc10 metalc ?    ? A THR 62  O   ? ? ? 1_555 E CA  .   CA ? ? A THR 62  A CA  204 1_555 ? ? ? ? ? ? ? 2.409 ? ? 
metalc11 metalc ?    ? A GLU 67  OE1 ? ? ? 1_555 E CA  .   CA ? ? A GLU 67  A CA  204 1_555 ? ? ? ? ? ? ? 2.480 ? ? 
metalc12 metalc ?    ? A GLU 67  OE2 ? ? ? 1_555 E CA  .   CA ? ? A GLU 67  A CA  204 1_555 ? ? ? ? ? ? ? 2.501 ? ? 
metalc13 metalc ?    ? A ASP 93  OD1 ? ? ? 1_555 F CA  .   CA ? ? A ASP 93  A CA  205 1_555 ? ? ? ? ? ? ? 2.191 ? ? 
metalc14 metalc ?    ? A ASP 95  OD1 ? ? ? 1_555 F CA  .   CA ? ? A ASP 95  A CA  205 1_555 ? ? ? ? ? ? ? 2.317 ? ? 
metalc15 metalc ?    ? A ASN 97  OD1 ? ? ? 1_555 F CA  .   CA ? ? A ASN 97  A CA  205 1_555 ? ? ? ? ? ? ? 2.487 ? ? 
metalc16 metalc ?    ? A TYR 99  O   ? ? ? 1_555 F CA  .   CA ? ? A TYR 99  A CA  205 1_555 ? ? ? ? ? ? ? 2.259 ? ? 
metalc17 metalc ?    ? A GLU 104 OE1 ? ? ? 1_555 F CA  .   CA ? ? A GLU 104 A CA  205 1_555 ? ? ? ? ? ? ? 2.473 ? ? 
metalc18 metalc ?    ? A GLU 104 OE2 ? ? ? 1_555 F CA  .   CA ? ? A GLU 104 A CA  205 1_555 ? ? ? ? ? ? ? 2.563 ? ? 
metalc19 metalc ?    ? A ASP 129 OD1 ? ? ? 1_555 G CA  .   CA ? ? A ASP 129 A CA  206 1_555 ? ? ? ? ? ? ? 2.393 ? ? 
metalc20 metalc ?    ? A ASP 131 OD1 ? ? ? 1_555 G CA  .   CA ? ? A ASP 131 A CA  206 1_555 ? ? ? ? ? ? ? 2.314 ? ? 
metalc21 metalc ?    ? A ASP 133 OD1 ? ? ? 1_555 G CA  .   CA ? ? A ASP 133 A CA  206 1_555 ? ? ? ? ? ? ? 2.400 ? ? 
metalc22 metalc ?    ? A GLN 135 O   ? ? ? 1_555 G CA  .   CA ? ? A GLN 135 A CA  206 1_555 ? ? ? ? ? ? ? 2.329 ? ? 
metalc23 metalc ?    ? A GLU 140 OE1 ? ? ? 1_555 G CA  .   CA ? ? A GLU 140 A CA  206 1_555 ? ? ? ? ? ? ? 2.385 ? ? 
metalc24 metalc ?    ? A GLU 140 OE2 ? ? ? 1_555 G CA  .   CA ? ? A GLU 140 A CA  206 1_555 ? ? ? ? ? ? ? 2.508 ? ? 
metalc25 metalc ?    ? E CA  .   CA  ? ? ? 1_555 I HOH .   O  ? ? A CA  204 A HOH 339 1_555 ? ? ? ? ? ? ? 2.003 ? ? 
metalc26 metalc ?    ? F CA  .   CA  ? ? ? 1_555 I HOH .   O  ? ? A CA  205 A HOH 322 1_555 ? ? ? ? ? ? ? 2.230 ? ? 
metalc27 metalc ?    ? G CA  .   CA  ? ? ? 1_555 I HOH .   O  ? ? A CA  206 A HOH 321 1_555 ? ? ? ? ? ? ? 2.499 ? ? 
metalc28 metalc ?    ? H CA  .   CA  ? ? ? 1_555 I HOH .   O  ? ? A CA  207 A HOH 308 1_555 ? ? ? ? ? ? ? 2.202 ? ? 
# 
loop_
_struct_conn_type.id 
_struct_conn_type.criteria 
_struct_conn_type.reference 
covale ? ? 
metalc ? ? 
# 
loop_
_pdbx_struct_conn_angle.id 
_pdbx_struct_conn_angle.ptnr1_label_atom_id 
_pdbx_struct_conn_angle.ptnr1_label_alt_id 
_pdbx_struct_conn_angle.ptnr1_label_asym_id 
_pdbx_struct_conn_angle.ptnr1_label_comp_id 
_pdbx_struct_conn_angle.ptnr1_label_seq_id 
_pdbx_struct_conn_angle.ptnr1_auth_atom_id 
_pdbx_struct_conn_angle.ptnr1_auth_asym_id 
_pdbx_struct_conn_angle.ptnr1_auth_comp_id 
_pdbx_struct_conn_angle.ptnr1_auth_seq_id 
_pdbx_struct_conn_angle.ptnr1_PDB_ins_code 
_pdbx_struct_conn_angle.ptnr1_symmetry 
_pdbx_struct_conn_angle.ptnr2_label_atom_id 
_pdbx_struct_conn_angle.ptnr2_label_alt_id 
_pdbx_struct_conn_angle.ptnr2_label_asym_id 
_pdbx_struct_conn_angle.ptnr2_label_comp_id 
_pdbx_struct_conn_angle.ptnr2_label_seq_id 
_pdbx_struct_conn_angle.ptnr2_auth_atom_id 
_pdbx_struct_conn_angle.ptnr2_auth_asym_id 
_pdbx_struct_conn_angle.ptnr2_auth_comp_id 
_pdbx_struct_conn_angle.ptnr2_auth_seq_id 
_pdbx_struct_conn_angle.ptnr2_PDB_ins_code 
_pdbx_struct_conn_angle.ptnr2_symmetry 
_pdbx_struct_conn_angle.ptnr3_label_atom_id 
_pdbx_struct_conn_angle.ptnr3_label_alt_id 
_pdbx_struct_conn_angle.ptnr3_label_asym_id 
_pdbx_struct_conn_angle.ptnr3_label_comp_id 
_pdbx_struct_conn_angle.ptnr3_label_seq_id 
_pdbx_struct_conn_angle.ptnr3_auth_atom_id 
_pdbx_struct_conn_angle.ptnr3_auth_asym_id 
_pdbx_struct_conn_angle.ptnr3_auth_comp_id 
_pdbx_struct_conn_angle.ptnr3_auth_seq_id 
_pdbx_struct_conn_angle.ptnr3_PDB_ins_code 
_pdbx_struct_conn_angle.ptnr3_symmetry 
_pdbx_struct_conn_angle.value 
_pdbx_struct_conn_angle.value_esd 
1  OD1 ? A ASP 20  ? A ASP 20  ? 1_555 CA ? H CA . ? A CA 207 ? 1_555 OD1 ? A ASP 22  ? A ASP 22  ? 1_555 84.8  ? 
2  OD1 ? A ASP 20  ? A ASP 20  ? 1_555 CA ? H CA . ? A CA 207 ? 1_555 OD1 ? A ASP 24  ? A ASP 24  ? 1_555 81.2  ? 
3  OD1 ? A ASP 22  ? A ASP 22  ? 1_555 CA ? H CA . ? A CA 207 ? 1_555 OD1 ? A ASP 24  ? A ASP 24  ? 1_555 83.1  ? 
4  OD1 ? A ASP 20  ? A ASP 20  ? 1_555 CA ? H CA . ? A CA 207 ? 1_555 O   ? A THR 26  ? A THR 26  ? 1_555 79.6  ? 
5  OD1 ? A ASP 22  ? A ASP 22  ? 1_555 CA ? H CA . ? A CA 207 ? 1_555 O   ? A THR 26  ? A THR 26  ? 1_555 156.4 ? 
6  OD1 ? A ASP 24  ? A ASP 24  ? 1_555 CA ? H CA . ? A CA 207 ? 1_555 O   ? A THR 26  ? A THR 26  ? 1_555 77.2  ? 
7  OD1 ? A ASP 20  ? A ASP 20  ? 1_555 CA ? H CA . ? A CA 207 ? 1_555 OE1 ? A GLU 31  ? A GLU 31  ? 1_555 100.6 ? 
8  OD1 ? A ASP 22  ? A ASP 22  ? 1_555 CA ? H CA . ? A CA 207 ? 1_555 OE1 ? A GLU 31  ? A GLU 31  ? 1_555 125.1 ? 
9  OD1 ? A ASP 24  ? A ASP 24  ? 1_555 CA ? H CA . ? A CA 207 ? 1_555 OE1 ? A GLU 31  ? A GLU 31  ? 1_555 151.8 ? 
10 O   ? A THR 26  ? A THR 26  ? 1_555 CA ? H CA . ? A CA 207 ? 1_555 OE1 ? A GLU 31  ? A GLU 31  ? 1_555 75.5  ? 
11 OD1 ? A ASP 20  ? A ASP 20  ? 1_555 CA ? H CA . ? A CA 207 ? 1_555 OE2 ? A GLU 31  ? A GLU 31  ? 1_555 88.2  ? 
12 OD1 ? A ASP 22  ? A ASP 22  ? 1_555 CA ? H CA . ? A CA 207 ? 1_555 OE2 ? A GLU 31  ? A GLU 31  ? 1_555 73.0  ? 
13 OD1 ? A ASP 24  ? A ASP 24  ? 1_555 CA ? H CA . ? A CA 207 ? 1_555 OE2 ? A GLU 31  ? A GLU 31  ? 1_555 154.6 ? 
14 O   ? A THR 26  ? A THR 26  ? 1_555 CA ? H CA . ? A CA 207 ? 1_555 OE2 ? A GLU 31  ? A GLU 31  ? 1_555 123.6 ? 
15 OE1 ? A GLU 31  ? A GLU 31  ? 1_555 CA ? H CA . ? A CA 207 ? 1_555 OE2 ? A GLU 31  ? A GLU 31  ? 1_555 52.8  ? 
16 OD1 ? A ASP 20  ? A ASP 20  ? 1_555 CA ? H CA . ? A CA 207 ? 1_555 O   ? I HOH .   ? A HOH 308 ? 1_555 165.0 ? 
17 OD1 ? A ASP 22  ? A ASP 22  ? 1_555 CA ? H CA . ? A CA 207 ? 1_555 O   ? I HOH .   ? A HOH 308 ? 1_555 80.3  ? 
18 OD1 ? A ASP 24  ? A ASP 24  ? 1_555 CA ? H CA . ? A CA 207 ? 1_555 O   ? I HOH .   ? A HOH 308 ? 1_555 95.8  ? 
19 O   ? A THR 26  ? A THR 26  ? 1_555 CA ? H CA . ? A CA 207 ? 1_555 O   ? I HOH .   ? A HOH 308 ? 1_555 114.2 ? 
20 OE1 ? A GLU 31  ? A GLU 31  ? 1_555 CA ? H CA . ? A CA 207 ? 1_555 O   ? I HOH .   ? A HOH 308 ? 1_555 89.0  ? 
21 OE2 ? A GLU 31  ? A GLU 31  ? 1_555 CA ? H CA . ? A CA 207 ? 1_555 O   ? I HOH .   ? A HOH 308 ? 1_555 88.6  ? 
22 OD1 ? A ASP 56  ? A ASP 56  ? 1_555 CA ? E CA . ? A CA 204 ? 1_555 OD1 ? A ASP 58  ? A ASP 58  ? 1_555 82.4  ? 
23 OD1 ? A ASP 56  ? A ASP 56  ? 1_555 CA ? E CA . ? A CA 204 ? 1_555 OD1 ? A ASN 60  ? A ASN 60  ? 1_555 86.5  ? 
24 OD1 ? A ASP 58  ? A ASP 58  ? 1_555 CA ? E CA . ? A CA 204 ? 1_555 OD1 ? A ASN 60  ? A ASN 60  ? 1_555 76.9  ? 
25 OD1 ? A ASP 56  ? A ASP 56  ? 1_555 CA ? E CA . ? A CA 204 ? 1_555 O   ? A THR 62  ? A THR 62  ? 1_555 84.3  ? 
26 OD1 ? A ASP 58  ? A ASP 58  ? 1_555 CA ? E CA . ? A CA 204 ? 1_555 O   ? A THR 62  ? A THR 62  ? 1_555 157.1 ? 
27 OD1 ? A ASN 60  ? A ASN 60  ? 1_555 CA ? E CA . ? A CA 204 ? 1_555 O   ? A THR 62  ? A THR 62  ? 1_555 83.8  ? 
28 OD1 ? A ASP 56  ? A ASP 56  ? 1_555 CA ? E CA . ? A CA 204 ? 1_555 OE1 ? A GLU 67  ? A GLU 67  ? 1_555 110.5 ? 
29 OD1 ? A ASP 58  ? A ASP 58  ? 1_555 CA ? E CA . ? A CA 204 ? 1_555 OE1 ? A GLU 67  ? A GLU 67  ? 1_555 124.4 ? 
30 OD1 ? A ASN 60  ? A ASN 60  ? 1_555 CA ? E CA . ? A CA 204 ? 1_555 OE1 ? A GLU 67  ? A GLU 67  ? 1_555 153.2 ? 
31 O   ? A THR 62  ? A THR 62  ? 1_555 CA ? E CA . ? A CA 204 ? 1_555 OE1 ? A GLU 67  ? A GLU 67  ? 1_555 77.8  ? 
32 OD1 ? A ASP 56  ? A ASP 56  ? 1_555 CA ? E CA . ? A CA 204 ? 1_555 OE2 ? A GLU 67  ? A GLU 67  ? 1_555 90.6  ? 
33 OD1 ? A ASP 58  ? A ASP 58  ? 1_555 CA ? E CA . ? A CA 204 ? 1_555 OE2 ? A GLU 67  ? A GLU 67  ? 1_555 74.9  ? 
34 OD1 ? A ASN 60  ? A ASN 60  ? 1_555 CA ? E CA . ? A CA 204 ? 1_555 OE2 ? A GLU 67  ? A GLU 67  ? 1_555 151.8 ? 
35 O   ? A THR 62  ? A THR 62  ? 1_555 CA ? E CA . ? A CA 204 ? 1_555 OE2 ? A GLU 67  ? A GLU 67  ? 1_555 123.8 ? 
36 OE1 ? A GLU 67  ? A GLU 67  ? 1_555 CA ? E CA . ? A CA 204 ? 1_555 OE2 ? A GLU 67  ? A GLU 67  ? 1_555 52.1  ? 
37 OD1 ? A ASP 56  ? A ASP 56  ? 1_555 CA ? E CA . ? A CA 204 ? 1_555 O   ? I HOH .   ? A HOH 339 ? 1_555 166.8 ? 
38 OD1 ? A ASP 58  ? A ASP 58  ? 1_555 CA ? E CA . ? A CA 204 ? 1_555 O   ? I HOH .   ? A HOH 339 ? 1_555 84.6  ? 
39 OD1 ? A ASN 60  ? A ASN 60  ? 1_555 CA ? E CA . ? A CA 204 ? 1_555 O   ? I HOH .   ? A HOH 339 ? 1_555 88.5  ? 
40 O   ? A THR 62  ? A THR 62  ? 1_555 CA ? E CA . ? A CA 204 ? 1_555 O   ? I HOH .   ? A HOH 339 ? 1_555 107.3 ? 
41 OE1 ? A GLU 67  ? A GLU 67  ? 1_555 CA ? E CA . ? A CA 204 ? 1_555 O   ? I HOH .   ? A HOH 339 ? 1_555 78.8  ? 
42 OE2 ? A GLU 67  ? A GLU 67  ? 1_555 CA ? E CA . ? A CA 204 ? 1_555 O   ? I HOH .   ? A HOH 339 ? 1_555 88.0  ? 
43 OD1 ? A ASP 93  ? A ASP 93  ? 1_555 CA ? F CA . ? A CA 205 ? 1_555 OD1 ? A ASP 95  ? A ASP 95  ? 1_555 84.8  ? 
44 OD1 ? A ASP 93  ? A ASP 93  ? 1_555 CA ? F CA . ? A CA 205 ? 1_555 OD1 ? A ASN 97  ? A ASN 97  ? 1_555 83.2  ? 
45 OD1 ? A ASP 95  ? A ASP 95  ? 1_555 CA ? F CA . ? A CA 205 ? 1_555 OD1 ? A ASN 97  ? A ASN 97  ? 1_555 81.1  ? 
46 OD1 ? A ASP 93  ? A ASP 93  ? 1_555 CA ? F CA . ? A CA 205 ? 1_555 O   ? A TYR 99  ? A TYR 99  ? 1_555 82.5  ? 
47 OD1 ? A ASP 95  ? A ASP 95  ? 1_555 CA ? F CA . ? A CA 205 ? 1_555 O   ? A TYR 99  ? A TYR 99  ? 1_555 159.6 ? 
48 OD1 ? A ASN 97  ? A ASN 97  ? 1_555 CA ? F CA . ? A CA 205 ? 1_555 O   ? A TYR 99  ? A TYR 99  ? 1_555 81.6  ? 
49 OD1 ? A ASP 93  ? A ASP 93  ? 1_555 CA ? F CA . ? A CA 205 ? 1_555 OE1 ? A GLU 104 ? A GLU 104 ? 1_555 102.0 ? 
50 OD1 ? A ASP 95  ? A ASP 95  ? 1_555 CA ? F CA . ? A CA 205 ? 1_555 OE1 ? A GLU 104 ? A GLU 104 ? 1_555 123.5 ? 
51 OD1 ? A ASN 97  ? A ASN 97  ? 1_555 CA ? F CA . ? A CA 205 ? 1_555 OE1 ? A GLU 104 ? A GLU 104 ? 1_555 154.9 ? 
52 O   ? A TYR 99  ? A TYR 99  ? 1_555 CA ? F CA . ? A CA 205 ? 1_555 OE1 ? A GLU 104 ? A GLU 104 ? 1_555 75.0  ? 
53 OD1 ? A ASP 93  ? A ASP 93  ? 1_555 CA ? F CA . ? A CA 205 ? 1_555 OE2 ? A GLU 104 ? A GLU 104 ? 1_555 95.4  ? 
54 OD1 ? A ASP 95  ? A ASP 95  ? 1_555 CA ? F CA . ? A CA 205 ? 1_555 OE2 ? A GLU 104 ? A GLU 104 ? 1_555 72.3  ? 
55 OD1 ? A ASN 97  ? A ASN 97  ? 1_555 CA ? F CA . ? A CA 205 ? 1_555 OE2 ? A GLU 104 ? A GLU 104 ? 1_555 153.4 ? 
56 O   ? A TYR 99  ? A TYR 99  ? 1_555 CA ? F CA . ? A CA 205 ? 1_555 OE2 ? A GLU 104 ? A GLU 104 ? 1_555 124.7 ? 
57 OE1 ? A GLU 104 ? A GLU 104 ? 1_555 CA ? F CA . ? A CA 205 ? 1_555 OE2 ? A GLU 104 ? A GLU 104 ? 1_555 51.3  ? 
58 OD1 ? A ASP 93  ? A ASP 93  ? 1_555 CA ? F CA . ? A CA 205 ? 1_555 O   ? I HOH .   ? A HOH 322 ? 1_555 167.2 ? 
59 OD1 ? A ASP 95  ? A ASP 95  ? 1_555 CA ? F CA . ? A CA 205 ? 1_555 O   ? I HOH .   ? A HOH 322 ? 1_555 85.2  ? 
60 OD1 ? A ASN 97  ? A ASN 97  ? 1_555 CA ? F CA . ? A CA 205 ? 1_555 O   ? I HOH .   ? A HOH 322 ? 1_555 87.4  ? 
61 O   ? A TYR 99  ? A TYR 99  ? 1_555 CA ? F CA . ? A CA 205 ? 1_555 O   ? I HOH .   ? A HOH 322 ? 1_555 104.8 ? 
62 OE1 ? A GLU 104 ? A GLU 104 ? 1_555 CA ? F CA . ? A CA 205 ? 1_555 O   ? I HOH .   ? A HOH 322 ? 1_555 90.2  ? 
63 OE2 ? A GLU 104 ? A GLU 104 ? 1_555 CA ? F CA . ? A CA 205 ? 1_555 O   ? I HOH .   ? A HOH 322 ? 1_555 89.1  ? 
64 OD1 ? A ASP 129 ? A ASP 129 ? 1_555 CA ? G CA . ? A CA 206 ? 1_555 OD1 ? A ASP 131 ? A ASP 131 ? 1_555 79.1  ? 
65 OD1 ? A ASP 129 ? A ASP 129 ? 1_555 CA ? G CA . ? A CA 206 ? 1_555 OD1 ? A ASP 133 ? A ASP 133 ? 1_555 92.1  ? 
66 OD1 ? A ASP 131 ? A ASP 131 ? 1_555 CA ? G CA . ? A CA 206 ? 1_555 OD1 ? A ASP 133 ? A ASP 133 ? 1_555 78.9  ? 
67 OD1 ? A ASP 129 ? A ASP 129 ? 1_555 CA ? G CA . ? A CA 206 ? 1_555 O   ? A GLN 135 ? A GLN 135 ? 1_555 88.9  ? 
68 OD1 ? A ASP 131 ? A ASP 131 ? 1_555 CA ? G CA . ? A CA 206 ? 1_555 O   ? A GLN 135 ? A GLN 135 ? 1_555 152.3 ? 
69 OD1 ? A ASP 133 ? A ASP 133 ? 1_555 CA ? G CA . ? A CA 206 ? 1_555 O   ? A GLN 135 ? A GLN 135 ? 1_555 76.7  ? 
70 OD1 ? A ASP 129 ? A ASP 129 ? 1_555 CA ? G CA . ? A CA 206 ? 1_555 OE1 ? A GLU 140 ? A GLU 140 ? 1_555 111.8 ? 
71 OD1 ? A ASP 131 ? A ASP 131 ? 1_555 CA ? G CA . ? A CA 206 ? 1_555 OE1 ? A GLU 140 ? A GLU 140 ? 1_555 124.8 ? 
72 OD1 ? A ASP 133 ? A ASP 133 ? 1_555 CA ? G CA . ? A CA 206 ? 1_555 OE1 ? A GLU 140 ? A GLU 140 ? 1_555 148.1 ? 
73 O   ? A GLN 135 ? A GLN 135 ? 1_555 CA ? G CA . ? A CA 206 ? 1_555 OE1 ? A GLU 140 ? A GLU 140 ? 1_555 82.8  ? 
74 OD1 ? A ASP 129 ? A ASP 129 ? 1_555 CA ? G CA . ? A CA 206 ? 1_555 OE2 ? A GLU 140 ? A GLU 140 ? 1_555 79.4  ? 
75 OD1 ? A ASP 131 ? A ASP 131 ? 1_555 CA ? G CA . ? A CA 206 ? 1_555 OE2 ? A GLU 140 ? A GLU 140 ? 1_555 79.4  ? 
76 OD1 ? A ASP 133 ? A ASP 133 ? 1_555 CA ? G CA . ? A CA 206 ? 1_555 OE2 ? A GLU 140 ? A GLU 140 ? 1_555 157.8 ? 
77 O   ? A GLN 135 ? A GLN 135 ? 1_555 CA ? G CA . ? A CA 206 ? 1_555 OE2 ? A GLU 140 ? A GLU 140 ? 1_555 123.1 ? 
78 OE1 ? A GLU 140 ? A GLU 140 ? 1_555 CA ? G CA . ? A CA 206 ? 1_555 OE2 ? A GLU 140 ? A GLU 140 ? 1_555 52.6  ? 
79 OD1 ? A ASP 129 ? A ASP 129 ? 1_555 CA ? G CA . ? A CA 206 ? 1_555 O   ? I HOH .   ? A HOH 321 ? 1_555 164.4 ? 
80 OD1 ? A ASP 131 ? A ASP 131 ? 1_555 CA ? G CA . ? A CA 206 ? 1_555 O   ? I HOH .   ? A HOH 321 ? 1_555 85.9  ? 
81 OD1 ? A ASP 133 ? A ASP 133 ? 1_555 CA ? G CA . ? A CA 206 ? 1_555 O   ? I HOH .   ? A HOH 321 ? 1_555 80.8  ? 
82 O   ? A GLN 135 ? A GLN 135 ? 1_555 CA ? G CA . ? A CA 206 ? 1_555 O   ? I HOH .   ? A HOH 321 ? 1_555 102.8 ? 
83 OE1 ? A GLU 140 ? A GLU 140 ? 1_555 CA ? G CA . ? A CA 206 ? 1_555 O   ? I HOH .   ? A HOH 321 ? 1_555 80.3  ? 
84 OE2 ? A GLU 140 ? A GLU 140 ? 1_555 CA ? G CA . ? A CA 206 ? 1_555 O   ? I HOH .   ? A HOH 321 ? 1_555 102.1 ? 
# 
loop_
_pdbx_modification_feature.ordinal 
_pdbx_modification_feature.label_comp_id 
_pdbx_modification_feature.label_asym_id 
_pdbx_modification_feature.label_seq_id 
_pdbx_modification_feature.label_alt_id 
_pdbx_modification_feature.modified_residue_label_comp_id 
_pdbx_modification_feature.modified_residue_label_asym_id 
_pdbx_modification_feature.modified_residue_label_seq_id 
_pdbx_modification_feature.modified_residue_label_alt_id 
_pdbx_modification_feature.auth_comp_id 
_pdbx_modification_feature.auth_asym_id 
_pdbx_modification_feature.auth_seq_id 
_pdbx_modification_feature.PDB_ins_code 
_pdbx_modification_feature.symmetry 
_pdbx_modification_feature.modified_residue_auth_comp_id 
_pdbx_modification_feature.modified_residue_auth_asym_id 
_pdbx_modification_feature.modified_residue_auth_seq_id 
_pdbx_modification_feature.modified_residue_PDB_ins_code 
_pdbx_modification_feature.modified_residue_symmetry 
_pdbx_modification_feature.comp_id_linking_atom 
_pdbx_modification_feature.modified_residue_id_linking_atom 
_pdbx_modification_feature.modified_residue_id 
_pdbx_modification_feature.ref_pcm_id 
_pdbx_modification_feature.ref_comp_id 
_pdbx_modification_feature.type 
_pdbx_modification_feature.category 
1 MSE A 36  ? . . . . MSE A 36  ? 1_555 . . . . . . . MET 1 MSE Selenomethionine 'Named protein modification' 
2 MSE A 51  ? . . . . MSE A 51  ? 1_555 . . . . . . . MET 1 MSE Selenomethionine 'Named protein modification' 
3 MSE A 71  ? . . . . MSE A 71  ? 1_555 . . . . . . . MET 1 MSE Selenomethionine 'Named protein modification' 
4 MSE A 72  ? . . . . MSE A 72  ? 1_555 . . . . . . . MET 1 MSE Selenomethionine 'Named protein modification' 
5 MSE A 109 ? . . . . MSE A 109 ? 1_555 . . . . . . . MET 1 MSE Selenomethionine 'Named protein modification' 
6 MSE A 124 ? . . . . MSE A 124 ? 1_555 . . . . . . . MET 1 MSE Selenomethionine 'Named protein modification' 
7 MSE A 144 ? . . . . MSE A 144 ? 1_555 . . . . . . . MET 1 MSE Selenomethionine 'Named protein modification' 
8 MSE A 145 ? . . . . MSE A 145 ? 1_555 . . . . . . . MET 1 MSE Selenomethionine 'Named protein modification' 
# 
_struct_sheet.id               AA1 
_struct_sheet.type             ? 
_struct_sheet.number_strands   2 
_struct_sheet.details          ? 
# 
_struct_sheet_order.sheet_id     AA1 
_struct_sheet_order.range_id_1   1 
_struct_sheet_order.range_id_2   2 
_struct_sheet_order.offset       ? 
_struct_sheet_order.sense        anti-parallel 
# 
loop_
_struct_sheet_range.sheet_id 
_struct_sheet_range.id 
_struct_sheet_range.beg_label_comp_id 
_struct_sheet_range.beg_label_asym_id 
_struct_sheet_range.beg_label_seq_id 
_struct_sheet_range.pdbx_beg_PDB_ins_code 
_struct_sheet_range.end_label_comp_id 
_struct_sheet_range.end_label_asym_id 
_struct_sheet_range.end_label_seq_id 
_struct_sheet_range.pdbx_end_PDB_ins_code 
_struct_sheet_range.beg_auth_comp_id 
_struct_sheet_range.beg_auth_asym_id 
_struct_sheet_range.beg_auth_seq_id 
_struct_sheet_range.end_auth_comp_id 
_struct_sheet_range.end_auth_asym_id 
_struct_sheet_range.end_auth_seq_id 
AA1 1 TYR A 99  ? ILE A 100 ? TYR A 99  ILE A 100 
AA1 2 VAL A 136 ? ASN A 137 ? VAL A 136 ASN A 137 
# 
_pdbx_struct_sheet_hbond.sheet_id                AA1 
_pdbx_struct_sheet_hbond.range_id_1              1 
_pdbx_struct_sheet_hbond.range_id_2              2 
_pdbx_struct_sheet_hbond.range_1_label_atom_id   N 
_pdbx_struct_sheet_hbond.range_1_label_comp_id   ILE 
_pdbx_struct_sheet_hbond.range_1_label_asym_id   A 
_pdbx_struct_sheet_hbond.range_1_label_seq_id    100 
_pdbx_struct_sheet_hbond.range_1_PDB_ins_code    ? 
_pdbx_struct_sheet_hbond.range_1_auth_atom_id    N 
_pdbx_struct_sheet_hbond.range_1_auth_comp_id    ILE 
_pdbx_struct_sheet_hbond.range_1_auth_asym_id    A 
_pdbx_struct_sheet_hbond.range_1_auth_seq_id     100 
_pdbx_struct_sheet_hbond.range_2_label_atom_id   O 
_pdbx_struct_sheet_hbond.range_2_label_comp_id   VAL 
_pdbx_struct_sheet_hbond.range_2_label_asym_id   A 
_pdbx_struct_sheet_hbond.range_2_label_seq_id    136 
_pdbx_struct_sheet_hbond.range_2_PDB_ins_code    ? 
_pdbx_struct_sheet_hbond.range_2_auth_atom_id    O 
_pdbx_struct_sheet_hbond.range_2_auth_comp_id    VAL 
_pdbx_struct_sheet_hbond.range_2_auth_asym_id    A 
_pdbx_struct_sheet_hbond.range_2_auth_seq_id     136 
# 
loop_
_struct_site.id 
_struct_site.pdbx_evidence_code 
_struct_site.pdbx_auth_asym_id 
_struct_site.pdbx_auth_comp_id 
_struct_site.pdbx_auth_seq_id 
_struct_site.pdbx_auth_ins_code 
_struct_site.pdbx_num_residues 
_struct_site.details 
AC1 Software A KN9 201 ? 7  'binding site for residue KN9 A 201' 
AC2 Software A KN9 202 ? 11 'binding site for residue KN9 A 202' 
AC3 Software A KN9 203 ? 11 'binding site for residue KN9 A 203' 
AC4 Software A CA  204 ? 6  'binding site for residue CA A 204'  
AC5 Software A CA  205 ? 6  'binding site for residue CA A 205'  
AC6 Software A CA  206 ? 6  'binding site for residue CA A 206'  
AC7 Software A CA  207 ? 6  'binding site for residue CA A 207'  
# 
loop_
_struct_site_gen.id 
_struct_site_gen.site_id 
_struct_site_gen.pdbx_num_res 
_struct_site_gen.label_comp_id 
_struct_site_gen.label_asym_id 
_struct_site_gen.label_seq_id 
_struct_site_gen.pdbx_auth_ins_code 
_struct_site_gen.auth_comp_id 
_struct_site_gen.auth_asym_id 
_struct_site_gen.auth_seq_id 
_struct_site_gen.label_atom_id 
_struct_site_gen.label_alt_id 
_struct_site_gen.symmetry 
_struct_site_gen.details 
1  AC1 7  GLU A 11  ? GLU A 11  . ? 1_555 ? 
2  AC1 7  MSE A 109 ? MSE A 109 . ? 1_555 ? 
3  AC1 7  MSE A 124 ? MSE A 124 . ? 1_555 ? 
4  AC1 7  GLU A 127 ? GLU A 127 . ? 1_555 ? 
5  AC1 7  ALA A 128 ? ALA A 128 . ? 1_555 ? 
6  AC1 7  KN9 C .   ? KN9 A 202 . ? 1_555 ? 
7  AC1 7  KN9 D .   ? KN9 A 203 . ? 1_555 ? 
8  AC2 11 GLU A 11  ? GLU A 11  . ? 1_555 ? 
9  AC2 11 ALA A 15  ? ALA A 15  . ? 1_555 ? 
10 AC2 11 MSE A 71  ? MSE A 71  . ? 1_555 ? 
11 AC2 11 MSE A 72  ? MSE A 72  . ? 1_555 ? 
12 AC2 11 LYS A 75  ? LYS A 75  . ? 1_555 ? 
13 AC2 11 ASP A 80  ? ASP A 80  . ? 1_555 ? 
14 AC2 11 MSE A 124 ? MSE A 124 . ? 1_555 ? 
15 AC2 11 MSE A 144 ? MSE A 144 . ? 1_555 ? 
16 AC2 11 MSE A 145 ? MSE A 145 . ? 1_555 ? 
17 AC2 11 KN9 B .   ? KN9 A 201 . ? 1_555 ? 
18 AC2 11 KN9 D .   ? KN9 A 203 . ? 1_555 ? 
19 AC3 11 PHE A 19  ? PHE A 19  . ? 1_555 ? 
20 AC3 11 MSE A 36  ? MSE A 36  . ? 1_555 ? 
21 AC3 11 LEU A 39  ? LEU A 39  . ? 1_555 ? 
22 AC3 11 MSE A 71  ? MSE A 71  . ? 1_555 ? 
23 AC3 11 ASP A 80  ? ASP A 80  . ? 1_555 ? 
24 AC3 11 ALA A 88  ? ALA A 88  . ? 1_555 ? 
25 AC3 11 MSE A 109 ? MSE A 109 . ? 1_555 ? 
26 AC3 11 LEU A 112 ? LEU A 112 . ? 1_555 ? 
27 AC3 11 MSE A 145 ? MSE A 145 . ? 1_555 ? 
28 AC3 11 KN9 B .   ? KN9 A 201 . ? 1_555 ? 
29 AC3 11 KN9 C .   ? KN9 A 202 . ? 1_555 ? 
30 AC4 6  ASP A 56  ? ASP A 56  . ? 1_555 ? 
31 AC4 6  ASP A 58  ? ASP A 58  . ? 1_555 ? 
32 AC4 6  ASN A 60  ? ASN A 60  . ? 1_555 ? 
33 AC4 6  THR A 62  ? THR A 62  . ? 1_555 ? 
34 AC4 6  GLU A 67  ? GLU A 67  . ? 1_555 ? 
35 AC4 6  HOH I .   ? HOH A 339 . ? 1_555 ? 
36 AC5 6  ASP A 93  ? ASP A 93  . ? 1_555 ? 
37 AC5 6  ASP A 95  ? ASP A 95  . ? 1_555 ? 
38 AC5 6  ASN A 97  ? ASN A 97  . ? 1_555 ? 
39 AC5 6  TYR A 99  ? TYR A 99  . ? 1_555 ? 
40 AC5 6  GLU A 104 ? GLU A 104 . ? 1_555 ? 
41 AC5 6  HOH I .   ? HOH A 322 . ? 1_555 ? 
42 AC6 6  ASP A 129 ? ASP A 129 . ? 1_555 ? 
43 AC6 6  ASP A 131 ? ASP A 131 . ? 1_555 ? 
44 AC6 6  ASP A 133 ? ASP A 133 . ? 1_555 ? 
45 AC6 6  GLN A 135 ? GLN A 135 . ? 1_555 ? 
46 AC6 6  GLU A 140 ? GLU A 140 . ? 1_555 ? 
47 AC6 6  HOH I .   ? HOH A 321 . ? 1_555 ? 
48 AC7 6  ASP A 20  ? ASP A 20  . ? 1_555 ? 
49 AC7 6  ASP A 22  ? ASP A 22  . ? 1_555 ? 
50 AC7 6  ASP A 24  ? ASP A 24  . ? 1_555 ? 
51 AC7 6  THR A 26  ? THR A 26  . ? 1_555 ? 
52 AC7 6  GLU A 31  ? GLU A 31  . ? 1_555 ? 
53 AC7 6  HOH I .   ? HOH A 308 . ? 1_555 ? 
# 
_pdbx_entry_details.entry_id                   6M7H 
_pdbx_entry_details.compound_details           ? 
_pdbx_entry_details.source_details             ? 
_pdbx_entry_details.nonpolymer_details         ? 
_pdbx_entry_details.sequence_details           ? 
_pdbx_entry_details.has_ligand_of_interest     ? 
_pdbx_entry_details.has_protein_modification   Y 
# 
_pdbx_validate_torsion.id              1 
_pdbx_validate_torsion.PDB_model_num   1 
_pdbx_validate_torsion.auth_comp_id    THR 
_pdbx_validate_torsion.auth_asym_id    A 
_pdbx_validate_torsion.auth_seq_id     146 
_pdbx_validate_torsion.PDB_ins_code    ? 
_pdbx_validate_torsion.label_alt_id    ? 
_pdbx_validate_torsion.phi             -102.78 
_pdbx_validate_torsion.psi             64.19 
# 
loop_
_pdbx_struct_mod_residue.id 
_pdbx_struct_mod_residue.label_asym_id 
_pdbx_struct_mod_residue.label_comp_id 
_pdbx_struct_mod_residue.label_seq_id 
_pdbx_struct_mod_residue.auth_asym_id 
_pdbx_struct_mod_residue.auth_comp_id 
_pdbx_struct_mod_residue.auth_seq_id 
_pdbx_struct_mod_residue.PDB_ins_code 
_pdbx_struct_mod_residue.parent_comp_id 
_pdbx_struct_mod_residue.details 
1 A MSE 36  A MSE 36  ? MET 'modified residue' 
2 A MSE 51  A MSE 51  ? MET 'modified residue' 
3 A MSE 71  A MSE 71  ? MET 'modified residue' 
4 A MSE 72  A MSE 72  ? MET 'modified residue' 
5 A MSE 109 A MSE 109 ? MET 'modified residue' 
6 A MSE 124 A MSE 124 ? MET 'modified residue' 
7 A MSE 144 A MSE 144 ? MET 'modified residue' 
8 A MSE 145 A MSE 145 ? MET 'modified residue' 
# 
loop_
_pdbx_unobs_or_zero_occ_residues.id 
_pdbx_unobs_or_zero_occ_residues.PDB_model_num 
_pdbx_unobs_or_zero_occ_residues.polymer_flag 
_pdbx_unobs_or_zero_occ_residues.occupancy_flag 
_pdbx_unobs_or_zero_occ_residues.auth_asym_id 
_pdbx_unobs_or_zero_occ_residues.auth_comp_id 
_pdbx_unobs_or_zero_occ_residues.auth_seq_id 
_pdbx_unobs_or_zero_occ_residues.PDB_ins_code 
_pdbx_unobs_or_zero_occ_residues.label_asym_id 
_pdbx_unobs_or_zero_occ_residues.label_comp_id 
_pdbx_unobs_or_zero_occ_residues.label_seq_id 
1 1 Y 1 A ALA 1 ? A ALA 1 
2 1 Y 1 A ASP 2 ? A ASP 2 
3 1 Y 1 A GLN 3 ? A GLN 3 
# 
loop_
_chem_comp_atom.comp_id 
_chem_comp_atom.atom_id 
_chem_comp_atom.type_symbol 
_chem_comp_atom.pdbx_aromatic_flag 
_chem_comp_atom.pdbx_stereo_config 
_chem_comp_atom.pdbx_ordinal 
ALA N    N  N N 1   
ALA CA   C  N S 2   
ALA C    C  N N 3   
ALA O    O  N N 4   
ALA CB   C  N N 5   
ALA OXT  O  N N 6   
ALA H    H  N N 7   
ALA H2   H  N N 8   
ALA HA   H  N N 9   
ALA HB1  H  N N 10  
ALA HB2  H  N N 11  
ALA HB3  H  N N 12  
ALA HXT  H  N N 13  
ARG N    N  N N 14  
ARG CA   C  N S 15  
ARG C    C  N N 16  
ARG O    O  N N 17  
ARG CB   C  N N 18  
ARG CG   C  N N 19  
ARG CD   C  N N 20  
ARG NE   N  N N 21  
ARG CZ   C  N N 22  
ARG NH1  N  N N 23  
ARG NH2  N  N N 24  
ARG OXT  O  N N 25  
ARG H    H  N N 26  
ARG H2   H  N N 27  
ARG HA   H  N N 28  
ARG HB2  H  N N 29  
ARG HB3  H  N N 30  
ARG HG2  H  N N 31  
ARG HG3  H  N N 32  
ARG HD2  H  N N 33  
ARG HD3  H  N N 34  
ARG HE   H  N N 35  
ARG HH11 H  N N 36  
ARG HH12 H  N N 37  
ARG HH21 H  N N 38  
ARG HH22 H  N N 39  
ARG HXT  H  N N 40  
ASN N    N  N N 41  
ASN CA   C  N S 42  
ASN C    C  N N 43  
ASN O    O  N N 44  
ASN CB   C  N N 45  
ASN CG   C  N N 46  
ASN OD1  O  N N 47  
ASN ND2  N  N N 48  
ASN OXT  O  N N 49  
ASN H    H  N N 50  
ASN H2   H  N N 51  
ASN HA   H  N N 52  
ASN HB2  H  N N 53  
ASN HB3  H  N N 54  
ASN HD21 H  N N 55  
ASN HD22 H  N N 56  
ASN HXT  H  N N 57  
ASP N    N  N N 58  
ASP CA   C  N S 59  
ASP C    C  N N 60  
ASP O    O  N N 61  
ASP CB   C  N N 62  
ASP CG   C  N N 63  
ASP OD1  O  N N 64  
ASP OD2  O  N N 65  
ASP OXT  O  N N 66  
ASP H    H  N N 67  
ASP H2   H  N N 68  
ASP HA   H  N N 69  
ASP HB2  H  N N 70  
ASP HB3  H  N N 71  
ASP HD2  H  N N 72  
ASP HXT  H  N N 73  
CA  CA   CA N N 74  
GLN N    N  N N 75  
GLN CA   C  N S 76  
GLN C    C  N N 77  
GLN O    O  N N 78  
GLN CB   C  N N 79  
GLN CG   C  N N 80  
GLN CD   C  N N 81  
GLN OE1  O  N N 82  
GLN NE2  N  N N 83  
GLN OXT  O  N N 84  
GLN H    H  N N 85  
GLN H2   H  N N 86  
GLN HA   H  N N 87  
GLN HB2  H  N N 88  
GLN HB3  H  N N 89  
GLN HG2  H  N N 90  
GLN HG3  H  N N 91  
GLN HE21 H  N N 92  
GLN HE22 H  N N 93  
GLN HXT  H  N N 94  
GLU N    N  N N 95  
GLU CA   C  N S 96  
GLU C    C  N N 97  
GLU O    O  N N 98  
GLU CB   C  N N 99  
GLU CG   C  N N 100 
GLU CD   C  N N 101 
GLU OE1  O  N N 102 
GLU OE2  O  N N 103 
GLU OXT  O  N N 104 
GLU H    H  N N 105 
GLU H2   H  N N 106 
GLU HA   H  N N 107 
GLU HB2  H  N N 108 
GLU HB3  H  N N 109 
GLU HG2  H  N N 110 
GLU HG3  H  N N 111 
GLU HE2  H  N N 112 
GLU HXT  H  N N 113 
GLY N    N  N N 114 
GLY CA   C  N N 115 
GLY C    C  N N 116 
GLY O    O  N N 117 
GLY OXT  O  N N 118 
GLY H    H  N N 119 
GLY H2   H  N N 120 
GLY HA2  H  N N 121 
GLY HA3  H  N N 122 
GLY HXT  H  N N 123 
HIS N    N  N N 124 
HIS CA   C  N S 125 
HIS C    C  N N 126 
HIS O    O  N N 127 
HIS CB   C  N N 128 
HIS CG   C  Y N 129 
HIS ND1  N  Y N 130 
HIS CD2  C  Y N 131 
HIS CE1  C  Y N 132 
HIS NE2  N  Y N 133 
HIS OXT  O  N N 134 
HIS H    H  N N 135 
HIS H2   H  N N 136 
HIS HA   H  N N 137 
HIS HB2  H  N N 138 
HIS HB3  H  N N 139 
HIS HD1  H  N N 140 
HIS HD2  H  N N 141 
HIS HE1  H  N N 142 
HIS HE2  H  N N 143 
HIS HXT  H  N N 144 
HOH O    O  N N 145 
HOH H1   H  N N 146 
HOH H2   H  N N 147 
ILE N    N  N N 148 
ILE CA   C  N S 149 
ILE C    C  N N 150 
ILE O    O  N N 151 
ILE CB   C  N S 152 
ILE CG1  C  N N 153 
ILE CG2  C  N N 154 
ILE CD1  C  N N 155 
ILE OXT  O  N N 156 
ILE H    H  N N 157 
ILE H2   H  N N 158 
ILE HA   H  N N 159 
ILE HB   H  N N 160 
ILE HG12 H  N N 161 
ILE HG13 H  N N 162 
ILE HG21 H  N N 163 
ILE HG22 H  N N 164 
ILE HG23 H  N N 165 
ILE HD11 H  N N 166 
ILE HD12 H  N N 167 
ILE HD13 H  N N 168 
ILE HXT  H  N N 169 
KN9 C1   C  N N 170 
KN9 C10  C  Y N 171 
KN9 C11  C  N N 172 
KN9 C12  C  Y N 173 
KN9 C13  C  Y N 174 
KN9 C14  C  Y N 175 
KN9 C15  C  Y N 176 
KN9 C16  C  Y N 177 
KN9 C17  C  Y N 178 
KN9 C18  C  N N 179 
KN9 C19  C  Y N 180 
KN9 C2   C  N N 181 
KN9 C20  C  Y N 182 
KN9 C21  C  Y N 183 
KN9 C22  C  Y N 184 
KN9 C23  C  Y N 185 
KN9 C24  C  Y N 186 
KN9 C26  C  N N 187 
KN9 C27  C  N N 188 
KN9 C3   C  N N 189 
KN9 C4   C  N N 190 
KN9 C5   C  Y N 191 
KN9 C6   C  Y N 192 
KN9 C7   C  Y N 193 
KN9 C8   C  Y N 194 
KN9 C9   C  Y N 195 
KN9 N1   N  N N 196 
KN9 N2   N  N N 197 
KN9 O1   O  N N 198 
KN9 O2   O  N N 199 
KN9 O25  O  N N 200 
KN9 O3   O  N N 201 
KN9 S    S  N N 202 
KN9 CL   CL N N 203 
KN9 H1   H  N N 204 
KN9 H2   H  N N 205 
KN9 H3   H  N N 206 
KN9 H4   H  N N 207 
KN9 H5   H  N N 208 
KN9 H6   H  N N 209 
KN9 H7   H  N N 210 
KN9 H8   H  N N 211 
KN9 H9   H  N N 212 
KN9 H10  H  N N 213 
KN9 H11  H  N N 214 
KN9 H12  H  N N 215 
KN9 H13  H  N N 216 
KN9 H14  H  N N 217 
KN9 H15  H  N N 218 
KN9 H16  H  N N 219 
KN9 H17  H  N N 220 
KN9 H18  H  N N 221 
KN9 H19  H  N N 222 
KN9 H20  H  N N 223 
KN9 H21  H  N N 224 
KN9 H22  H  N N 225 
KN9 H23  H  N N 226 
KN9 H25  H  N N 227 
KN9 H27  H  N N 228 
KN9 H28  H  N N 229 
KN9 H29  H  N N 230 
KN9 H24  H  N N 231 
KN9 H26  H  N N 232 
LEU N    N  N N 233 
LEU CA   C  N S 234 
LEU C    C  N N 235 
LEU O    O  N N 236 
LEU CB   C  N N 237 
LEU CG   C  N N 238 
LEU CD1  C  N N 239 
LEU CD2  C  N N 240 
LEU OXT  O  N N 241 
LEU H    H  N N 242 
LEU H2   H  N N 243 
LEU HA   H  N N 244 
LEU HB2  H  N N 245 
LEU HB3  H  N N 246 
LEU HG   H  N N 247 
LEU HD11 H  N N 248 
LEU HD12 H  N N 249 
LEU HD13 H  N N 250 
LEU HD21 H  N N 251 
LEU HD22 H  N N 252 
LEU HD23 H  N N 253 
LEU HXT  H  N N 254 
LYS N    N  N N 255 
LYS CA   C  N S 256 
LYS C    C  N N 257 
LYS O    O  N N 258 
LYS CB   C  N N 259 
LYS CG   C  N N 260 
LYS CD   C  N N 261 
LYS CE   C  N N 262 
LYS NZ   N  N N 263 
LYS OXT  O  N N 264 
LYS H    H  N N 265 
LYS H2   H  N N 266 
LYS HA   H  N N 267 
LYS HB2  H  N N 268 
LYS HB3  H  N N 269 
LYS HG2  H  N N 270 
LYS HG3  H  N N 271 
LYS HD2  H  N N 272 
LYS HD3  H  N N 273 
LYS HE2  H  N N 274 
LYS HE3  H  N N 275 
LYS HZ1  H  N N 276 
LYS HZ2  H  N N 277 
LYS HZ3  H  N N 278 
LYS HXT  H  N N 279 
MET N    N  N N 280 
MET CA   C  N S 281 
MET C    C  N N 282 
MET O    O  N N 283 
MET CB   C  N N 284 
MET CG   C  N N 285 
MET SD   S  N N 286 
MET CE   C  N N 287 
MET OXT  O  N N 288 
MET H    H  N N 289 
MET H2   H  N N 290 
MET HA   H  N N 291 
MET HB2  H  N N 292 
MET HB3  H  N N 293 
MET HG2  H  N N 294 
MET HG3  H  N N 295 
MET HE1  H  N N 296 
MET HE2  H  N N 297 
MET HE3  H  N N 298 
MET HXT  H  N N 299 
MSE N    N  N N 300 
MSE CA   C  N S 301 
MSE C    C  N N 302 
MSE O    O  N N 303 
MSE OXT  O  N N 304 
MSE CB   C  N N 305 
MSE CG   C  N N 306 
MSE SE   SE N N 307 
MSE CE   C  N N 308 
MSE H    H  N N 309 
MSE H2   H  N N 310 
MSE HA   H  N N 311 
MSE HXT  H  N N 312 
MSE HB2  H  N N 313 
MSE HB3  H  N N 314 
MSE HG2  H  N N 315 
MSE HG3  H  N N 316 
MSE HE1  H  N N 317 
MSE HE2  H  N N 318 
MSE HE3  H  N N 319 
PHE N    N  N N 320 
PHE CA   C  N S 321 
PHE C    C  N N 322 
PHE O    O  N N 323 
PHE CB   C  N N 324 
PHE CG   C  Y N 325 
PHE CD1  C  Y N 326 
PHE CD2  C  Y N 327 
PHE CE1  C  Y N 328 
PHE CE2  C  Y N 329 
PHE CZ   C  Y N 330 
PHE OXT  O  N N 331 
PHE H    H  N N 332 
PHE H2   H  N N 333 
PHE HA   H  N N 334 
PHE HB2  H  N N 335 
PHE HB3  H  N N 336 
PHE HD1  H  N N 337 
PHE HD2  H  N N 338 
PHE HE1  H  N N 339 
PHE HE2  H  N N 340 
PHE HZ   H  N N 341 
PHE HXT  H  N N 342 
PRO N    N  N N 343 
PRO CA   C  N S 344 
PRO C    C  N N 345 
PRO O    O  N N 346 
PRO CB   C  N N 347 
PRO CG   C  N N 348 
PRO CD   C  N N 349 
PRO OXT  O  N N 350 
PRO H    H  N N 351 
PRO HA   H  N N 352 
PRO HB2  H  N N 353 
PRO HB3  H  N N 354 
PRO HG2  H  N N 355 
PRO HG3  H  N N 356 
PRO HD2  H  N N 357 
PRO HD3  H  N N 358 
PRO HXT  H  N N 359 
SER N    N  N N 360 
SER CA   C  N S 361 
SER C    C  N N 362 
SER O    O  N N 363 
SER CB   C  N N 364 
SER OG   O  N N 365 
SER OXT  O  N N 366 
SER H    H  N N 367 
SER H2   H  N N 368 
SER HA   H  N N 369 
SER HB2  H  N N 370 
SER HB3  H  N N 371 
SER HG   H  N N 372 
SER HXT  H  N N 373 
THR N    N  N N 374 
THR CA   C  N S 375 
THR C    C  N N 376 
THR O    O  N N 377 
THR CB   C  N R 378 
THR OG1  O  N N 379 
THR CG2  C  N N 380 
THR OXT  O  N N 381 
THR H    H  N N 382 
THR H2   H  N N 383 
THR HA   H  N N 384 
THR HB   H  N N 385 
THR HG1  H  N N 386 
THR HG21 H  N N 387 
THR HG22 H  N N 388 
THR HG23 H  N N 389 
THR HXT  H  N N 390 
TYR N    N  N N 391 
TYR CA   C  N S 392 
TYR C    C  N N 393 
TYR O    O  N N 394 
TYR CB   C  N N 395 
TYR CG   C  Y N 396 
TYR CD1  C  Y N 397 
TYR CD2  C  Y N 398 
TYR CE1  C  Y N 399 
TYR CE2  C  Y N 400 
TYR CZ   C  Y N 401 
TYR OH   O  N N 402 
TYR OXT  O  N N 403 
TYR H    H  N N 404 
TYR H2   H  N N 405 
TYR HA   H  N N 406 
TYR HB2  H  N N 407 
TYR HB3  H  N N 408 
TYR HD1  H  N N 409 
TYR HD2  H  N N 410 
TYR HE1  H  N N 411 
TYR HE2  H  N N 412 
TYR HH   H  N N 413 
TYR HXT  H  N N 414 
VAL N    N  N N 415 
VAL CA   C  N S 416 
VAL C    C  N N 417 
VAL O    O  N N 418 
VAL CB   C  N N 419 
VAL CG1  C  N N 420 
VAL CG2  C  N N 421 
VAL OXT  O  N N 422 
VAL H    H  N N 423 
VAL H2   H  N N 424 
VAL HA   H  N N 425 
VAL HB   H  N N 426 
VAL HG11 H  N N 427 
VAL HG12 H  N N 428 
VAL HG13 H  N N 429 
VAL HG21 H  N N 430 
VAL HG22 H  N N 431 
VAL HG23 H  N N 432 
VAL HXT  H  N N 433 
# 
loop_
_chem_comp_bond.comp_id 
_chem_comp_bond.atom_id_1 
_chem_comp_bond.atom_id_2 
_chem_comp_bond.value_order 
_chem_comp_bond.pdbx_aromatic_flag 
_chem_comp_bond.pdbx_stereo_config 
_chem_comp_bond.pdbx_ordinal 
ALA N   CA   sing N N 1   
ALA N   H    sing N N 2   
ALA N   H2   sing N N 3   
ALA CA  C    sing N N 4   
ALA CA  CB   sing N N 5   
ALA CA  HA   sing N N 6   
ALA C   O    doub N N 7   
ALA C   OXT  sing N N 8   
ALA CB  HB1  sing N N 9   
ALA CB  HB2  sing N N 10  
ALA CB  HB3  sing N N 11  
ALA OXT HXT  sing N N 12  
ARG N   CA   sing N N 13  
ARG N   H    sing N N 14  
ARG N   H2   sing N N 15  
ARG CA  C    sing N N 16  
ARG CA  CB   sing N N 17  
ARG CA  HA   sing N N 18  
ARG C   O    doub N N 19  
ARG C   OXT  sing N N 20  
ARG CB  CG   sing N N 21  
ARG CB  HB2  sing N N 22  
ARG CB  HB3  sing N N 23  
ARG CG  CD   sing N N 24  
ARG CG  HG2  sing N N 25  
ARG CG  HG3  sing N N 26  
ARG CD  NE   sing N N 27  
ARG CD  HD2  sing N N 28  
ARG CD  HD3  sing N N 29  
ARG NE  CZ   sing N N 30  
ARG NE  HE   sing N N 31  
ARG CZ  NH1  sing N N 32  
ARG CZ  NH2  doub N N 33  
ARG NH1 HH11 sing N N 34  
ARG NH1 HH12 sing N N 35  
ARG NH2 HH21 sing N N 36  
ARG NH2 HH22 sing N N 37  
ARG OXT HXT  sing N N 38  
ASN N   CA   sing N N 39  
ASN N   H    sing N N 40  
ASN N   H2   sing N N 41  
ASN CA  C    sing N N 42  
ASN CA  CB   sing N N 43  
ASN CA  HA   sing N N 44  
ASN C   O    doub N N 45  
ASN C   OXT  sing N N 46  
ASN CB  CG   sing N N 47  
ASN CB  HB2  sing N N 48  
ASN CB  HB3  sing N N 49  
ASN CG  OD1  doub N N 50  
ASN CG  ND2  sing N N 51  
ASN ND2 HD21 sing N N 52  
ASN ND2 HD22 sing N N 53  
ASN OXT HXT  sing N N 54  
ASP N   CA   sing N N 55  
ASP N   H    sing N N 56  
ASP N   H2   sing N N 57  
ASP CA  C    sing N N 58  
ASP CA  CB   sing N N 59  
ASP CA  HA   sing N N 60  
ASP C   O    doub N N 61  
ASP C   OXT  sing N N 62  
ASP CB  CG   sing N N 63  
ASP CB  HB2  sing N N 64  
ASP CB  HB3  sing N N 65  
ASP CG  OD1  doub N N 66  
ASP CG  OD2  sing N N 67  
ASP OD2 HD2  sing N N 68  
ASP OXT HXT  sing N N 69  
GLN N   CA   sing N N 70  
GLN N   H    sing N N 71  
GLN N   H2   sing N N 72  
GLN CA  C    sing N N 73  
GLN CA  CB   sing N N 74  
GLN CA  HA   sing N N 75  
GLN C   O    doub N N 76  
GLN C   OXT  sing N N 77  
GLN CB  CG   sing N N 78  
GLN CB  HB2  sing N N 79  
GLN CB  HB3  sing N N 80  
GLN CG  CD   sing N N 81  
GLN CG  HG2  sing N N 82  
GLN CG  HG3  sing N N 83  
GLN CD  OE1  doub N N 84  
GLN CD  NE2  sing N N 85  
GLN NE2 HE21 sing N N 86  
GLN NE2 HE22 sing N N 87  
GLN OXT HXT  sing N N 88  
GLU N   CA   sing N N 89  
GLU N   H    sing N N 90  
GLU N   H2   sing N N 91  
GLU CA  C    sing N N 92  
GLU CA  CB   sing N N 93  
GLU CA  HA   sing N N 94  
GLU C   O    doub N N 95  
GLU C   OXT  sing N N 96  
GLU CB  CG   sing N N 97  
GLU CB  HB2  sing N N 98  
GLU CB  HB3  sing N N 99  
GLU CG  CD   sing N N 100 
GLU CG  HG2  sing N N 101 
GLU CG  HG3  sing N N 102 
GLU CD  OE1  doub N N 103 
GLU CD  OE2  sing N N 104 
GLU OE2 HE2  sing N N 105 
GLU OXT HXT  sing N N 106 
GLY N   CA   sing N N 107 
GLY N   H    sing N N 108 
GLY N   H2   sing N N 109 
GLY CA  C    sing N N 110 
GLY CA  HA2  sing N N 111 
GLY CA  HA3  sing N N 112 
GLY C   O    doub N N 113 
GLY C   OXT  sing N N 114 
GLY OXT HXT  sing N N 115 
HIS N   CA   sing N N 116 
HIS N   H    sing N N 117 
HIS N   H2   sing N N 118 
HIS CA  C    sing N N 119 
HIS CA  CB   sing N N 120 
HIS CA  HA   sing N N 121 
HIS C   O    doub N N 122 
HIS C   OXT  sing N N 123 
HIS CB  CG   sing N N 124 
HIS CB  HB2  sing N N 125 
HIS CB  HB3  sing N N 126 
HIS CG  ND1  sing Y N 127 
HIS CG  CD2  doub Y N 128 
HIS ND1 CE1  doub Y N 129 
HIS ND1 HD1  sing N N 130 
HIS CD2 NE2  sing Y N 131 
HIS CD2 HD2  sing N N 132 
HIS CE1 NE2  sing Y N 133 
HIS CE1 HE1  sing N N 134 
HIS NE2 HE2  sing N N 135 
HIS OXT HXT  sing N N 136 
HOH O   H1   sing N N 137 
HOH O   H2   sing N N 138 
ILE N   CA   sing N N 139 
ILE N   H    sing N N 140 
ILE N   H2   sing N N 141 
ILE CA  C    sing N N 142 
ILE CA  CB   sing N N 143 
ILE CA  HA   sing N N 144 
ILE C   O    doub N N 145 
ILE C   OXT  sing N N 146 
ILE CB  CG1  sing N N 147 
ILE CB  CG2  sing N N 148 
ILE CB  HB   sing N N 149 
ILE CG1 CD1  sing N N 150 
ILE CG1 HG12 sing N N 151 
ILE CG1 HG13 sing N N 152 
ILE CG2 HG21 sing N N 153 
ILE CG2 HG22 sing N N 154 
ILE CG2 HG23 sing N N 155 
ILE CD1 HD11 sing N N 156 
ILE CD1 HD12 sing N N 157 
ILE CD1 HD13 sing N N 158 
ILE OXT HXT  sing N N 159 
KN9 O1  C27  sing N N 160 
KN9 C27 C18  sing N N 161 
KN9 C18 N2   sing N N 162 
KN9 C1  N1   sing N N 163 
KN9 N1  C2   sing N N 164 
KN9 N1  C11  sing N N 165 
KN9 C2  C3   sing N N 166 
KN9 N2  C17  sing N N 167 
KN9 N2  S    sing N N 168 
KN9 C3  C4   doub N E 169 
KN9 C16 C17  doub Y N 170 
KN9 C16 C15  sing Y N 171 
KN9 C17 C12  sing Y N 172 
KN9 C15 C14  doub Y N 173 
KN9 O2  S    doub N N 174 
KN9 C12 C11  sing N N 175 
KN9 C12 C13  doub Y N 176 
KN9 C6  C7   doub Y N 177 
KN9 C6  C5   sing Y N 178 
KN9 C14 C13  sing Y N 179 
KN9 C24 C23  doub Y N 180 
KN9 C24 C19  sing Y N 181 
KN9 C4  C5   sing N N 182 
KN9 S   C19  sing N N 183 
KN9 S   O3   doub N N 184 
KN9 C7  C8   sing Y N 185 
KN9 C23 C22  sing Y N 186 
KN9 C5  C10  doub Y N 187 
KN9 C19 C20  doub Y N 188 
KN9 C26 O25  sing N N 189 
KN9 C8  CL   sing N N 190 
KN9 C8  C9   doub Y N 191 
KN9 C22 O25  sing N N 192 
KN9 C22 C21  doub Y N 193 
KN9 C10 C9   sing Y N 194 
KN9 C20 C21  sing Y N 195 
KN9 C1  H1   sing N N 196 
KN9 C1  H2   sing N N 197 
KN9 C1  H3   sing N N 198 
KN9 C10 H4   sing N N 199 
KN9 C11 H5   sing N N 200 
KN9 C11 H6   sing N N 201 
KN9 C13 H7   sing N N 202 
KN9 C14 H8   sing N N 203 
KN9 C15 H9   sing N N 204 
KN9 C16 H10  sing N N 205 
KN9 C18 H11  sing N N 206 
KN9 C18 H12  sing N N 207 
KN9 C2  H13  sing N N 208 
KN9 C2  H14  sing N N 209 
KN9 C20 H15  sing N N 210 
KN9 C21 H16  sing N N 211 
KN9 C23 H17  sing N N 212 
KN9 C24 H18  sing N N 213 
KN9 C26 H19  sing N N 214 
KN9 C26 H20  sing N N 215 
KN9 C26 H21  sing N N 216 
KN9 C27 H22  sing N N 217 
KN9 C3  H23  sing N N 218 
KN9 C4  H25  sing N N 219 
KN9 C6  H27  sing N N 220 
KN9 C7  H28  sing N N 221 
KN9 C9  H29  sing N N 222 
KN9 C27 H24  sing N N 223 
KN9 O1  H26  sing N N 224 
LEU N   CA   sing N N 225 
LEU N   H    sing N N 226 
LEU N   H2   sing N N 227 
LEU CA  C    sing N N 228 
LEU CA  CB   sing N N 229 
LEU CA  HA   sing N N 230 
LEU C   O    doub N N 231 
LEU C   OXT  sing N N 232 
LEU CB  CG   sing N N 233 
LEU CB  HB2  sing N N 234 
LEU CB  HB3  sing N N 235 
LEU CG  CD1  sing N N 236 
LEU CG  CD2  sing N N 237 
LEU CG  HG   sing N N 238 
LEU CD1 HD11 sing N N 239 
LEU CD1 HD12 sing N N 240 
LEU CD1 HD13 sing N N 241 
LEU CD2 HD21 sing N N 242 
LEU CD2 HD22 sing N N 243 
LEU CD2 HD23 sing N N 244 
LEU OXT HXT  sing N N 245 
LYS N   CA   sing N N 246 
LYS N   H    sing N N 247 
LYS N   H2   sing N N 248 
LYS CA  C    sing N N 249 
LYS CA  CB   sing N N 250 
LYS CA  HA   sing N N 251 
LYS C   O    doub N N 252 
LYS C   OXT  sing N N 253 
LYS CB  CG   sing N N 254 
LYS CB  HB2  sing N N 255 
LYS CB  HB3  sing N N 256 
LYS CG  CD   sing N N 257 
LYS CG  HG2  sing N N 258 
LYS CG  HG3  sing N N 259 
LYS CD  CE   sing N N 260 
LYS CD  HD2  sing N N 261 
LYS CD  HD3  sing N N 262 
LYS CE  NZ   sing N N 263 
LYS CE  HE2  sing N N 264 
LYS CE  HE3  sing N N 265 
LYS NZ  HZ1  sing N N 266 
LYS NZ  HZ2  sing N N 267 
LYS NZ  HZ3  sing N N 268 
LYS OXT HXT  sing N N 269 
MET N   CA   sing N N 270 
MET N   H    sing N N 271 
MET N   H2   sing N N 272 
MET CA  C    sing N N 273 
MET CA  CB   sing N N 274 
MET CA  HA   sing N N 275 
MET C   O    doub N N 276 
MET C   OXT  sing N N 277 
MET CB  CG   sing N N 278 
MET CB  HB2  sing N N 279 
MET CB  HB3  sing N N 280 
MET CG  SD   sing N N 281 
MET CG  HG2  sing N N 282 
MET CG  HG3  sing N N 283 
MET SD  CE   sing N N 284 
MET CE  HE1  sing N N 285 
MET CE  HE2  sing N N 286 
MET CE  HE3  sing N N 287 
MET OXT HXT  sing N N 288 
MSE N   CA   sing N N 289 
MSE N   H    sing N N 290 
MSE N   H2   sing N N 291 
MSE CA  C    sing N N 292 
MSE CA  CB   sing N N 293 
MSE CA  HA   sing N N 294 
MSE C   O    doub N N 295 
MSE C   OXT  sing N N 296 
MSE OXT HXT  sing N N 297 
MSE CB  CG   sing N N 298 
MSE CB  HB2  sing N N 299 
MSE CB  HB3  sing N N 300 
MSE CG  SE   sing N N 301 
MSE CG  HG2  sing N N 302 
MSE CG  HG3  sing N N 303 
MSE SE  CE   sing N N 304 
MSE CE  HE1  sing N N 305 
MSE CE  HE2  sing N N 306 
MSE CE  HE3  sing N N 307 
PHE N   CA   sing N N 308 
PHE N   H    sing N N 309 
PHE N   H2   sing N N 310 
PHE CA  C    sing N N 311 
PHE CA  CB   sing N N 312 
PHE CA  HA   sing N N 313 
PHE C   O    doub N N 314 
PHE C   OXT  sing N N 315 
PHE CB  CG   sing N N 316 
PHE CB  HB2  sing N N 317 
PHE CB  HB3  sing N N 318 
PHE CG  CD1  doub Y N 319 
PHE CG  CD2  sing Y N 320 
PHE CD1 CE1  sing Y N 321 
PHE CD1 HD1  sing N N 322 
PHE CD2 CE2  doub Y N 323 
PHE CD2 HD2  sing N N 324 
PHE CE1 CZ   doub Y N 325 
PHE CE1 HE1  sing N N 326 
PHE CE2 CZ   sing Y N 327 
PHE CE2 HE2  sing N N 328 
PHE CZ  HZ   sing N N 329 
PHE OXT HXT  sing N N 330 
PRO N   CA   sing N N 331 
PRO N   CD   sing N N 332 
PRO N   H    sing N N 333 
PRO CA  C    sing N N 334 
PRO CA  CB   sing N N 335 
PRO CA  HA   sing N N 336 
PRO C   O    doub N N 337 
PRO C   OXT  sing N N 338 
PRO CB  CG   sing N N 339 
PRO CB  HB2  sing N N 340 
PRO CB  HB3  sing N N 341 
PRO CG  CD   sing N N 342 
PRO CG  HG2  sing N N 343 
PRO CG  HG3  sing N N 344 
PRO CD  HD2  sing N N 345 
PRO CD  HD3  sing N N 346 
PRO OXT HXT  sing N N 347 
SER N   CA   sing N N 348 
SER N   H    sing N N 349 
SER N   H2   sing N N 350 
SER CA  C    sing N N 351 
SER CA  CB   sing N N 352 
SER CA  HA   sing N N 353 
SER C   O    doub N N 354 
SER C   OXT  sing N N 355 
SER CB  OG   sing N N 356 
SER CB  HB2  sing N N 357 
SER CB  HB3  sing N N 358 
SER OG  HG   sing N N 359 
SER OXT HXT  sing N N 360 
THR N   CA   sing N N 361 
THR N   H    sing N N 362 
THR N   H2   sing N N 363 
THR CA  C    sing N N 364 
THR CA  CB   sing N N 365 
THR CA  HA   sing N N 366 
THR C   O    doub N N 367 
THR C   OXT  sing N N 368 
THR CB  OG1  sing N N 369 
THR CB  CG2  sing N N 370 
THR CB  HB   sing N N 371 
THR OG1 HG1  sing N N 372 
THR CG2 HG21 sing N N 373 
THR CG2 HG22 sing N N 374 
THR CG2 HG23 sing N N 375 
THR OXT HXT  sing N N 376 
TYR N   CA   sing N N 377 
TYR N   H    sing N N 378 
TYR N   H2   sing N N 379 
TYR CA  C    sing N N 380 
TYR CA  CB   sing N N 381 
TYR CA  HA   sing N N 382 
TYR C   O    doub N N 383 
TYR C   OXT  sing N N 384 
TYR CB  CG   sing N N 385 
TYR CB  HB2  sing N N 386 
TYR CB  HB3  sing N N 387 
TYR CG  CD1  doub Y N 388 
TYR CG  CD2  sing Y N 389 
TYR CD1 CE1  sing Y N 390 
TYR CD1 HD1  sing N N 391 
TYR CD2 CE2  doub Y N 392 
TYR CD2 HD2  sing N N 393 
TYR CE1 CZ   doub Y N 394 
TYR CE1 HE1  sing N N 395 
TYR CE2 CZ   sing Y N 396 
TYR CE2 HE2  sing N N 397 
TYR CZ  OH   sing N N 398 
TYR OH  HH   sing N N 399 
TYR OXT HXT  sing N N 400 
VAL N   CA   sing N N 401 
VAL N   H    sing N N 402 
VAL N   H2   sing N N 403 
VAL CA  C    sing N N 404 
VAL CA  CB   sing N N 405 
VAL CA  HA   sing N N 406 
VAL C   O    doub N N 407 
VAL C   OXT  sing N N 408 
VAL CB  CG1  sing N N 409 
VAL CB  CG2  sing N N 410 
VAL CB  HB   sing N N 411 
VAL CG1 HG11 sing N N 412 
VAL CG1 HG12 sing N N 413 
VAL CG1 HG13 sing N N 414 
VAL CG2 HG21 sing N N 415 
VAL CG2 HG22 sing N N 416 
VAL CG2 HG23 sing N N 417 
VAL OXT HXT  sing N N 418 
# 
_pdbx_audit_support.funding_organization   'National Science Foundation (NSF, United States)' 
_pdbx_audit_support.country                'United States' 
_pdbx_audit_support.grant_number           HRD-1547757 
_pdbx_audit_support.ordinal                1 
# 
_atom_sites.entry_id                    6M7H 
_atom_sites.fract_transf_matrix[1][1]   -0.02156785 
_atom_sites.fract_transf_matrix[1][2]   0.01651702 
_atom_sites.fract_transf_matrix[1][3]   -0.00863044 
_atom_sites.fract_transf_matrix[2][1]   -0.00646856 
_atom_sites.fract_transf_matrix[2][2]   0.00166920 
_atom_sites.fract_transf_matrix[2][3]   -0.02770907 
_atom_sites.fract_transf_matrix[3][1]   -0.00180621 
_atom_sites.fract_transf_matrix[3][2]   -0.00220771 
_atom_sites.fract_transf_matrix[3][3]   0.00028866 
_atom_sites.fract_transf_vector[1]      0.490531 
_atom_sites.fract_transf_vector[2]      0.506941 
_atom_sites.fract_transf_vector[3]      0.464057 
# 
loop_
_atom_type.symbol 
C  
CA 
CL 
N  
O  
S  
SE 
# 
loop_
_atom_site.group_PDB 
_atom_site.id 
_atom_site.type_symbol 
_atom_site.label_atom_id 
_atom_site.label_alt_id 
_atom_site.label_comp_id 
_atom_site.label_asym_id 
_atom_site.label_entity_id 
_atom_site.label_seq_id 
_atom_site.pdbx_PDB_ins_code 
_atom_site.Cartn_x 
_atom_site.Cartn_y 
_atom_site.Cartn_z 
_atom_site.occupancy 
_atom_site.B_iso_or_equiv 
_atom_site.pdbx_formal_charge 
_atom_site.auth_seq_id 
_atom_site.auth_comp_id 
_atom_site.auth_asym_id 
_atom_site.auth_atom_id 
_atom_site.pdbx_PDB_model_num 
ATOM   1    N  N   . LEU A 1 4   ? 8.673   17.200  3.947   1.00 47.30 ? 4   LEU A N   1 
ATOM   2    C  CA  . LEU A 1 4   ? 9.002   15.817  4.282   1.00 37.29 ? 4   LEU A CA  1 
ATOM   3    C  C   . LEU A 1 4   ? 9.888   15.713  5.527   1.00 43.83 ? 4   LEU A C   1 
ATOM   4    O  O   . LEU A 1 4   ? 10.681  16.619  5.824   1.00 55.13 ? 4   LEU A O   1 
ATOM   5    C  CB  . LEU A 1 4   ? 9.688   15.130  3.094   1.00 41.01 ? 4   LEU A CB  1 
ATOM   6    C  CG  . LEU A 1 4   ? 10.736  15.986  2.384   1.00 38.53 ? 4   LEU A CG  1 
ATOM   7    N  N   . THR A 1 5   ? 9.732   14.611  6.257   1.00 39.74 ? 5   THR A N   1 
ATOM   8    C  CA  . THR A 1 5   ? 10.635  14.226  7.333   1.00 32.83 ? 5   THR A CA  1 
ATOM   9    C  C   . THR A 1 5   ? 11.559  13.114  6.854   1.00 47.96 ? 5   THR A C   1 
ATOM   10   O  O   . THR A 1 5   ? 11.354  12.513  5.797   1.00 44.31 ? 5   THR A O   1 
ATOM   11   C  CB  . THR A 1 5   ? 9.866   13.743  8.568   1.00 39.46 ? 5   THR A CB  1 
ATOM   12   O  OG1 . THR A 1 5   ? 9.013   12.647  8.201   1.00 53.43 ? 5   THR A OG1 1 
ATOM   13   C  CG2 . THR A 1 5   ? 9.039   14.866  9.174   1.00 38.64 ? 5   THR A CG2 1 
ATOM   14   N  N   . GLU A 1 6   ? 12.588  12.836  7.657   1.00 37.74 ? 6   GLU A N   1 
ATOM   15   C  CA  . GLU A 1 6   ? 13.490  11.743  7.319   1.00 36.96 ? 6   GLU A CA  1 
ATOM   16   C  C   . GLU A 1 6   ? 12.744  10.416  7.292   1.00 34.55 ? 6   GLU A C   1 
ATOM   17   O  O   . GLU A 1 6   ? 12.974  9.580   6.413   1.00 42.15 ? 6   GLU A O   1 
ATOM   18   C  CB  . GLU A 1 6   ? 14.656  11.697  8.309   1.00 45.07 ? 6   GLU A CB  1 
ATOM   19   C  CG  . GLU A 1 6   ? 15.604  10.529  8.108   1.00 46.80 ? 6   GLU A CG  1 
ATOM   20   C  CD  . GLU A 1 6   ? 17.031  10.841  8.534   1.00 46.24 ? 6   GLU A CD  1 
ATOM   21   O  OE1 . GLU A 1 6   ? 17.328  12.015  8.836   1.00 49.55 ? 6   GLU A OE1 1 
ATOM   22   O  OE2 . GLU A 1 6   ? 17.859  9.907   8.560   1.00 48.92 ? 6   GLU A OE2 1 
ATOM   23   N  N   . GLU A 1 7   ? 11.819  10.219  8.233   1.00 39.47 ? 7   GLU A N   1 
ATOM   24   C  CA  . GLU A 1 7   ? 11.106  8.950   8.326   1.00 37.93 ? 7   GLU A CA  1 
ATOM   25   C  C   . GLU A 1 7   ? 9.989   8.833   7.294   1.00 30.63 ? 7   GLU A C   1 
ATOM   26   O  O   . GLU A 1 7   ? 9.652   7.716   6.885   1.00 38.34 ? 7   GLU A O   1 
ATOM   27   C  CB  . GLU A 1 7   ? 10.554  8.750   9.741   1.00 41.13 ? 7   GLU A CB  1 
ATOM   28   C  CG  . GLU A 1 7   ? 11.496  9.200   10.851  1.00 47.91 ? 7   GLU A CG  1 
ATOM   29   C  CD  . GLU A 1 7   ? 11.526  10.709  11.022  1.00 47.88 ? 7   GLU A CD  1 
ATOM   30   O  OE1 . GLU A 1 7   ? 10.494  11.363  10.755  1.00 52.07 ? 7   GLU A OE1 1 
ATOM   31   O  OE2 . GLU A 1 7   ? 12.590  11.240  11.398  1.00 52.16 ? 7   GLU A OE2 1 
ATOM   32   N  N   . GLN A 1 8   ? 9.403   9.950   6.860   1.00 33.58 ? 8   GLN A N   1 
ATOM   33   C  CA  . GLN A 1 8   ? 8.467   9.881   5.745   1.00 31.68 ? 8   GLN A CA  1 
ATOM   34   C  C   . GLN A 1 8   ? 9.175   9.403   4.477   1.00 35.51 ? 8   GLN A C   1 
ATOM   35   O  O   . GLN A 1 8   ? 8.665   8.540   3.751   1.00 35.24 ? 8   GLN A O   1 
ATOM   36   C  CB  . GLN A 1 8   ? 7.803   11.243  5.521   1.00 35.76 ? 8   GLN A CB  1 
ATOM   37   N  N   . ILE A 1 9   ? 10.362  9.950   4.204   1.00 32.30 ? 9   ILE A N   1 
ATOM   38   C  CA  . ILE A 1 9   ? 11.135  9.507   3.046   1.00 35.91 ? 9   ILE A CA  1 
ATOM   39   C  C   . ILE A 1 9   ? 11.443  8.023   3.149   1.00 31.84 ? 9   ILE A C   1 
ATOM   40   O  O   . ILE A 1 9   ? 11.289  7.274   2.178   1.00 31.10 ? 9   ILE A O   1 
ATOM   41   C  CB  . ILE A 1 9   ? 12.419  10.347  2.909   1.00 33.24 ? 9   ILE A CB  1 
ATOM   42   C  CG1 . ILE A 1 9   ? 12.050  11.794  2.608   1.00 26.25 ? 9   ILE A CG1 1 
ATOM   43   C  CG2 . ILE A 1 9   ? 13.316  9.793   1.812   1.00 26.49 ? 9   ILE A CG2 1 
ATOM   44   C  CD1 . ILE A 1 9   ? 13.099  12.783  3.023   1.00 40.40 ? 9   ILE A CD1 1 
ATOM   45   N  N   . ALA A 1 10  ? 11.870  7.569   4.331   1.00 26.05 ? 10  ALA A N   1 
ATOM   46   C  CA  . ALA A 1 10  ? 12.199  6.156   4.492   1.00 27.80 ? 10  ALA A CA  1 
ATOM   47   C  C   . ALA A 1 10  ? 10.960  5.288   4.343   1.00 30.37 ? 10  ALA A C   1 
ATOM   48   O  O   . ALA A 1 10  ? 11.016  4.211   3.737   1.00 28.10 ? 10  ALA A O   1 
ATOM   49   C  CB  . ALA A 1 10  ? 12.863  5.923   5.846   1.00 32.11 ? 10  ALA A CB  1 
ATOM   50   N  N   . GLU A 1 11  ? 9.835   5.738   4.900   1.00 34.74 ? 11  GLU A N   1 
ATOM   51   C  CA  . GLU A 1 11  ? 8.565   5.058   4.686   1.00 36.68 ? 11  GLU A CA  1 
ATOM   52   C  C   . GLU A 1 11  ? 8.252   4.942   3.198   1.00 30.67 ? 11  GLU A C   1 
ATOM   53   O  O   . GLU A 1 11  ? 7.880   3.872   2.705   1.00 31.68 ? 11  GLU A O   1 
ATOM   54   C  CB  . GLU A 1 11  ? 7.458   5.817   5.416   1.00 36.51 ? 11  GLU A CB  1 
ATOM   55   C  CG  . GLU A 1 11  ? 6.060   5.365   5.085   1.00 43.58 ? 11  GLU A CG  1 
ATOM   56   C  CD  . GLU A 1 11  ? 5.006   6.245   5.735   1.00 48.75 ? 11  GLU A CD  1 
ATOM   57   O  OE1 . GLU A 1 11  ? 5.298   6.818   6.807   1.00 53.97 ? 11  GLU A OE1 1 
ATOM   58   O  OE2 . GLU A 1 11  ? 3.897   6.368   5.176   1.00 46.38 ? 11  GLU A OE2 1 
ATOM   59   N  N   . PHE A 1 12  ? 8.423   6.039   2.461   1.00 32.56 ? 12  PHE A N   1 
ATOM   60   C  CA  . PHE A 1 12  ? 8.061   6.028   1.049   1.00 26.77 ? 12  PHE A CA  1 
ATOM   61   C  C   . PHE A 1 12  ? 9.009   5.162   0.223   1.00 27.32 ? 12  PHE A C   1 
ATOM   62   O  O   . PHE A 1 12  ? 8.578   4.517   -0.737  1.00 28.81 ? 12  PHE A O   1 
ATOM   63   C  CB  . PHE A 1 12  ? 8.027   7.460   0.518   1.00 34.30 ? 12  PHE A CB  1 
ATOM   64   C  CG  . PHE A 1 12  ? 6.884   8.282   1.061   1.00 41.47 ? 12  PHE A CG  1 
ATOM   65   C  CD1 . PHE A 1 12  ? 5.613   7.738   1.172   1.00 38.19 ? 12  PHE A CD1 1 
ATOM   66   C  CD2 . PHE A 1 12  ? 7.084   9.594   1.453   1.00 39.48 ? 12  PHE A CD2 1 
ATOM   67   C  CE1 . PHE A 1 12  ? 4.560   8.491   1.668   1.00 48.39 ? 12  PHE A CE1 1 
ATOM   68   C  CE2 . PHE A 1 12  ? 6.040   10.352  1.958   1.00 41.73 ? 12  PHE A CE2 1 
ATOM   69   C  CZ  . PHE A 1 12  ? 4.775   9.798   2.061   1.00 39.84 ? 12  PHE A CZ  1 
ATOM   70   N  N   . LYS A 1 13  ? 10.293  5.128   0.573   1.00 28.07 ? 13  LYS A N   1 
ATOM   71   C  CA  . LYS A 1 13  ? 11.218  4.306   -0.194  1.00 25.33 ? 13  LYS A CA  1 
ATOM   72   C  C   . LYS A 1 13  ? 10.894  2.825   -0.038  1.00 24.88 ? 13  LYS A C   1 
ATOM   73   O  O   . LYS A 1 13  ? 10.990  2.056   -1.006  1.00 26.59 ? 13  LYS A O   1 
ATOM   74   C  CB  . LYS A 1 13  ? 12.655  4.610   0.229   1.00 27.03 ? 13  LYS A CB  1 
ATOM   75   C  CG  . LYS A 1 13  ? 13.711  4.052   -0.706  1.00 35.27 ? 13  LYS A CG  1 
ATOM   76   C  CD  . LYS A 1 13  ? 15.058  3.898   -0.006  1.00 38.00 ? 13  LYS A CD  1 
ATOM   77   C  CE  . LYS A 1 13  ? 15.343  5.079   0.902   1.00 41.26 ? 13  LYS A CE  1 
ATOM   78   N  NZ  . LYS A 1 13  ? 16.420  4.774   1.889   1.00 46.02 ? 13  LYS A NZ  1 
ATOM   79   N  N   . GLU A 1 14  ? 10.486  2.405   1.163   1.00 24.72 ? 14  GLU A N   1 
ATOM   80   C  CA  . GLU A 1 14  ? 10.146  0.998   1.341   1.00 28.19 ? 14  GLU A CA  1 
ATOM   81   C  C   . GLU A 1 14  ? 8.862   0.653   0.608   1.00 29.43 ? 14  GLU A C   1 
ATOM   82   O  O   . GLU A 1 14  ? 8.743   -0.436  0.037   1.00 27.78 ? 14  GLU A O   1 
ATOM   83   C  CB  . GLU A 1 14  ? 10.018  0.655   2.823   1.00 38.22 ? 14  GLU A CB  1 
ATOM   84   C  CG  . GLU A 1 14  ? 10.256  -0.819  3.123   1.00 42.46 ? 14  GLU A CG  1 
ATOM   85   C  CD  . GLU A 1 14  ? 11.700  -1.107  3.471   1.00 50.14 ? 14  GLU A CD  1 
ATOM   86   O  OE1 . GLU A 1 14  ? 12.467  -1.461  2.553   1.00 57.29 ? 14  GLU A OE1 1 
ATOM   87   O  OE2 . GLU A 1 14  ? 12.072  -0.964  4.660   1.00 55.04 ? 14  GLU A OE2 1 
ATOM   88   N  N   . ALA A 1 15  ? 7.881   1.560   0.634   1.00 27.61 ? 15  ALA A N   1 
ATOM   89   C  CA  . ALA A 1 15  ? 6.673   1.349   -0.154  1.00 24.39 ? 15  ALA A CA  1 
ATOM   90   C  C   . ALA A 1 15  ? 7.020   1.156   -1.624  1.00 24.55 ? 15  ALA A C   1 
ATOM   91   O  O   . ALA A 1 15  ? 6.489   0.260   -2.282  1.00 23.97 ? 15  ALA A O   1 
ATOM   92   C  CB  . ALA A 1 15  ? 5.716   2.521   0.018   1.00 26.35 ? 15  ALA A CB  1 
ATOM   93   N  N   . PHE A 1 16  ? 7.933   1.977   -2.143  1.00 24.99 ? 16  PHE A N   1 
ATOM   94   C  CA  . PHE A 1 16  ? 8.360   1.832   -3.529  1.00 26.23 ? 16  PHE A CA  1 
ATOM   95   C  C   . PHE A 1 16  ? 9.012   0.476   -3.776  1.00 27.71 ? 16  PHE A C   1 
ATOM   96   O  O   . PHE A 1 16  ? 8.775   -0.149  -4.811  1.00 26.74 ? 16  PHE A O   1 
ATOM   97   C  CB  . PHE A 1 16  ? 9.313   2.968   -3.897  1.00 20.47 ? 16  PHE A CB  1 
ATOM   98   C  CG  . PHE A 1 16  ? 9.629   3.038   -5.365  1.00 20.36 ? 16  PHE A CG  1 
ATOM   99   C  CD1 . PHE A 1 16  ? 8.797   3.707   -6.235  1.00 19.81 ? 16  PHE A CD1 1 
ATOM   100  C  CD2 . PHE A 1 16  ? 10.762  2.433   -5.858  1.00 18.98 ? 16  PHE A CD2 1 
ATOM   101  C  CE1 . PHE A 1 16  ? 9.092   3.767   -7.577  1.00 22.72 ? 16  PHE A CE1 1 
ATOM   102  C  CE2 . PHE A 1 16  ? 11.077  2.494   -7.188  1.00 25.71 ? 16  PHE A CE2 1 
ATOM   103  C  CZ  . PHE A 1 16  ? 10.230  3.155   -8.056  1.00 19.78 ? 16  PHE A CZ  1 
ATOM   104  N  N   . SER A 1 17  ? 9.821   -0.007  -2.836  1.00 25.54 ? 17  SER A N   1 
ATOM   105  C  CA  . SER A 1 17  ? 10.570  -1.228  -3.110  1.00 26.99 ? 17  SER A CA  1 
ATOM   106  C  C   . SER A 1 17  ? 9.697   -2.479  -3.122  1.00 30.03 ? 17  SER A C   1 
ATOM   107  O  O   . SER A 1 17  ? 10.155  -3.528  -3.583  1.00 31.24 ? 17  SER A O   1 
ATOM   108  C  CB  . SER A 1 17  ? 11.703  -1.403  -2.098  1.00 27.33 ? 17  SER A CB  1 
ATOM   109  O  OG  . SER A 1 17  ? 11.230  -2.036  -0.928  1.00 33.79 ? 17  SER A OG  1 
ATOM   110  N  N   . LEU A 1 18  ? 8.457   -2.397  -2.655  1.00 33.65 ? 18  LEU A N   1 
ATOM   111  C  CA  . LEU A 1 18  ? 7.569   -3.553  -2.727  1.00 27.30 ? 18  LEU A CA  1 
ATOM   112  C  C   . LEU A 1 18  ? 6.867   -3.649  -4.073  1.00 34.70 ? 18  LEU A C   1 
ATOM   113  O  O   . LEU A 1 18  ? 6.532   -4.757  -4.512  1.00 24.48 ? 18  LEU A O   1 
ATOM   114  C  CB  . LEU A 1 18  ? 6.542   -3.495  -1.602  1.00 31.54 ? 18  LEU A CB  1 
ATOM   115  C  CG  . LEU A 1 18  ? 7.068   -3.834  -0.208  1.00 42.48 ? 18  LEU A CG  1 
ATOM   116  C  CD1 . LEU A 1 18  ? 5.929   -3.782  0.790   1.00 39.20 ? 18  LEU A CD1 1 
ATOM   117  C  CD2 . LEU A 1 18  ? 7.759   -5.203  -0.185  1.00 40.34 ? 18  LEU A CD2 1 
ATOM   118  N  N   . PHE A 1 19  ? 6.622   -2.512  -4.728  1.00 28.00 ? 19  PHE A N   1 
ATOM   119  C  CA  . PHE A 1 19  ? 6.112   -2.539  -6.093  1.00 19.96 ? 19  PHE A CA  1 
ATOM   120  C  C   . PHE A 1 19  ? 7.215   -2.872  -7.092  1.00 24.35 ? 19  PHE A C   1 
ATOM   121  O  O   . PHE A 1 19  ? 6.978   -3.582  -8.073  1.00 26.82 ? 19  PHE A O   1 
ATOM   122  C  CB  . PHE A 1 19  ? 5.468   -1.203  -6.438  1.00 25.68 ? 19  PHE A CB  1 
ATOM   123  C  CG  . PHE A 1 19  ? 4.240   -0.903  -5.637  1.00 22.02 ? 19  PHE A CG  1 
ATOM   124  C  CD1 . PHE A 1 19  ? 4.333   -0.265  -4.421  1.00 23.74 ? 19  PHE A CD1 1 
ATOM   125  C  CD2 . PHE A 1 19  ? 2.994   -1.271  -6.105  1.00 31.09 ? 19  PHE A CD2 1 
ATOM   126  C  CE1 . PHE A 1 19  ? 3.194   0.015   -3.678  1.00 34.56 ? 19  PHE A CE1 1 
ATOM   127  C  CE2 . PHE A 1 19  ? 1.860   -1.003  -5.375  1.00 29.88 ? 19  PHE A CE2 1 
ATOM   128  C  CZ  . PHE A 1 19  ? 1.958   -0.357  -4.158  1.00 35.10 ? 19  PHE A CZ  1 
ATOM   129  N  N   . ASP A 1 20  ? 8.427   -2.369  -6.850  1.00 26.82 ? 20  ASP A N   1 
ATOM   130  C  CA  . ASP A 1 20  ? 9.566   -2.576  -7.743  1.00 26.50 ? 20  ASP A CA  1 
ATOM   131  C  C   . ASP A 1 20  ? 10.196  -3.922  -7.392  1.00 32.99 ? 20  ASP A C   1 
ATOM   132  O  O   . ASP A 1 20  ? 11.174  -4.016  -6.647  1.00 29.10 ? 20  ASP A O   1 
ATOM   133  C  CB  . ASP A 1 20  ? 10.552  -1.423  -7.606  1.00 29.82 ? 20  ASP A CB  1 
ATOM   134  C  CG  . ASP A 1 20  ? 11.687  -1.496  -8.602  1.00 34.33 ? 20  ASP A CG  1 
ATOM   135  O  OD1 . ASP A 1 20  ? 11.504  -2.114  -9.677  1.00 36.28 ? 20  ASP A OD1 1 
ATOM   136  O  OD2 . ASP A 1 20  ? 12.760  -0.924  -8.297  1.00 30.93 ? 20  ASP A OD2 1 
ATOM   137  N  N   . LYS A 1 21  ? 9.621   -4.987  -7.962  1.00 31.89 ? 21  LYS A N   1 
ATOM   138  C  CA  . LYS A 1 21  ? 10.004  -6.340  -7.568  1.00 33.72 ? 21  LYS A CA  1 
ATOM   139  C  C   . LYS A 1 21  ? 11.456  -6.631  -7.921  1.00 36.61 ? 21  LYS A C   1 
ATOM   140  O  O   . LYS A 1 21  ? 12.209  -7.174  -7.101  1.00 38.34 ? 21  LYS A O   1 
ATOM   141  C  CB  . LYS A 1 21  ? 9.077   -7.363  -8.223  1.00 32.82 ? 21  LYS A CB  1 
ATOM   142  C  CG  . LYS A 1 21  ? 7.618   -7.257  -7.803  1.00 30.77 ? 21  LYS A CG  1 
ATOM   143  C  CD  . LYS A 1 21  ? 7.450   -7.499  -6.319  1.00 26.57 ? 21  LYS A CD  1 
ATOM   144  C  CE  . LYS A 1 21  ? 6.007   -7.777  -5.963  1.00 27.86 ? 21  LYS A CE  1 
ATOM   145  N  NZ  . LYS A 1 21  ? 5.816   -7.918  -4.494  1.00 27.89 ? 21  LYS A NZ  1 
ATOM   146  N  N   . ASP A 1 22  ? 11.871  -6.286  -9.137  1.00 34.94 ? 22  ASP A N   1 
ATOM   147  C  CA  . ASP A 1 22  ? 13.239  -6.540  -9.564  1.00 32.55 ? 22  ASP A CA  1 
ATOM   148  C  C   . ASP A 1 22  ? 14.192  -5.414  -9.185  1.00 40.86 ? 22  ASP A C   1 
ATOM   149  O  O   . ASP A 1 22  ? 15.306  -5.362  -9.718  1.00 39.42 ? 22  ASP A O   1 
ATOM   150  C  CB  . ASP A 1 22  ? 13.293  -6.804  -11.075 1.00 36.88 ? 22  ASP A CB  1 
ATOM   151  C  CG  . ASP A 1 22  ? 12.866  -5.611  -11.907 1.00 30.02 ? 22  ASP A CG  1 
ATOM   152  O  OD1 . ASP A 1 22  ? 12.712  -4.501  -11.361 1.00 34.95 ? 22  ASP A OD1 1 
ATOM   153  O  OD2 . ASP A 1 22  ? 12.680  -5.779  -13.128 1.00 37.69 ? 22  ASP A OD2 1 
ATOM   154  N  N   . GLY A 1 23  ? 13.777  -4.517  -8.285  1.00 33.93 ? 23  GLY A N   1 
ATOM   155  C  CA  . GLY A 1 23  ? 14.615  -3.442  -7.784  1.00 35.30 ? 23  GLY A CA  1 
ATOM   156  C  C   . GLY A 1 23  ? 15.382  -2.652  -8.826  1.00 36.09 ? 23  GLY A C   1 
ATOM   157  O  O   . GLY A 1 23  ? 16.472  -2.150  -8.537  1.00 41.14 ? 23  GLY A O   1 
ATOM   158  N  N   . ASP A 1 24  ? 14.841  -2.532  -10.036 1.00 31.67 ? 24  ASP A N   1 
ATOM   159  C  CA  . ASP A 1 24  ? 15.534  -1.834  -11.113 1.00 36.11 ? 24  ASP A CA  1 
ATOM   160  C  C   . ASP A 1 24  ? 15.272  -0.332  -11.122 1.00 40.35 ? 24  ASP A C   1 
ATOM   161  O  O   . ASP A 1 24  ? 15.824  0.372   -11.976 1.00 36.02 ? 24  ASP A O   1 
ATOM   162  C  CB  . ASP A 1 24  ? 15.164  -2.447  -12.475 1.00 34.15 ? 24  ASP A CB  1 
ATOM   163  C  CG  . ASP A 1 24  ? 13.819  -1.966  -13.008 1.00 42.00 ? 24  ASP A CG  1 
ATOM   164  O  OD1 . ASP A 1 24  ? 12.955  -1.527  -12.214 1.00 37.74 ? 24  ASP A OD1 1 
ATOM   165  O  OD2 . ASP A 1 24  ? 13.618  -2.045  -14.239 1.00 41.19 ? 24  ASP A OD2 1 
ATOM   166  N  N   . GLY A 1 25  ? 14.439  0.173   -10.210 1.00 36.67 ? 25  GLY A N   1 
ATOM   167  C  CA  . GLY A 1 25  ? 14.197  1.590   -10.087 1.00 31.53 ? 25  GLY A CA  1 
ATOM   168  C  C   . GLY A 1 25  ? 12.925  2.088   -10.735 1.00 35.94 ? 25  GLY A C   1 
ATOM   169  O  O   . GLY A 1 25  ? 12.585  3.262   -10.563 1.00 31.62 ? 25  GLY A O   1 
ATOM   170  N  N   . THR A 1 26  ? 12.222  1.242   -11.483 1.00 31.71 ? 26  THR A N   1 
ATOM   171  C  CA  . THR A 1 26  ? 10.971  1.620   -12.124 1.00 30.61 ? 26  THR A CA  1 
ATOM   172  C  C   . THR A 1 26  ? 9.927   0.544   -11.859 1.00 27.70 ? 26  THR A C   1 
ATOM   173  O  O   . THR A 1 26  ? 10.236  -0.652  -11.905 1.00 38.51 ? 26  THR A O   1 
ATOM   174  C  CB  . THR A 1 26  ? 11.143  1.802   -13.650 1.00 31.86 ? 26  THR A CB  1 
ATOM   175  O  OG1 . THR A 1 26  ? 11.579  0.568   -14.231 1.00 43.40 ? 26  THR A OG1 1 
ATOM   176  C  CG2 . THR A 1 26  ? 12.159  2.888   -13.962 1.00 38.76 ? 26  THR A CG2 1 
ATOM   177  N  N   . ILE A 1 27  ? 8.699   0.964   -11.584 1.00 23.27 ? 27  ILE A N   1 
ATOM   178  C  CA  . ILE A 1 27  ? 7.572   0.043   -11.514 1.00 22.71 ? 27  ILE A CA  1 
ATOM   179  C  C   . ILE A 1 27  ? 6.918   -0.051  -12.885 1.00 15.08 ? 27  ILE A C   1 
ATOM   180  O  O   . ILE A 1 27  ? 6.564   0.972   -13.485 1.00 22.63 ? 27  ILE A O   1 
ATOM   181  C  CB  . ILE A 1 27  ? 6.557   0.498   -10.463 1.00 18.43 ? 27  ILE A CB  1 
ATOM   182  C  CG1 . ILE A 1 27  ? 7.246   0.712   -9.121  1.00 19.85 ? 27  ILE A CG1 1 
ATOM   183  C  CG2 . ILE A 1 27  ? 5.441   -0.525  -10.344 1.00 23.38 ? 27  ILE A CG2 1 
ATOM   184  C  CD1 . ILE A 1 27  ? 6.473   1.634   -8.204  1.00 22.04 ? 27  ILE A CD1 1 
ATOM   185  N  N   . THR A 1 28  ? 6.742   -1.280  -13.376 1.00 20.94 ? 28  THR A N   1 
ATOM   186  C  CA  . THR A 1 28  ? 6.110   -1.561  -14.658 1.00 22.75 ? 28  THR A CA  1 
ATOM   187  C  C   . THR A 1 28  ? 4.671   -2.012  -14.454 1.00 19.92 ? 28  THR A C   1 
ATOM   188  O  O   . THR A 1 28  ? 4.268   -2.391  -13.356 1.00 22.42 ? 28  THR A O   1 
ATOM   189  C  CB  . THR A 1 28  ? 6.860   -2.666  -15.404 1.00 24.71 ? 28  THR A CB  1 
ATOM   190  O  OG1 . THR A 1 28  ? 6.796   -3.855  -14.615 1.00 27.01 ? 28  THR A OG1 1 
ATOM   191  C  CG2 . THR A 1 28  ? 8.294   -2.289  -15.611 1.00 27.16 ? 28  THR A CG2 1 
ATOM   192  N  N   . THR A 1 29  ? 3.910   -2.044  -15.549 1.00 16.81 ? 29  THR A N   1 
ATOM   193  C  CA  . THR A 1 29  ? 2.564   -2.598  -15.469 1.00 17.71 ? 29  THR A CA  1 
ATOM   194  C  C   . THR A 1 29  ? 2.608   -4.040  -14.990 1.00 14.80 ? 29  THR A C   1 
ATOM   195  O  O   . THR A 1 29  ? 1.723   -4.480  -14.257 1.00 18.10 ? 29  THR A O   1 
ATOM   196  C  CB  . THR A 1 29  ? 1.845   -2.531  -16.810 1.00 24.24 ? 29  THR A CB  1 
ATOM   197  O  OG1 . THR A 1 29  ? 2.623   -3.238  -17.769 1.00 19.83 ? 29  THR A OG1 1 
ATOM   198  C  CG2 . THR A 1 29  ? 1.666   -1.102  -17.263 1.00 19.05 ? 29  THR A CG2 1 
ATOM   199  N  N   . LYS A 1 30  ? 3.634   -4.796  -15.387 1.00 17.42 ? 30  LYS A N   1 
ATOM   200  C  CA  . LYS A 1 30  ? 3.708   -6.179  -14.924 1.00 15.66 ? 30  LYS A CA  1 
ATOM   201  C  C   . LYS A 1 30  ? 3.919   -6.236  -13.412 1.00 20.10 ? 30  LYS A C   1 
ATOM   202  O  O   . LYS A 1 30  ? 3.277   -7.037  -12.721 1.00 23.08 ? 30  LYS A O   1 
ATOM   203  C  CB  . LYS A 1 30  ? 4.809   -6.935  -15.670 1.00 14.45 ? 30  LYS A CB  1 
ATOM   204  C  CG  . LYS A 1 30  ? 4.556   -7.174  -17.159 1.00 16.81 ? 30  LYS A CG  1 
ATOM   205  C  CD  . LYS A 1 30  ? 5.658   -8.054  -17.736 1.00 20.47 ? 30  LYS A CD  1 
ATOM   206  C  CE  . LYS A 1 30  ? 6.910   -7.247  -18.065 1.00 22.64 ? 30  LYS A CE  1 
ATOM   207  N  NZ  . LYS A 1 30  ? 6.639   -6.313  -19.197 1.00 18.34 ? 30  LYS A NZ  1 
ATOM   208  N  N   . GLU A 1 31  ? 4.802   -5.390  -12.877 1.00 16.87 ? 31  GLU A N   1 
ATOM   209  C  CA  . GLU A 1 31  ? 5.026   -5.385  -11.437 1.00 17.48 ? 31  GLU A CA  1 
ATOM   210  C  C   . GLU A 1 31  ? 3.785   -4.892  -10.708 1.00 17.60 ? 31  GLU A C   1 
ATOM   211  O  O   . GLU A 1 31  ? 3.396   -5.448  -9.671  1.00 17.04 ? 31  GLU A O   1 
ATOM   212  C  CB  . GLU A 1 31  ? 6.246   -4.520  -11.097 1.00 19.46 ? 31  GLU A CB  1 
ATOM   213  C  CG  . GLU A 1 31  ? 7.573   -5.203  -11.441 1.00 26.12 ? 31  GLU A CG  1 
ATOM   214  C  CD  . GLU A 1 31  ? 8.791   -4.286  -11.347 1.00 31.44 ? 31  GLU A CD  1 
ATOM   215  O  OE1 . GLU A 1 31  ? 8.700   -3.106  -11.748 1.00 23.76 ? 31  GLU A OE1 1 
ATOM   216  O  OE2 . GLU A 1 31  ? 9.847   -4.760  -10.879 1.00 35.44 ? 31  GLU A OE2 1 
ATOM   217  N  N   . LEU A 1 32  ? 3.134   -3.871  -11.264 1.00 15.08 ? 32  LEU A N   1 
ATOM   218  C  CA  . LEU A 1 32  ? 1.890   -3.359  -10.679 1.00 17.69 ? 32  LEU A CA  1 
ATOM   219  C  C   . LEU A 1 32  ? 0.809   -4.432  -10.683 1.00 16.43 ? 32  LEU A C   1 
ATOM   220  O  O   . LEU A 1 32  ? 0.062   -4.597  -9.708  1.00 14.95 ? 32  LEU A O   1 
ATOM   221  C  CB  . LEU A 1 32  ? 1.417   -2.124  -11.449 1.00 26.25 ? 32  LEU A CB  1 
ATOM   222  C  CG  . LEU A 1 32  ? 0.249   -1.273  -10.940 1.00 31.98 ? 32  LEU A CG  1 
ATOM   223  C  CD1 . LEU A 1 32  ? 0.180   -1.155  -9.402  1.00 22.52 ? 32  LEU A CD1 1 
ATOM   224  C  CD2 . LEU A 1 32  ? 0.257   0.101   -11.598 1.00 36.31 ? 32  LEU A CD2 1 
ATOM   225  N  N   . GLY A 1 33  ? 0.736   -5.207  -11.763 1.00 17.81 ? 33  GLY A N   1 
ATOM   226  C  CA  . GLY A 1 33  ? -0.266  -6.246  -11.833 1.00 19.54 ? 33  GLY A CA  1 
ATOM   227  C  C   . GLY A 1 33  ? 0.015   -7.348  -10.842 1.00 10.04 ? 33  GLY A C   1 
ATOM   228  O  O   . GLY A 1 33  ? -0.912  -7.927  -10.281 1.00 14.12 ? 33  GLY A O   1 
ATOM   229  N  N   . THR A 1 34  ? 1.295   -7.679  -10.649 1.00 16.29 ? 34  THR A N   1 
ATOM   230  C  CA  . THR A 1 34  ? 1.680   -8.714  -9.697  1.00 13.42 ? 34  THR A CA  1 
ATOM   231  C  C   . THR A 1 34  ? 1.309   -8.319  -8.261  1.00 16.76 ? 34  THR A C   1 
ATOM   232  O  O   . THR A 1 34  ? 0.726   -9.118  -7.523  1.00 18.97 ? 34  THR A O   1 
ATOM   233  C  CB  . THR A 1 34  ? 3.185   -8.995  -9.816  1.00 14.95 ? 34  THR A CB  1 
ATOM   234  O  OG1 . THR A 1 34  ? 3.450   -9.629  -11.087 1.00 19.17 ? 34  THR A OG1 1 
ATOM   235  C  CG2 . THR A 1 34  ? 3.677   -9.885  -8.703  1.00 21.62 ? 34  THR A CG2 1 
ATOM   236  N  N   . VAL A 1 35  ? 1.622   -7.079  -7.861  1.00 16.44 ? 35  VAL A N   1 
ATOM   237  C  CA  . VAL A 1 35  ? 1.244   -6.594  -6.529  1.00 17.15 ? 35  VAL A CA  1 
ATOM   238  C  C   . VAL A 1 35  ? -0.260  -6.638  -6.343  1.00 15.97 ? 35  VAL A C   1 
ATOM   239  O  O   . VAL A 1 35  ? -0.762  -7.192  -5.351  1.00 17.84 ? 35  VAL A O   1 
ATOM   240  C  CB  . VAL A 1 35  ? 1.787   -5.174  -6.289  1.00 14.17 ? 35  VAL A CB  1 
ATOM   241  C  CG1 . VAL A 1 35  ? 1.365   -4.677  -4.861  1.00 24.19 ? 35  VAL A CG1 1 
ATOM   242  C  CG2 . VAL A 1 35  ? 3.281   -5.119  -6.467  1.00 22.13 ? 35  VAL A CG2 1 
HETATM 243  N  N   . MSE A 1 36  ? -1.005  -6.056  -7.290  1.00 16.68 ? 36  MSE A N   1 
HETATM 244  C  CA  A MSE A 1 36  ? -2.468  -6.011  -7.209  0.69 18.23 ? 36  MSE A CA  1 
HETATM 245  C  CA  B MSE A 1 36  ? -2.458  -6.005  -7.190  0.31 18.22 ? 36  MSE A CA  1 
HETATM 246  C  C   . MSE A 1 36  ? -3.103  -7.385  -7.094  1.00 18.72 ? 36  MSE A C   1 
HETATM 247  O  O   . MSE A 1 36  ? -4.035  -7.583  -6.355  1.00 18.21 ? 36  MSE A O   1 
HETATM 248  C  CB  A MSE A 1 36  ? -3.063  -5.287  -8.417  0.69 21.12 ? 36  MSE A CB  1 
HETATM 249  C  CB  B MSE A 1 36  ? -3.039  -5.219  -8.350  0.31 21.12 ? 36  MSE A CB  1 
HETATM 250  C  CG  A MSE A 1 36  ? -2.713  -3.835  -8.528  0.69 19.26 ? 36  MSE A CG  1 
HETATM 251  C  CG  B MSE A 1 36  ? -2.739  -3.753  -8.214  0.31 23.62 ? 36  MSE A CG  1 
HETATM 252  SE SE  A MSE A 1 36  ? -3.428  -2.783  -7.034  0.69 47.41 ? 36  MSE A SE  1 
HETATM 253  SE SE  B MSE A 1 36  ? -3.534  -2.516  -9.484  0.31 47.41 ? 36  MSE A SE  1 
HETATM 254  C  CE  A MSE A 1 36  ? -1.764  -2.471  -6.091  0.69 32.83 ? 36  MSE A CE  1 
HETATM 255  C  CE  B MSE A 1 36  ? -5.430  -2.787  -9.082  0.31 34.74 ? 36  MSE A CE  1 
ATOM   256  N  N   . ARG A 1 37  ? -2.587  -8.361  -7.831  1.00 17.28 ? 37  ARG A N   1 
ATOM   257  C  CA  . ARG A 1 37  ? -3.137  -9.696  -7.651  1.00 14.70 ? 37  ARG A CA  1 
ATOM   258  C  C   . ARG A 1 37  ? -2.799  -10.253 -6.269  1.00 17.89 ? 37  ARG A C   1 
ATOM   259  O  O   . ARG A 1 37  ? -3.631  -10.932 -5.654  1.00 19.79 ? 37  ARG A O   1 
ATOM   260  C  CB  . ARG A 1 37  ? -2.672  -10.613 -8.788  1.00 17.62 ? 37  ARG A CB  1 
ATOM   261  C  CG  . ARG A 1 37  ? -3.388  -10.245 -10.080 1.00 16.12 ? 37  ARG A CG  1 
ATOM   262  C  CD  . ARG A 1 37  ? -3.089  -11.285 -11.167 1.00 14.11 ? 37  ARG A CD  1 
ATOM   263  N  NE  . ARG A 1 37  ? -1.703  -11.230 -11.571 1.00 14.18 ? 37  ARG A NE  1 
ATOM   264  C  CZ  . ARG A 1 37  ? -1.210  -10.392 -12.483 1.00 13.48 ? 37  ARG A CZ  1 
ATOM   265  N  NH1 . ARG A 1 37  ? -2.001  -9.499  -13.058 1.00 12.84 ? 37  ARG A NH1 1 
ATOM   266  N  NH2 . ARG A 1 37  ? 0.081   -10.458 -12.816 1.00 13.21 ? 37  ARG A NH2 1 
ATOM   267  N  N   . SER A 1 38  ? -1.600  -9.958  -5.746  1.00 16.03 ? 38  SER A N   1 
ATOM   268  C  CA  . SER A 1 38  ? -1.251  -10.472 -4.429  1.00 16.23 ? 38  SER A CA  1 
ATOM   269  C  C   . SER A 1 38  ? -2.085  -9.820  -3.339  1.00 19.26 ? 38  SER A C   1 
ATOM   270  O  O   . SER A 1 38  ? -2.141  -10.363 -2.233  1.00 19.49 ? 38  SER A O   1 
ATOM   271  C  CB  . SER A 1 38  ? 0.236   -10.281 -4.136  1.00 13.65 ? 38  SER A CB  1 
ATOM   272  O  OG  . SER A 1 38  ? 0.631   -8.942  -3.915  1.00 19.83 ? 38  SER A OG  1 
ATOM   273  N  N   . LEU A 1 39  ? -2.727  -8.685  -3.632  1.00 14.47 ? 39  LEU A N   1 
ATOM   274  C  CA  . LEU A 1 39  ? -3.675  -8.033  -2.733  1.00 13.59 ? 39  LEU A CA  1 
ATOM   275  C  C   . LEU A 1 39  ? -5.131  -8.305  -3.111  1.00 18.56 ? 39  LEU A C   1 
ATOM   276  O  O   . LEU A 1 39  ? -6.018  -7.549  -2.711  1.00 29.28 ? 39  LEU A O   1 
ATOM   277  C  CB  . LEU A 1 39  ? -3.414  -6.531  -2.700  1.00 19.60 ? 39  LEU A CB  1 
ATOM   278  C  CG  . LEU A 1 39  ? -1.988  -6.106  -2.391  1.00 28.42 ? 39  LEU A CG  1 
ATOM   279  C  CD1 . LEU A 1 39  ? -1.801  -4.655  -2.728  1.00 34.49 ? 39  LEU A CD1 1 
ATOM   280  C  CD2 . LEU A 1 39  ? -1.674  -6.352  -0.929  1.00 24.27 ? 39  LEU A CD2 1 
ATOM   281  N  N   . GLY A 1 40  ? -5.393  -9.365  -3.874  1.00 19.37 ? 40  GLY A N   1 
ATOM   282  C  CA  . GLY A 1 40  ? -6.745  -9.795  -4.147  1.00 24.43 ? 40  GLY A CA  1 
ATOM   283  C  C   . GLY A 1 40  ? -7.476  -9.041  -5.236  1.00 17.12 ? 40  GLY A C   1 
ATOM   284  O  O   . GLY A 1 40  ? -8.689  -9.240  -5.400  1.00 24.46 ? 40  GLY A O   1 
ATOM   285  N  N   . GLN A 1 41  ? -6.799  -8.172  -5.978  1.00 18.57 ? 41  GLN A N   1 
ATOM   286  C  CA  . GLN A 1 41  ? -7.422  -7.414  -7.055  1.00 15.67 ? 41  GLN A CA  1 
ATOM   287  C  C   . GLN A 1 41  ? -7.111  -8.082  -8.394  1.00 18.90 ? 41  GLN A C   1 
ATOM   288  O  O   . GLN A 1 41  ? -6.283  -8.986  -8.470  1.00 17.52 ? 41  GLN A O   1 
ATOM   289  C  CB  . GLN A 1 41  ? -6.936  -5.972  -7.021  1.00 21.10 ? 41  GLN A CB  1 
ATOM   290  C  CG  . GLN A 1 41  ? -6.913  -5.383  -5.598  1.00 18.57 ? 41  GLN A CG  1 
ATOM   291  C  CD  . GLN A 1 41  ? -8.274  -5.439  -4.899  1.00 26.03 ? 41  GLN A CD  1 
ATOM   292  O  OE1 . GLN A 1 41  ? -9.261  -4.917  -5.412  1.00 29.64 ? 41  GLN A OE1 1 
ATOM   293  N  NE2 . GLN A 1 41  ? -8.327  -6.061  -3.718  1.00 16.65 ? 41  GLN A NE2 1 
ATOM   294  N  N   . ASN A 1 42  ? -7.808  -7.651  -9.452  1.00 19.40 ? 42  ASN A N   1 
ATOM   295  C  CA  . ASN A 1 42  ? -7.625  -8.277  -10.754 1.00 17.76 ? 42  ASN A CA  1 
ATOM   296  C  C   . ASN A 1 42  ? -7.739  -7.250  -11.875 1.00 16.34 ? 42  ASN A C   1 
ATOM   297  O  O   . ASN A 1 42  ? -8.643  -7.353  -12.711 1.00 16.40 ? 42  ASN A O   1 
ATOM   298  C  CB  . ASN A 1 42  ? -8.662  -9.381  -10.964 1.00 21.11 ? 42  ASN A CB  1 
ATOM   299  C  CG  . ASN A 1 42  ? -8.355  -10.243 -12.166 1.00 24.08 ? 42  ASN A CG  1 
ATOM   300  O  OD1 . ASN A 1 42  ? -7.204  -10.347 -12.586 1.00 28.99 ? 42  ASN A OD1 1 
ATOM   301  N  ND2 . ASN A 1 42  ? -9.381  -10.875 -12.720 1.00 36.17 ? 42  ASN A ND2 1 
ATOM   302  N  N   . PRO A 1 43  ? -6.842  -6.266  -11.931 1.00 19.07 ? 43  PRO A N   1 
ATOM   303  C  CA  . PRO A 1 43  ? -6.898  -5.268  -13.004 1.00 16.44 ? 43  PRO A CA  1 
ATOM   304  C  C   . PRO A 1 43  ? -6.581  -5.881  -14.361 1.00 21.35 ? 43  PRO A C   1 
ATOM   305  O  O   . PRO A 1 43  ? -5.821  -6.846  -14.482 1.00 16.56 ? 43  PRO A O   1 
ATOM   306  C  CB  . PRO A 1 43  ? -5.825  -4.256  -12.597 1.00 18.70 ? 43  PRO A CB  1 
ATOM   307  C  CG  . PRO A 1 43  ? -4.796  -5.109  -11.851 1.00 23.50 ? 43  PRO A CG  1 
ATOM   308  C  CD  . PRO A 1 43  ? -5.616  -6.152  -11.106 1.00 18.55 ? 43  PRO A CD  1 
ATOM   309  N  N   . THR A 1 44  ? -7.193  -5.312  -15.395 1.00 23.52 ? 44  THR A N   1 
ATOM   310  C  CA  . THR A 1 44  ? -6.848  -5.647  -16.768 1.00 20.68 ? 44  THR A CA  1 
ATOM   311  C  C   . THR A 1 44  ? -5.566  -4.939  -17.190 1.00 18.92 ? 44  THR A C   1 
ATOM   312  O  O   . THR A 1 44  ? -5.076  -4.021  -16.529 1.00 19.15 ? 44  THR A O   1 
ATOM   313  C  CB  . THR A 1 44  ? -7.969  -5.259  -17.730 1.00 25.39 ? 44  THR A CB  1 
ATOM   314  O  OG1 . THR A 1 44  ? -8.002  -3.829  -17.856 1.00 18.71 ? 44  THR A OG1 1 
ATOM   315  C  CG2 . THR A 1 44  ? -9.310  -5.778  -17.233 1.00 27.88 ? 44  THR A CG2 1 
ATOM   316  N  N   . GLU A 1 45  ? -4.995  -5.394  -18.306 1.00 20.15 ? 45  GLU A N   1 
ATOM   317  C  CA  . GLU A 1 45  ? -3.740  -4.774  -18.793 1.00 13.19 ? 45  GLU A CA  1 
ATOM   318  C  C   . GLU A 1 45  ? -3.984  -3.285  -19.051 1.00 26.49 ? 45  GLU A C   1 
ATOM   319  O  O   . GLU A 1 45  ? -3.085  -2.489  -18.753 1.00 29.90 ? 45  GLU A O   1 
ATOM   320  C  CB  . GLU A 1 45  ? -3.243  -5.474  -20.059 1.00 25.00 ? 45  GLU A CB  1 
ATOM   321  C  CG  . GLU A 1 45  ? -4.029  -5.108  -21.301 1.00 25.00 ? 45  GLU A CG  1 
ATOM   322  C  CD  . GLU A 1 45  ? -5.429  -5.692  -21.340 1.00 30.90 ? 45  GLU A CD  1 
ATOM   323  O  OE1 . GLU A 1 45  ? -5.552  -6.913  -21.539 1.00 43.85 ? 45  GLU A OE1 1 
ATOM   324  O  OE2 . GLU A 1 45  ? -6.387  -4.925  -21.166 1.00 59.16 ? 45  GLU A OE2 1 
ATOM   325  N  N   . ALA A 1 46  ? -5.176  -2.933  -19.537 1.00 20.29 ? 46  ALA A N   1 
ATOM   326  C  CA  . ALA A 1 46  ? -5.437  -1.541  -19.878 1.00 27.52 ? 46  ALA A CA  1 
ATOM   327  C  C   . ALA A 1 46  ? -5.661  -0.712  -18.632 1.00 19.90 ? 46  ALA A C   1 
ATOM   328  O  O   . ALA A 1 46  ? -5.251  0.450   -18.587 1.00 25.35 ? 46  ALA A O   1 
ATOM   329  C  CB  . ALA A 1 46  ? -6.639  -1.423  -20.818 1.00 20.89 ? 46  ALA A CB  1 
ATOM   330  N  N   . GLU A 1 47  ? -6.278  -1.297  -17.607 1.00 18.56 ? 47  GLU A N   1 
ATOM   331  C  CA  . GLU A 1 47  ? -6.391  -0.594  -16.330 1.00 28.81 ? 47  GLU A CA  1 
ATOM   332  C  C   . GLU A 1 47  ? -5.016  -0.345  -15.726 1.00 26.37 ? 47  GLU A C   1 
ATOM   333  O  O   . GLU A 1 47  ? -4.759  0.730   -15.164 1.00 23.61 ? 47  GLU A O   1 
ATOM   334  C  CB  . GLU A 1 47  ? -7.277  -1.385  -15.371 1.00 21.27 ? 47  GLU A CB  1 
ATOM   335  C  CG  . GLU A 1 47  ? -8.722  -1.447  -15.793 1.00 32.19 ? 47  GLU A CG  1 
ATOM   336  C  CD  . GLU A 1 47  ? -9.535  -2.449  -15.006 1.00 27.38 ? 47  GLU A CD  1 
ATOM   337  O  OE1 . GLU A 1 47  ? -8.951  -3.259  -14.252 1.00 23.56 ? 47  GLU A OE1 1 
ATOM   338  O  OE2 . GLU A 1 47  ? -10.774 -2.424  -15.148 1.00 39.27 ? 47  GLU A OE2 1 
ATOM   339  N  N   . LEU A 1 48  ? -4.109  -1.321  -15.833 1.00 20.53 ? 48  LEU A N   1 
ATOM   340  C  CA  . LEU A 1 48  ? -2.756  -1.103  -15.342 1.00 28.04 ? 48  LEU A CA  1 
ATOM   341  C  C   . LEU A 1 48  ? -2.086  0.041   -16.085 1.00 20.03 ? 48  LEU A C   1 
ATOM   342  O  O   . LEU A 1 48  ? -1.382  0.859   -15.479 1.00 26.40 ? 48  LEU A O   1 
ATOM   343  C  CB  . LEU A 1 48  ? -1.922  -2.378  -15.468 1.00 19.51 ? 48  LEU A CB  1 
ATOM   344  C  CG  . LEU A 1 48  ? -2.352  -3.521  -14.568 1.00 14.96 ? 48  LEU A CG  1 
ATOM   345  C  CD1 . LEU A 1 48  ? -1.686  -4.830  -15.005 1.00 18.08 ? 48  LEU A CD1 1 
ATOM   346  C  CD2 . LEU A 1 48  ? -1.994  -3.231  -13.114 1.00 11.72 ? 48  LEU A CD2 1 
ATOM   347  N  N   . GLN A 1 49  ? -2.300  0.127   -17.392 1.00 20.95 ? 49  GLN A N   1 
ATOM   348  C  CA  . GLN A 1 49  ? -1.695  1.218   -18.139 1.00 19.77 ? 49  GLN A CA  1 
ATOM   349  C  C   . GLN A 1 49  ? -2.303  2.548   -17.727 1.00 22.17 ? 49  GLN A C   1 
ATOM   350  O  O   . GLN A 1 49  ? -1.582  3.539   -17.570 1.00 30.16 ? 49  GLN A O   1 
ATOM   351  C  CB  . GLN A 1 49  ? -1.861  0.985   -19.641 1.00 21.10 ? 49  GLN A CB  1 
ATOM   352  C  CG  . GLN A 1 49  ? -0.942  -0.102  -20.199 1.00 21.58 ? 49  GLN A CG  1 
ATOM   353  C  CD  . GLN A 1 49  ? -1.238  -0.426  -21.665 1.00 15.76 ? 49  GLN A CD  1 
ATOM   354  O  OE1 . GLN A 1 49  ? -2.380  -0.639  -22.045 1.00 22.10 ? 49  GLN A OE1 1 
ATOM   355  N  NE2 . GLN A 1 49  ? -0.204  -0.456  -22.477 1.00 18.54 ? 49  GLN A NE2 1 
ATOM   356  N  N   . ASP A 1 50  ? -3.622  2.571   -17.525 1.00 20.32 ? 50  ASP A N   1 
ATOM   357  C  CA  . ASP A 1 50  ? -4.304  3.787   -17.084 1.00 25.74 ? 50  ASP A CA  1 
ATOM   358  C  C   . ASP A 1 50  ? -3.747  4.275   -15.753 1.00 26.56 ? 50  ASP A C   1 
ATOM   359  O  O   . ASP A 1 50  ? -3.422  5.458   -15.592 1.00 27.50 ? 50  ASP A O   1 
ATOM   360  C  CB  . ASP A 1 50  ? -5.805  3.534   -16.969 1.00 27.05 ? 50  ASP A CB  1 
ATOM   361  C  CG  . ASP A 1 50  ? -6.502  3.531   -18.313 1.00 30.57 ? 50  ASP A CG  1 
ATOM   362  O  OD1 . ASP A 1 50  ? -5.831  3.796   -19.329 1.00 38.18 ? 50  ASP A OD1 1 
ATOM   363  O  OD2 . ASP A 1 50  ? -7.722  3.273   -18.348 1.00 39.11 ? 50  ASP A OD2 1 
HETATM 364  N  N   . MSE A 1 51  ? -3.619  3.378   -14.790 1.00 22.65 ? 51  MSE A N   1 
HETATM 365  C  CA  . MSE A 1 51  ? -3.054  3.753   -13.501 1.00 23.70 ? 51  MSE A CA  1 
HETATM 366  C  C   . MSE A 1 51  ? -1.668  4.367   -13.634 1.00 26.46 ? 51  MSE A C   1 
HETATM 367  O  O   . MSE A 1 51  ? -1.396  5.400   -13.033 1.00 32.61 ? 51  MSE A O   1 
HETATM 368  C  CB  . MSE A 1 51  ? -2.987  2.547   -12.582 1.00 26.62 ? 51  MSE A CB  1 
HETATM 369  C  CG  . MSE A 1 51  ? -4.334  2.045   -12.189 1.00 34.56 ? 51  MSE A CG  1 
HETATM 370  SE SE  . MSE A 1 51  ? -4.159  0.313   -11.332 1.00 49.77 ? 51  MSE A SE  1 
HETATM 371  C  CE  . MSE A 1 51  ? -5.886  -0.402  -11.875 1.00 36.57 ? 51  MSE A CE  1 
ATOM   372  N  N   . ILE A 1 52  ? -0.798  3.747   -14.435 1.00 25.03 ? 52  ILE A N   1 
ATOM   373  C  CA  . ILE A 1 52  ? 0.563   4.260   -14.566 1.00 24.58 ? 52  ILE A CA  1 
ATOM   374  C  C   . ILE A 1 52  ? 0.559   5.585   -15.311 1.00 28.32 ? 52  ILE A C   1 
ATOM   375  O  O   . ILE A 1 52  ? 1.301   6.512   -14.961 1.00 28.35 ? 52  ILE A O   1 
ATOM   376  C  CB  . ILE A 1 52  ? 1.475   3.221   -15.247 1.00 28.20 ? 52  ILE A CB  1 
ATOM   377  C  CG1 . ILE A 1 52  ? 1.801   2.092   -14.270 1.00 22.87 ? 52  ILE A CG1 1 
ATOM   378  C  CG2 . ILE A 1 52  ? 2.759   3.859   -15.764 1.00 21.51 ? 52  ILE A CG2 1 
ATOM   379  C  CD1 . ILE A 1 52  ? 3.019   1.256   -14.664 1.00 26.06 ? 52  ILE A CD1 1 
ATOM   380  N  N   . ASN A 1 53  ? -0.285  5.706   -16.333 1.00 31.96 ? 53  ASN A N   1 
ATOM   381  C  CA  . ASN A 1 53  ? -0.274  6.913   -17.141 1.00 31.39 ? 53  ASN A CA  1 
ATOM   382  C  C   . ASN A 1 53  ? -0.737  8.129   -16.358 1.00 33.37 ? 53  ASN A C   1 
ATOM   383  O  O   . ASN A 1 53  ? -0.359  9.252   -16.704 1.00 35.44 ? 53  ASN A O   1 
ATOM   384  C  CB  . ASN A 1 53  ? -1.146  6.736   -18.373 1.00 31.05 ? 53  ASN A CB  1 
ATOM   385  C  CG  . ASN A 1 53  ? -0.937  7.838   -19.371 1.00 37.11 ? 53  ASN A CG  1 
ATOM   386  O  OD1 . ASN A 1 53  ? -1.829  8.648   -19.614 1.00 44.03 ? 53  ASN A OD1 1 
ATOM   387  N  ND2 . ASN A 1 53  ? 0.265   7.897   -19.939 1.00 36.81 ? 53  ASN A ND2 1 
ATOM   388  N  N   . GLU A 1 54  ? -1.529  7.927   -15.306 1.00 28.57 ? 54  GLU A N   1 
ATOM   389  C  CA  . GLU A 1 54  ? -2.042  9.033   -14.510 1.00 40.89 ? 54  GLU A CA  1 
ATOM   390  C  C   . GLU A 1 54  ? -0.942  9.777   -13.763 1.00 40.93 ? 54  GLU A C   1 
ATOM   391  O  O   . GLU A 1 54  ? -1.189  10.896  -13.302 1.00 45.76 ? 54  GLU A O   1 
ATOM   392  C  CB  . GLU A 1 54  ? -3.097  8.523   -13.524 1.00 32.23 ? 54  GLU A CB  1 
ATOM   393  C  CG  . GLU A 1 54  ? -4.163  9.549   -13.165 1.00 48.90 ? 54  GLU A CG  1 
ATOM   394  C  CD  . GLU A 1 54  ? -3.974  10.127  -11.776 1.00 55.98 ? 54  GLU A CD  1 
ATOM   395  O  OE1 . GLU A 1 54  ? -3.615  9.357   -10.855 1.00 57.65 ? 54  GLU A OE1 1 
ATOM   396  O  OE2 . GLU A 1 54  ? -4.181  11.349  -11.603 1.00 57.09 ? 54  GLU A OE2 1 
ATOM   397  N  N   . VAL A 1 55  ? 0.258   9.199   -13.654 1.00 30.73 ? 55  VAL A N   1 
ATOM   398  C  CA  . VAL A 1 55  ? 1.369   9.828   -12.946 1.00 37.18 ? 55  VAL A CA  1 
ATOM   399  C  C   . VAL A 1 55  ? 2.662   9.664   -13.728 1.00 32.29 ? 55  VAL A C   1 
ATOM   400  O  O   . VAL A 1 55  ? 3.740   10.006  -13.233 1.00 31.38 ? 55  VAL A O   1 
ATOM   401  C  CB  . VAL A 1 55  ? 1.534   9.251   -11.528 1.00 30.40 ? 55  VAL A CB  1 
ATOM   402  C  CG1 . VAL A 1 55  ? 0.553   9.899   -10.569 1.00 38.11 ? 55  VAL A CG1 1 
ATOM   403  C  CG2 . VAL A 1 55  ? 1.355   7.744   -11.547 1.00 32.94 ? 55  VAL A CG2 1 
ATOM   404  N  N   . ASP A 1 56  ? 2.577   9.126   -14.942 1.00 29.15 ? 56  ASP A N   1 
ATOM   405  C  CA  . ASP A 1 56  ? 3.757   8.948   -15.788 1.00 28.52 ? 56  ASP A CA  1 
ATOM   406  C  C   . ASP A 1 56  ? 4.116   10.301  -16.384 1.00 36.35 ? 56  ASP A C   1 
ATOM   407  O  O   . ASP A 1 56  ? 3.605   10.700  -17.429 1.00 47.79 ? 56  ASP A O   1 
ATOM   408  C  CB  . ASP A 1 56  ? 3.493   7.909   -16.873 1.00 33.26 ? 56  ASP A CB  1 
ATOM   409  C  CG  . ASP A 1 56  ? 4.745   7.543   -17.684 1.00 32.98 ? 56  ASP A CG  1 
ATOM   410  O  OD1 . ASP A 1 56  ? 5.880   7.784   -17.240 1.00 27.28 ? 56  ASP A OD1 1 
ATOM   411  O  OD2 . ASP A 1 56  ? 4.585   6.992   -18.791 1.00 30.20 ? 56  ASP A OD2 1 
ATOM   412  N  N   . ALA A 1 57  ? 5.035   11.001  -15.721 1.00 36.36 ? 57  ALA A N   1 
ATOM   413  C  CA  . ALA A 1 57  ? 5.360   12.365  -16.122 1.00 42.82 ? 57  ALA A CA  1 
ATOM   414  C  C   . ALA A 1 57  ? 6.101   12.392  -17.450 1.00 34.20 ? 57  ALA A C   1 
ATOM   415  O  O   . ALA A 1 57  ? 5.730   13.144  -18.359 1.00 45.23 ? 57  ALA A O   1 
ATOM   416  C  CB  . ALA A 1 57  ? 6.177   13.052  -15.025 1.00 41.94 ? 57  ALA A CB  1 
ATOM   417  N  N   . ASP A 1 58  ? 7.151   11.581  -17.585 1.00 41.39 ? 58  ASP A N   1 
ATOM   418  C  CA  . ASP A 1 58  ? 8.025   11.610  -18.751 1.00 38.95 ? 58  ASP A CA  1 
ATOM   419  C  C   . ASP A 1 58  ? 7.589   10.652  -19.856 1.00 38.00 ? 58  ASP A C   1 
ATOM   420  O  O   . ASP A 1 58  ? 8.343   10.453  -20.815 1.00 39.08 ? 58  ASP A O   1 
ATOM   421  C  CB  . ASP A 1 58  ? 9.468   11.301  -18.336 1.00 38.61 ? 58  ASP A CB  1 
ATOM   422  C  CG  . ASP A 1 58  ? 9.634   9.903   -17.767 1.00 39.74 ? 58  ASP A CG  1 
ATOM   423  O  OD1 . ASP A 1 58  ? 8.618   9.201   -17.576 1.00 38.05 ? 58  ASP A OD1 1 
ATOM   424  O  OD2 . ASP A 1 58  ? 10.792  9.499   -17.519 1.00 41.15 ? 58  ASP A OD2 1 
ATOM   425  N  N   . GLY A 1 59  ? 6.420   10.028  -19.720 1.00 42.39 ? 59  GLY A N   1 
ATOM   426  C  CA  . GLY A 1 59  ? 5.857   9.212   -20.787 1.00 38.83 ? 59  GLY A CA  1 
ATOM   427  C  C   . GLY A 1 59  ? 6.679   8.013   -21.212 1.00 38.83 ? 59  GLY A C   1 
ATOM   428  O  O   . GLY A 1 59  ? 6.588   7.591   -22.371 1.00 43.55 ? 59  GLY A O   1 
ATOM   429  N  N   . ASN A 1 60  ? 7.478   7.442   -20.320 1.00 29.96 ? 60  ASN A N   1 
ATOM   430  C  CA  . ASN A 1 60  ? 8.219   6.241   -20.674 1.00 31.71 ? 60  ASN A CA  1 
ATOM   431  C  C   . ASN A 1 60  ? 7.489   4.966   -20.269 1.00 27.00 ? 60  ASN A C   1 
ATOM   432  O  O   . ASN A 1 60  ? 8.060   3.876   -20.380 1.00 36.00 ? 60  ASN A O   1 
ATOM   433  C  CB  . ASN A 1 60  ? 9.632   6.280   -20.077 1.00 37.53 ? 60  ASN A CB  1 
ATOM   434  C  CG  . ASN A 1 60  ? 9.647   6.130   -18.569 1.00 33.84 ? 60  ASN A CG  1 
ATOM   435  O  OD1 . ASN A 1 60  ? 8.634   6.287   -17.904 1.00 28.83 ? 60  ASN A OD1 1 
ATOM   436  N  ND2 . ASN A 1 60  ? 10.816  5.834   -18.027 1.00 36.87 ? 60  ASN A ND2 1 
ATOM   437  N  N   . GLY A 1 61  ? 6.243   5.082   -19.811 1.00 28.84 ? 61  GLY A N   1 
ATOM   438  C  CA  . GLY A 1 61  ? 5.403   3.941   -19.498 1.00 28.52 ? 61  GLY A CA  1 
ATOM   439  C  C   . GLY A 1 61  ? 5.676   3.239   -18.179 1.00 26.86 ? 61  GLY A C   1 
ATOM   440  O  O   . GLY A 1 61  ? 5.011   2.238   -17.889 1.00 21.00 ? 61  GLY A O   1 
ATOM   441  N  N   . THR A 1 62  ? 6.636   3.705   -17.387 1.00 28.78 ? 62  THR A N   1 
ATOM   442  C  CA  . THR A 1 62  ? 6.935   3.126   -16.082 1.00 21.49 ? 62  THR A CA  1 
ATOM   443  C  C   . THR A 1 62  ? 6.960   4.238   -15.045 1.00 26.01 ? 62  THR A C   1 
ATOM   444  O  O   . THR A 1 62  ? 6.924   5.422   -15.377 1.00 26.72 ? 62  THR A O   1 
ATOM   445  C  CB  . THR A 1 62  ? 8.271   2.380   -16.073 1.00 27.47 ? 62  THR A CB  1 
ATOM   446  O  OG1 . THR A 1 62  ? 9.344   3.311   -16.269 1.00 28.92 ? 62  THR A OG1 1 
ATOM   447  C  CG2 . THR A 1 62  ? 8.303   1.302   -17.150 1.00 27.43 ? 62  THR A CG2 1 
ATOM   448  N  N   . ILE A 1 63  ? 7.037   3.852   -13.775 1.00 20.89 ? 63  ILE A N   1 
ATOM   449  C  CA  . ILE A 1 63  ? 6.970   4.795   -12.663 1.00 24.29 ? 63  ILE A CA  1 
ATOM   450  C  C   . ILE A 1 63  ? 8.277   4.749   -11.887 1.00 15.08 ? 63  ILE A C   1 
ATOM   451  O  O   . ILE A 1 63  ? 8.637   3.709   -11.319 1.00 20.05 ? 63  ILE A O   1 
ATOM   452  C  CB  . ILE A 1 63  ? 5.786   4.494   -11.737 1.00 18.93 ? 63  ILE A CB  1 
ATOM   453  C  CG1 . ILE A 1 63  ? 4.479   4.766   -12.460 1.00 19.23 ? 63  ILE A CG1 1 
ATOM   454  C  CG2 . ILE A 1 63  ? 5.887   5.339   -10.497 1.00 22.99 ? 63  ILE A CG2 1 
ATOM   455  C  CD1 . ILE A 1 63  ? 3.284   4.294   -11.691 1.00 33.63 ? 63  ILE A CD1 1 
ATOM   456  N  N   . ASP A 1 64  ? 8.984   5.879   -11.845 1.00 21.48 ? 64  ASP A N   1 
ATOM   457  C  CA  . ASP A 1 64  ? 10.175  5.980   -11.014 1.00 24.83 ? 64  ASP A CA  1 
ATOM   458  C  C   . ASP A 1 64  ? 9.816   6.563   -9.640  1.00 20.23 ? 64  ASP A C   1 
ATOM   459  O  O   . ASP A 1 64  ? 8.665   6.902   -9.363  1.00 23.98 ? 64  ASP A O   1 
ATOM   460  C  CB  . ASP A 1 64  ? 11.262  6.806   -11.711 1.00 29.52 ? 64  ASP A CB  1 
ATOM   461  C  CG  . ASP A 1 64  ? 10.814  8.230   -12.057 1.00 31.85 ? 64  ASP A CG  1 
ATOM   462  O  OD1 . ASP A 1 64  ? 9.796   8.717   -11.526 1.00 25.18 ? 64  ASP A OD1 1 
ATOM   463  O  OD2 . ASP A 1 64  ? 11.499  8.872   -12.883 1.00 37.05 ? 64  ASP A OD2 1 
ATOM   464  N  N   . PHE A 1 65  ? 10.815  6.663   -8.762  1.00 27.18 ? 65  PHE A N   1 
ATOM   465  C  CA  . PHE A 1 65  ? 10.547  7.134   -7.402  1.00 25.66 ? 65  PHE A CA  1 
ATOM   466  C  C   . PHE A 1 65  ? 9.937   8.532   -7.358  1.00 19.61 ? 65  PHE A C   1 
ATOM   467  O  O   . PHE A 1 65  ? 8.972   8.721   -6.596  1.00 20.51 ? 65  PHE A O   1 
ATOM   468  C  CB  . PHE A 1 65  ? 11.825  7.067   -6.556  1.00 23.29 ? 65  PHE A CB  1 
ATOM   469  C  CG  . PHE A 1 65  ? 11.589  7.321   -5.084  1.00 18.98 ? 65  PHE A CG  1 
ATOM   470  C  CD1 . PHE A 1 65  ? 10.788  6.473   -4.332  1.00 23.82 ? 65  PHE A CD1 1 
ATOM   471  C  CD2 . PHE A 1 65  ? 12.163  8.403   -4.460  1.00 27.83 ? 65  PHE A CD2 1 
ATOM   472  C  CE1 . PHE A 1 65  ? 10.569  6.714   -2.969  1.00 23.83 ? 65  PHE A CE1 1 
ATOM   473  C  CE2 . PHE A 1 65  ? 11.948  8.649   -3.111  1.00 25.28 ? 65  PHE A CE2 1 
ATOM   474  C  CZ  . PHE A 1 65  ? 11.152  7.802   -2.367  1.00 23.19 ? 65  PHE A CZ  1 
ATOM   475  N  N   . PRO A 1 66  ? 10.412  9.531   -8.114  1.00 25.82 ? 66  PRO A N   1 
ATOM   476  C  CA  . PRO A 1 66  ? 9.748   10.848  -8.066  1.00 27.42 ? 66  PRO A CA  1 
ATOM   477  C  C   . PRO A 1 66  ? 8.292   10.797  -8.489  1.00 22.99 ? 66  PRO A C   1 
ATOM   478  O  O   . PRO A 1 66  ? 7.432   11.412  -7.843  1.00 26.39 ? 66  PRO A O   1 
ATOM   479  C  CB  . PRO A 1 66  ? 10.591  11.699  -9.026  1.00 27.31 ? 66  PRO A CB  1 
ATOM   480  C  CG  . PRO A 1 66  ? 11.889  11.016  -9.108  1.00 30.82 ? 66  PRO A CG  1 
ATOM   481  C  CD  . PRO A 1 66  ? 11.617  9.563   -8.961  1.00 25.84 ? 66  PRO A CD  1 
ATOM   482  N  N   . GLU A 1 67  ? 7.992   10.087  -9.577  1.00 22.64 ? 67  GLU A N   1 
ATOM   483  C  CA  . GLU A 1 67  ? 6.602   9.948   -9.999  1.00 21.91 ? 67  GLU A CA  1 
ATOM   484  C  C   . GLU A 1 67  ? 5.786   9.232   -8.932  1.00 18.34 ? 67  GLU A C   1 
ATOM   485  O  O   . GLU A 1 67  ? 4.623   9.574   -8.683  1.00 24.78 ? 67  GLU A O   1 
ATOM   486  C  CB  . GLU A 1 67  ? 6.545   9.206   -11.337 1.00 23.74 ? 67  GLU A CB  1 
ATOM   487  C  CG  . GLU A 1 67  ? 7.176   9.975   -12.504 1.00 22.55 ? 67  GLU A CG  1 
ATOM   488  C  CD  . GLU A 1 67  ? 7.404   9.118   -13.758 1.00 36.93 ? 67  GLU A CD  1 
ATOM   489  O  OE1 . GLU A 1 67  ? 7.516   7.883   -13.639 1.00 21.32 ? 67  GLU A OE1 1 
ATOM   490  O  OE2 . GLU A 1 67  ? 7.495   9.687   -14.873 1.00 35.21 ? 67  GLU A OE2 1 
ATOM   491  N  N   . PHE A 1 68  ? 6.394   8.244   -8.273  1.00 19.80 ? 68  PHE A N   1 
ATOM   492  C  CA  . PHE A 1 68  ? 5.718   7.557   -7.178  1.00 22.90 ? 68  PHE A CA  1 
ATOM   493  C  C   . PHE A 1 68  ? 5.379   8.519   -6.039  1.00 22.42 ? 68  PHE A C   1 
ATOM   494  O  O   . PHE A 1 68  ? 4.278   8.470   -5.482  1.00 23.05 ? 68  PHE A O   1 
ATOM   495  C  CB  . PHE A 1 68  ? 6.595   6.411   -6.682  1.00 19.28 ? 68  PHE A CB  1 
ATOM   496  C  CG  . PHE A 1 68  ? 5.950   5.564   -5.628  1.00 26.69 ? 68  PHE A CG  1 
ATOM   497  C  CD1 . PHE A 1 68  ? 5.089   4.534   -5.977  1.00 23.94 ? 68  PHE A CD1 1 
ATOM   498  C  CD2 . PHE A 1 68  ? 6.258   5.751   -4.290  1.00 21.14 ? 68  PHE A CD2 1 
ATOM   499  C  CE1 . PHE A 1 68  ? 4.516   3.728   -5.002  1.00 30.26 ? 68  PHE A CE1 1 
ATOM   500  C  CE2 . PHE A 1 68  ? 5.684   4.947   -3.304  1.00 26.72 ? 68  PHE A CE2 1 
ATOM   501  C  CZ  . PHE A 1 68  ? 4.811   3.937   -3.663  1.00 27.66 ? 68  PHE A CZ  1 
ATOM   502  N  N   . LEU A 1 69  ? 6.307   9.406   -5.690  1.00 17.97 ? 69  LEU A N   1 
ATOM   503  C  CA  . LEU A 1 69  ? 6.028   10.386  -4.646  1.00 20.61 ? 69  LEU A CA  1 
ATOM   504  C  C   . LEU A 1 69  ? 4.914   11.332  -5.059  1.00 30.49 ? 69  LEU A C   1 
ATOM   505  O  O   . LEU A 1 69  ? 4.058   11.676  -4.241  1.00 30.07 ? 69  LEU A O   1 
ATOM   506  C  CB  . LEU A 1 69  ? 7.285   11.184  -4.325  1.00 27.00 ? 69  LEU A CB  1 
ATOM   507  C  CG  . LEU A 1 69  ? 8.419   10.451  -3.617  1.00 29.91 ? 69  LEU A CG  1 
ATOM   508  C  CD1 . LEU A 1 69  ? 9.611   11.375  -3.507  1.00 32.91 ? 69  LEU A CD1 1 
ATOM   509  C  CD2 . LEU A 1 69  ? 7.985   9.977   -2.237  1.00 26.46 ? 69  LEU A CD2 1 
ATOM   510  N  N   . THR A 1 70  ? 4.928   11.794  -6.313  1.00 23.76 ? 70  THR A N   1 
ATOM   511  C  CA  . THR A 1 70  ? 3.906   12.737  -6.752  1.00 24.69 ? 70  THR A CA  1 
ATOM   512  C  C   . THR A 1 70  ? 2.530   12.104  -6.690  1.00 33.09 ? 70  THR A C   1 
ATOM   513  O  O   . THR A 1 70  ? 1.544   12.784  -6.389  1.00 40.23 ? 70  THR A O   1 
ATOM   514  C  CB  . THR A 1 70  ? 4.213   13.237  -8.162  1.00 33.68 ? 70  THR A CB  1 
ATOM   515  O  OG1 . THR A 1 70  ? 5.459   13.937  -8.141  1.00 30.18 ? 70  THR A OG1 1 
ATOM   516  C  CG2 . THR A 1 70  ? 3.143   14.196  -8.638  1.00 38.17 ? 70  THR A CG2 1 
HETATM 517  N  N   . MSE A 1 71  ? 2.450   10.805  -6.929  1.00 32.52 ? 71  MSE A N   1 
HETATM 518  C  CA  . MSE A 1 71  ? 1.198   10.088  -6.769  1.00 32.73 ? 71  MSE A CA  1 
HETATM 519  C  C   . MSE A 1 71  ? 0.746   10.099  -5.310  1.00 36.34 ? 71  MSE A C   1 
HETATM 520  O  O   . MSE A 1 71  ? -0.438  10.282  -5.016  1.00 38.40 ? 71  MSE A O   1 
HETATM 521  C  CB  . MSE A 1 71  ? 1.352   8.663   -7.265  1.00 32.09 ? 71  MSE A CB  1 
HETATM 522  C  CG  . MSE A 1 71  ? 0.089   7.854   -7.185  1.00 44.69 ? 71  MSE A CG  1 
HETATM 523  SE SE  . MSE A 1 71  ? 0.492   6.034   -7.683  1.00 62.06 ? 71  MSE A SE  1 
HETATM 524  C  CE  . MSE A 1 71  ? 1.586   5.522   -6.141  1.00 44.08 ? 71  MSE A CE  1 
HETATM 525  N  N   . MSE A 1 72  ? 1.697   9.905   -4.402  1.00 33.00 ? 72  MSE A N   1 
HETATM 526  C  CA  . MSE A 1 72  ? 1.419   10.018  -2.972  1.00 36.00 ? 72  MSE A CA  1 
HETATM 527  C  C   . MSE A 1 72  ? 0.764   11.344  -2.639  1.00 36.34 ? 72  MSE A C   1 
HETATM 528  O  O   . MSE A 1 72  ? -0.347  11.378  -2.114  1.00 45.82 ? 72  MSE A O   1 
HETATM 529  C  CB  . MSE A 1 72  ? 2.699   9.864   -2.154  1.00 39.85 ? 72  MSE A CB  1 
HETATM 530  C  CG  . MSE A 1 72  ? 3.467   8.601   -2.431  1.00 42.93 ? 72  MSE A CG  1 
HETATM 531  SE SE  . MSE A 1 72  ? 2.796   7.140   -1.354  1.00 74.30 ? 72  MSE A SE  1 
HETATM 532  C  CE  . MSE A 1 72  ? 1.218   6.686   -2.389  1.00 42.48 ? 72  MSE A CE  1 
ATOM   533  N  N   . ALA A 1 73  ? 1.455   12.438  -2.965  1.00 37.00 ? 73  ALA A N   1 
ATOM   534  C  CA  . ALA A 1 73  ? 0.932   13.765  -2.658  1.00 39.92 ? 73  ALA A CA  1 
ATOM   535  C  C   . ALA A 1 73  ? -0.427  14.004  -3.303  1.00 42.92 ? 73  ALA A C   1 
ATOM   536  O  O   . ALA A 1 73  ? -1.247  14.748  -2.753  1.00 47.41 ? 73  ALA A O   1 
ATOM   537  C  CB  . ALA A 1 73  ? 1.926   14.836  -3.100  1.00 40.25 ? 73  ALA A CB  1 
ATOM   538  N  N   . ARG A 1 74  ? -0.689  13.380  -4.456  1.00 41.48 ? 74  ARG A N   1 
ATOM   539  C  CA  . ARG A 1 74  ? -1.985  13.528  -5.113  1.00 41.49 ? 74  ARG A CA  1 
ATOM   540  C  C   . ARG A 1 74  ? -3.100  12.899  -4.287  1.00 47.06 ? 74  ARG A C   1 
ATOM   541  O  O   . ARG A 1 74  ? -4.061  13.577  -3.905  1.00 50.75 ? 74  ARG A O   1 
ATOM   542  C  CB  . ARG A 1 74  ? -1.945  12.914  -6.512  1.00 41.13 ? 74  ARG A CB  1 
ATOM   543  C  CG  . ARG A 1 74  ? -1.234  13.773  -7.522  1.00 38.94 ? 74  ARG A CG  1 
ATOM   544  C  CD  . ARG A 1 74  ? -1.722  13.484  -8.922  1.00 46.34 ? 74  ARG A CD  1 
ATOM   545  N  NE  . ARG A 1 74  ? -0.896  14.157  -9.914  1.00 45.88 ? 74  ARG A NE  1 
ATOM   546  C  CZ  . ARG A 1 74  ? -1.060  14.030  -11.225 1.00 49.99 ? 74  ARG A CZ  1 
ATOM   547  N  NH1 . ARG A 1 74  ? -2.026  13.251  -11.701 1.00 49.33 ? 74  ARG A NH1 1 
ATOM   548  N  NH2 . ARG A 1 74  ? -0.260  14.680  -12.058 1.00 50.42 ? 74  ARG A NH2 1 
ATOM   549  N  N   . LYS A 1 75  ? -2.994  11.595  -4.003  1.00 47.08 ? 75  LYS A N   1 
ATOM   550  C  CA  . LYS A 1 75  ? -4.019  10.918  -3.208  1.00 47.07 ? 75  LYS A CA  1 
ATOM   551  C  C   . LYS A 1 75  ? -4.042  11.377  -1.753  1.00 48.80 ? 75  LYS A C   1 
ATOM   552  O  O   . LYS A 1 75  ? -4.953  10.993  -1.010  1.00 47.58 ? 75  LYS A O   1 
ATOM   553  C  CB  . LYS A 1 75  ? -3.833  9.399   -3.274  1.00 45.44 ? 75  LYS A CB  1 
ATOM   554  C  CG  . LYS A 1 75  ? -4.288  8.774   -4.585  1.00 44.35 ? 75  LYS A CG  1 
ATOM   555  N  N   . MET A 1 76  ? -3.068  12.172  -1.320  1.00 44.09 ? 76  MET A N   1 
ATOM   556  C  CA  . MET A 1 76  ? -3.171  12.884  -0.052  1.00 43.56 ? 76  MET A CA  1 
ATOM   557  C  C   . MET A 1 76  ? -4.072  14.107  -0.183  1.00 47.30 ? 76  MET A C   1 
ATOM   558  O  O   . MET A 1 76  ? -4.861  14.398  0.719   1.00 46.63 ? 76  MET A O   1 
ATOM   559  C  CB  . MET A 1 76  ? -1.770  13.275  0.437   1.00 48.95 ? 76  MET A CB  1 
ATOM   560  C  CG  . MET A 1 76  ? -0.925  12.091  0.940   1.00 43.76 ? 76  MET A CG  1 
ATOM   561  S  SD  . MET A 1 76  ? 0.516   12.505  1.964   1.00 82.37 ? 76  MET A SD  1 
ATOM   562  C  CE  . MET A 1 76  ? 0.653   11.029  2.974   1.00 43.51 ? 76  MET A CE  1 
ATOM   563  N  N   . LYS A 1 77  ? -3.994  14.806  -1.312  1.00 45.87 ? 77  LYS A N   1 
ATOM   564  C  CA  . LYS A 1 77  ? -4.915  15.908  -1.569  1.00 50.60 ? 77  LYS A CA  1 
ATOM   565  C  C   . LYS A 1 77  ? -6.335  15.392  -1.784  1.00 54.26 ? 77  LYS A C   1 
ATOM   566  O  O   . LYS A 1 77  ? -7.265  15.771  -1.062  1.00 58.04 ? 77  LYS A O   1 
ATOM   567  C  CB  . LYS A 1 77  ? -4.445  16.722  -2.778  1.00 49.05 ? 77  LYS A CB  1 
ATOM   568  N  N   . ASP A 1 78  ? -6.525  14.519  -2.770  1.00 52.46 ? 78  ASP A N   1 
ATOM   569  C  CA  . ASP A 1 78  ? -7.828  13.917  -3.049  1.00 51.60 ? 78  ASP A CA  1 
ATOM   570  C  C   . ASP A 1 78  ? -7.737  12.436  -2.710  1.00 53.51 ? 78  ASP A C   1 
ATOM   571  O  O   . ASP A 1 78  ? -7.156  11.650  -3.466  1.00 53.21 ? 78  ASP A O   1 
ATOM   572  C  CB  . ASP A 1 78  ? -8.233  14.125  -4.501  1.00 46.85 ? 78  ASP A CB  1 
ATOM   573  C  CG  . ASP A 1 78  ? -8.001  15.535  -4.962  1.00 46.89 ? 78  ASP A CG  1 
ATOM   574  O  OD1 . ASP A 1 78  ? -6.832  15.853  -5.296  1.00 60.38 ? 78  ASP A OD1 1 
ATOM   575  O  OD2 . ASP A 1 78  ? -8.981  16.314  -5.018  1.00 62.68 ? 78  ASP A OD2 1 
ATOM   576  N  N   . THR A 1 79  ? -8.332  12.061  -1.582  1.00 51.25 ? 79  THR A N   1 
ATOM   577  C  CA  . THR A 1 79  ? -8.183  10.713  -1.054  1.00 43.88 ? 79  THR A CA  1 
ATOM   578  C  C   . THR A 1 79  ? -8.825  9.693   -1.985  1.00 62.25 ? 79  THR A C   1 
ATOM   579  O  O   . THR A 1 79  ? -9.641  10.031  -2.852  1.00 49.60 ? 79  THR A O   1 
ATOM   580  C  CB  . THR A 1 79  ? -8.815  10.613  0.333   1.00 34.46 ? 79  THR A CB  1 
ATOM   581  O  OG1 . THR A 1 79  ? -10.140 11.176  0.292   1.00 55.34 ? 79  THR A OG1 1 
ATOM   582  C  CG2 . THR A 1 79  ? -7.956  11.359  1.343   1.00 38.36 ? 79  THR A CG2 1 
ATOM   583  N  N   . ASP A 1 80  ? -8.439  8.428   -1.801  1.00 55.08 ? 80  ASP A N   1 
ATOM   584  C  CA  . ASP A 1 80  ? -9.154  7.342   -2.453  1.00 49.99 ? 80  ASP A CA  1 
ATOM   585  C  C   . ASP A 1 80  ? -10.620 7.378   -2.032  1.00 47.56 ? 80  ASP A C   1 
ATOM   586  O  O   . ASP A 1 80  ? -10.971 7.899   -0.968  1.00 44.35 ? 80  ASP A O   1 
ATOM   587  C  CB  . ASP A 1 80  ? -8.521  5.984   -2.111  1.00 41.43 ? 80  ASP A CB  1 
ATOM   588  C  CG  . ASP A 1 80  ? -7.012  5.984   -2.274  1.00 41.28 ? 80  ASP A CG  1 
ATOM   589  O  OD1 . ASP A 1 80  ? -6.289  5.681   -1.296  1.00 51.07 ? 80  ASP A OD1 1 
ATOM   590  O  OD2 . ASP A 1 80  ? -6.530  6.302   -3.383  1.00 57.20 ? 80  ASP A OD2 1 
ATOM   591  N  N   . SER A 1 81  ? -11.487 6.859   -2.898  1.00 45.82 ? 81  SER A N   1 
ATOM   592  C  CA  . SER A 1 81  ? -12.901 6.811   -2.566  1.00 38.07 ? 81  SER A CA  1 
ATOM   593  C  C   . SER A 1 81  ? -13.115 5.931   -1.339  1.00 39.83 ? 81  SER A C   1 
ATOM   594  O  O   . SER A 1 81  ? -12.254 5.131   -0.955  1.00 29.95 ? 81  SER A O   1 
ATOM   595  C  CB  . SER A 1 81  ? -13.719 6.285   -3.745  1.00 42.72 ? 81  SER A CB  1 
ATOM   596  O  OG  . SER A 1 81  ? -13.597 4.876   -3.875  1.00 30.86 ? 81  SER A OG  1 
ATOM   597  N  N   . GLU A 1 82  ? -14.274 6.102   -0.706  1.00 28.72 ? 82  GLU A N   1 
ATOM   598  C  CA  . GLU A 1 82  ? -14.593 5.274   0.449   1.00 28.04 ? 82  GLU A CA  1 
ATOM   599  C  C   . GLU A 1 82  ? -14.522 3.794   0.099   1.00 31.04 ? 82  GLU A C   1 
ATOM   600  O  O   . GLU A 1 82  ? -13.991 2.986   0.872   1.00 18.79 ? 82  GLU A O   1 
ATOM   601  C  CB  . GLU A 1 82  ? -15.974 5.642   0.988   1.00 26.20 ? 82  GLU A CB  1 
ATOM   602  C  CG  . GLU A 1 82  ? -16.148 5.309   2.457   1.00 29.93 ? 82  GLU A CG  1 
ATOM   603  C  CD  . GLU A 1 82  ? -17.253 4.314   2.705   1.00 38.24 ? 82  GLU A CD  1 
ATOM   604  O  OE1 . GLU A 1 82  ? -17.466 3.955   3.881   1.00 47.12 ? 82  GLU A OE1 1 
ATOM   605  O  OE2 . GLU A 1 82  ? -17.909 3.891   1.726   1.00 42.25 ? 82  GLU A OE2 1 
ATOM   606  N  N   . GLU A 1 83  ? -15.011 3.420   -1.080  1.00 26.33 ? 83  GLU A N   1 
ATOM   607  C  CA  . GLU A 1 83  ? -15.096 2.003   -1.396  1.00 21.25 ? 83  GLU A CA  1 
ATOM   608  C  C   . GLU A 1 83  ? -13.715 1.390   -1.578  1.00 26.81 ? 83  GLU A C   1 
ATOM   609  O  O   . GLU A 1 83  ? -13.507 0.227   -1.223  1.00 21.42 ? 83  GLU A O   1 
ATOM   610  C  CB  . GLU A 1 83  ? -15.962 1.791   -2.641  1.00 29.05 ? 83  GLU A CB  1 
ATOM   611  C  CG  . GLU A 1 83  ? -16.123 0.332   -3.092  1.00 30.88 ? 83  GLU A CG  1 
ATOM   612  C  CD  . GLU A 1 83  ? -16.629 -0.617  -2.000  1.00 22.25 ? 83  GLU A CD  1 
ATOM   613  O  OE1 . GLU A 1 83  ? -17.326 -0.164  -1.068  1.00 29.94 ? 83  GLU A OE1 1 
ATOM   614  O  OE2 . GLU A 1 83  ? -16.337 -1.834  -2.096  1.00 33.44 ? 83  GLU A OE2 1 
ATOM   615  N  N   . GLU A 1 84  ? -12.763 2.141   -2.130  1.00 24.48 ? 84  GLU A N   1 
ATOM   616  C  CA  . GLU A 1 84  ? -11.410 1.612   -2.250  1.00 28.32 ? 84  GLU A CA  1 
ATOM   617  C  C   . GLU A 1 84  ? -10.790 1.384   -0.880  1.00 20.65 ? 84  GLU A C   1 
ATOM   618  O  O   . GLU A 1 84  ? -10.072 0.389   -0.666  1.00 17.76 ? 84  GLU A O   1 
ATOM   619  C  CB  . GLU A 1 84  ? -10.553 2.561   -3.085  1.00 33.99 ? 84  GLU A CB  1 
ATOM   620  C  CG  . GLU A 1 84  ? -11.010 2.661   -4.517  1.00 41.01 ? 84  GLU A CG  1 
ATOM   621  C  CD  . GLU A 1 84  ? -10.274 3.730   -5.281  1.00 44.61 ? 84  GLU A CD  1 
ATOM   622  O  OE1 . GLU A 1 84  ? -9.315  4.306   -4.726  1.00 50.20 ? 84  GLU A OE1 1 
ATOM   623  O  OE2 . GLU A 1 84  ? -10.658 3.993   -6.438  1.00 48.19 ? 84  GLU A OE2 1 
ATOM   624  N  N   . ILE A 1 85  ? -11.065 2.295   0.061   1.00 17.04 ? 85  ILE A N   1 
ATOM   625  C  CA  . ILE A 1 85  ? -10.553 2.140   1.416   1.00 20.70 ? 85  ILE A CA  1 
ATOM   626  C  C   . ILE A 1 85  ? -11.243 0.978   2.102   1.00 13.92 ? 85  ILE A C   1 
ATOM   627  O  O   . ILE A 1 85  ? -10.604 0.202   2.818   1.00 14.54 ? 85  ILE A O   1 
ATOM   628  C  CB  . ILE A 1 85  ? -10.703 3.444   2.212   1.00 19.95 ? 85  ILE A CB  1 
ATOM   629  C  CG1 . ILE A 1 85  ? -9.899  4.548   1.540   1.00 23.62 ? 85  ILE A CG1 1 
ATOM   630  C  CG2 . ILE A 1 85  ? -10.161 3.249   3.629   1.00 20.46 ? 85  ILE A CG2 1 
ATOM   631  C  CD1 . ILE A 1 85  ? -10.307 5.933   1.975   1.00 38.75 ? 85  ILE A CD1 1 
ATOM   632  N  N   . ARG A 1 86  ? -12.554 0.837   1.907   1.00 12.75 ? 86  ARG A N   1 
ATOM   633  C  CA  . ARG A 1 86  ? -13.240 -0.333  2.441   1.00 15.18 ? 86  ARG A CA  1 
ATOM   634  C  C   . ARG A 1 86  ? -12.665 -1.631  1.867   1.00 14.66 ? 86  ARG A C   1 
ATOM   635  O  O   . ARG A 1 86  ? -12.546 -2.634  2.576   1.00 16.09 ? 86  ARG A O   1 
ATOM   636  C  CB  . ARG A 1 86  ? -14.729 -0.228  2.143   1.00 18.77 ? 86  ARG A CB  1 
ATOM   637  C  CG  . ARG A 1 86  ? -15.577 -1.233  2.908   1.00 30.77 ? 86  ARG A CG  1 
ATOM   638  C  CD  . ARG A 1 86  ? -15.402 -1.163  4.434   1.00 28.97 ? 86  ARG A CD  1 
ATOM   639  N  NE  . ARG A 1 86  ? -15.927 -2.373  5.078   1.00 37.39 ? 86  ARG A NE  1 
ATOM   640  C  CZ  . ARG A 1 86  ? -15.913 -2.614  6.389   1.00 29.74 ? 86  ARG A CZ  1 
ATOM   641  N  NH1 . ARG A 1 86  ? -15.392 -1.735  7.212   1.00 16.95 ? 86  ARG A NH1 1 
ATOM   642  N  NH2 . ARG A 1 86  ? -16.422 -3.744  6.869   1.00 30.55 ? 86  ARG A NH2 1 
ATOM   643  N  N   . GLU A 1 87  ? -12.339 -1.652  0.566   1.00 18.27 ? 87  GLU A N   1 
ATOM   644  C  CA  . GLU A 1 87  ? -11.797 -2.875  -0.014  1.00 17.40 ? 87  GLU A CA  1 
ATOM   645  C  C   . GLU A 1 87  ? -10.438 -3.215  0.585   1.00 13.09 ? 87  GLU A C   1 
ATOM   646  O  O   . GLU A 1 87  ? -10.181 -4.376  0.924   1.00 16.01 ? 87  GLU A O   1 
ATOM   647  C  CB  . GLU A 1 87  ? -11.678 -2.737  -1.532  1.00 19.75 ? 87  GLU A CB  1 
ATOM   648  C  CG  . GLU A 1 87  ? -10.875 -3.867  -2.194  1.00 17.91 ? 87  GLU A CG  1 
ATOM   649  C  CD  . GLU A 1 87  ? -11.548 -5.233  -2.119  1.00 22.43 ? 87  GLU A CD  1 
ATOM   650  O  OE1 . GLU A 1 87  ? -12.757 -5.310  -1.850  1.00 30.55 ? 87  GLU A OE1 1 
ATOM   651  O  OE2 . GLU A 1 87  ? -10.855 -6.251  -2.349  1.00 27.04 ? 87  GLU A OE2 1 
ATOM   652  N  N   . ALA A 1 88  ? -9.574  -2.205  0.732   1.00 15.06 ? 88  ALA A N   1 
ATOM   653  C  CA  . ALA A 1 88  ? -8.278  -2.403  1.361   1.00 17.76 ? 88  ALA A CA  1 
ATOM   654  C  C   . ALA A 1 88  ? -8.422  -2.969  2.758   1.00 16.80 ? 88  ALA A C   1 
ATOM   655  O  O   . ALA A 1 88  ? -7.674  -3.878  3.135   1.00 13.35 ? 88  ALA A O   1 
ATOM   656  C  CB  . ALA A 1 88  ? -7.497  -1.093  1.407   1.00 18.59 ? 88  ALA A CB  1 
ATOM   657  N  N   . PHE A 1 89  ? -9.356  -2.422  3.545   1.00 13.43 ? 89  PHE A N   1 
ATOM   658  C  CA  . PHE A 1 89  ? -9.580  -2.954  4.890   1.00 12.42 ? 89  PHE A CA  1 
ATOM   659  C  C   . PHE A 1 89  ? -9.935  -4.440  4.842   1.00 15.20 ? 89  PHE A C   1 
ATOM   660  O  O   . PHE A 1 89  ? -9.432  -5.242  5.641   1.00 12.50 ? 89  PHE A O   1 
ATOM   661  C  CB  . PHE A 1 89  ? -10.691 -2.170  5.592   1.00 11.95 ? 89  PHE A CB  1 
ATOM   662  C  CG  . PHE A 1 89  ? -10.836 -2.533  7.046   1.00 10.81 ? 89  PHE A CG  1 
ATOM   663  C  CD1 . PHE A 1 89  ? -9.949  -2.043  7.975   1.00 12.15 ? 89  PHE A CD1 1 
ATOM   664  C  CD2 . PHE A 1 89  ? -11.830 -3.394  7.448   1.00 13.83 ? 89  PHE A CD2 1 
ATOM   665  C  CE1 . PHE A 1 89  ? -10.049 -2.423  9.296   1.00 14.63 ? 89  PHE A CE1 1 
ATOM   666  C  CE2 . PHE A 1 89  ? -11.952 -3.761  8.788   1.00 14.10 ? 89  PHE A CE2 1 
ATOM   667  C  CZ  . PHE A 1 89  ? -11.058 -3.258  9.688   1.00 14.86 ? 89  PHE A CZ  1 
ATOM   668  N  N   . ARG A 1 90  ? -10.789 -4.834  3.895   1.00 12.41 ? 90  ARG A N   1 
ATOM   669  C  CA  . ARG A 1 90  ? -11.220 -6.225  3.781   1.00 12.40 ? 90  ARG A CA  1 
ATOM   670  C  C   . ARG A 1 90  ? -10.073 -7.152  3.432   1.00 14.56 ? 90  ARG A C   1 
ATOM   671  O  O   . ARG A 1 90  ? -10.086 -8.314  3.841   1.00 22.00 ? 90  ARG A O   1 
ATOM   672  C  CB  . ARG A 1 90  ? -12.290 -6.357  2.706   1.00 17.26 ? 90  ARG A CB  1 
ATOM   673  C  CG  . ARG A 1 90  ? -13.653 -5.905  3.120   1.00 15.09 ? 90  ARG A CG  1 
ATOM   674  C  CD  . ARG A 1 90  ? -14.698 -6.350  2.105   1.00 20.66 ? 90  ARG A CD  1 
ATOM   675  N  NE  . ARG A 1 90  ? -14.495 -5.714  0.806   1.00 23.14 ? 90  ARG A NE  1 
ATOM   676  C  CZ  . ARG A 1 90  ? -15.144 -4.639  0.375   1.00 24.44 ? 90  ARG A CZ  1 
ATOM   677  N  NH1 . ARG A 1 90  ? -16.049 -4.056  1.146   1.00 19.50 ? 90  ARG A NH1 1 
ATOM   678  N  NH2 . ARG A 1 90  ? -14.889 -4.147  -0.834  1.00 24.28 ? 90  ARG A NH2 1 
ATOM   679  N  N   . VAL A 1 91  ? -9.116  -6.671  2.628   1.00 10.16 ? 91  VAL A N   1 
ATOM   680  C  CA  . VAL A 1 91  ? -7.912  -7.446  2.324   1.00 15.25 ? 91  VAL A CA  1 
ATOM   681  C  C   . VAL A 1 91  ? -7.137  -7.804  3.587   1.00 17.44 ? 91  VAL A C   1 
ATOM   682  O  O   . VAL A 1 91  ? -6.621  -8.924  3.707   1.00 21.19 ? 91  VAL A O   1 
ATOM   683  C  CB  . VAL A 1 91  ? -7.043  -6.671  1.323   1.00 21.49 ? 91  VAL A CB  1 
ATOM   684  C  CG1 . VAL A 1 91  ? -5.674  -7.328  1.155   1.00 17.57 ? 91  VAL A CG1 1 
ATOM   685  C  CG2 . VAL A 1 91  ? -7.774  -6.588  0.008   1.00 19.59 ? 91  VAL A CG2 1 
ATOM   686  N  N   . PHE A 1 92  ? -7.010  -6.860  4.529   1.00 17.56 ? 92  PHE A N   1 
ATOM   687  C  CA  . PHE A 1 92  ? -6.296  -7.133  5.776   1.00 18.93 ? 92  PHE A CA  1 
ATOM   688  C  C   . PHE A 1 92  ? -7.148  -7.943  6.739   1.00 12.83 ? 92  PHE A C   1 
ATOM   689  O  O   . PHE A 1 92  ? -6.660  -8.909  7.341   1.00 19.18 ? 92  PHE A O   1 
ATOM   690  C  CB  . PHE A 1 92  ? -5.860  -5.821  6.434   1.00 13.51 ? 92  PHE A CB  1 
ATOM   691  C  CG  . PHE A 1 92  ? -4.793  -5.078  5.679   1.00 15.02 ? 92  PHE A CG  1 
ATOM   692  C  CD1 . PHE A 1 92  ? -3.457  -5.390  5.849   1.00 20.92 ? 92  PHE A CD1 1 
ATOM   693  C  CD2 . PHE A 1 92  ? -5.130  -4.047  4.807   1.00 14.36 ? 92  PHE A CD2 1 
ATOM   694  C  CE1 . PHE A 1 92  ? -2.476  -4.707  5.162   1.00 23.02 ? 92  PHE A CE1 1 
ATOM   695  C  CE2 . PHE A 1 92  ? -4.143  -3.369  4.112   1.00 24.13 ? 92  PHE A CE2 1 
ATOM   696  C  CZ  . PHE A 1 92  ? -2.810  -3.706  4.311   1.00 16.97 ? 92  PHE A CZ  1 
ATOM   697  N  N   . ASP A 1 93  ? -8.423  -7.558  6.901   1.00 15.39 ? 93  ASP A N   1 
ATOM   698  C  CA  . ASP A 1 93  ? -9.307  -8.154  7.907   1.00 15.75 ? 93  ASP A CA  1 
ATOM   699  C  C   . ASP A 1 93  ? -9.924  -9.444  7.358   1.00 12.96 ? 93  ASP A C   1 
ATOM   700  O  O   . ASP A 1 93  ? -11.124 -9.571  7.135   1.00 16.30 ? 93  ASP A O   1 
ATOM   701  C  CB  . ASP A 1 93  ? -10.372 -7.153  8.338   1.00 14.37 ? 93  ASP A CB  1 
ATOM   702  C  CG  . ASP A 1 93  ? -11.297 -7.704  9.421   1.00 16.68 ? 93  ASP A CG  1 
ATOM   703  O  OD1 . ASP A 1 93  ? -10.836 -8.525  10.271  1.00 16.09 ? 93  ASP A OD1 1 
ATOM   704  O  OD2 . ASP A 1 93  ? -12.487 -7.313  9.428   1.00 16.39 ? 93  ASP A OD2 1 
ATOM   705  N  N   . LYS A 1 94  ? -9.064  -10.458 7.213   1.00 20.94 ? 94  LYS A N   1 
ATOM   706  C  CA  . LYS A 1 94  ? -9.468  -11.659 6.486   1.00 29.20 ? 94  LYS A CA  1 
ATOM   707  C  C   . LYS A 1 94  ? -10.494 -12.504 7.232   1.00 19.10 ? 94  LYS A C   1 
ATOM   708  O  O   . LYS A 1 94  ? -11.258 -13.225 6.588   1.00 26.29 ? 94  LYS A O   1 
ATOM   709  C  CB  . LYS A 1 94  ? -8.249  -12.510 6.128   1.00 27.25 ? 94  LYS A CB  1 
ATOM   710  C  CG  . LYS A 1 94  ? -7.450  -11.978 4.933   1.00 29.85 ? 94  LYS A CG  1 
ATOM   711  C  CD  . LYS A 1 94  ? -8.293  -11.987 3.657   1.00 38.14 ? 94  LYS A CD  1 
ATOM   712  C  CE  . LYS A 1 94  ? -7.464  -12.322 2.422   1.00 19.99 ? 94  LYS A CE  1 
ATOM   713  N  NZ  . LYS A 1 94  ? -6.457  -11.265 2.096   1.00 29.24 ? 94  LYS A NZ  1 
ATOM   714  N  N   . ASP A 1 95  ? -10.573 -12.434 8.555   1.00 20.61 ? 95  ASP A N   1 
ATOM   715  C  CA  . ASP A 1 95  ? -11.679 -13.138 9.187   1.00 18.22 ? 95  ASP A CA  1 
ATOM   716  C  C   . ASP A 1 95  ? -12.931 -12.285 9.274   1.00 13.42 ? 95  ASP A C   1 
ATOM   717  O  O   . ASP A 1 95  ? -13.971 -12.782 9.714   1.00 19.37 ? 95  ASP A O   1 
ATOM   718  C  CB  . ASP A 1 95  ? -11.290 -13.674 10.565  1.00 22.05 ? 95  ASP A CB  1 
ATOM   719  C  CG  . ASP A 1 95  ? -10.978 -12.592 11.570  1.00 20.44 ? 95  ASP A CG  1 
ATOM   720  O  OD1 . ASP A 1 95  ? -11.044 -11.400 11.238  1.00 19.36 ? 95  ASP A OD1 1 
ATOM   721  O  OD2 . ASP A 1 95  ? -10.642 -12.957 12.711  1.00 21.59 ? 95  ASP A OD2 1 
ATOM   722  N  N   . GLY A 1 96  ? -12.853 -11.023 8.870   1.00 14.22 ? 96  GLY A N   1 
ATOM   723  C  CA  . GLY A 1 96  ? -14.017 -10.177 8.759   1.00 19.98 ? 96  GLY A CA  1 
ATOM   724  C  C   . GLY A 1 96  ? -14.553 -9.668  10.071  1.00 14.01 ? 96  GLY A C   1 
ATOM   725  O  O   . GLY A 1 96  ? -15.685 -9.169  10.100  1.00 13.25 ? 96  GLY A O   1 
ATOM   726  N  N   . ASN A 1 97  ? -13.800 -9.787  11.162  1.00 14.89 ? 97  ASN A N   1 
ATOM   727  C  CA  . ASN A 1 97  ? -14.439 -9.448  12.419  1.00 11.99 ? 97  ASN A CA  1 
ATOM   728  C  C   . ASN A 1 97  ? -14.443 -7.948  12.715  1.00 14.00 ? 97  ASN A C   1 
ATOM   729  O  O   . ASN A 1 97  ? -14.927 -7.562  13.773  1.00 13.21 ? 97  ASN A O   1 
ATOM   730  C  CB  . ASN A 1 97  ? -13.801 -10.217 13.606  1.00 10.90 ? 97  ASN A CB  1 
ATOM   731  C  CG  . ASN A 1 97  ? -12.455 -9.687  13.999  1.00 14.26 ? 97  ASN A CG  1 
ATOM   732  O  OD1 . ASN A 1 97  ? -11.747 -9.068  13.199  1.00 14.07 ? 97  ASN A OD1 1 
ATOM   733  N  ND2 . ASN A 1 97  ? -12.062 -9.964  15.259  1.00 14.76 ? 97  ASN A ND2 1 
ATOM   734  N  N   . GLY A 1 98  ? -13.896 -7.104  11.847  1.00 13.22 ? 98  GLY A N   1 
ATOM   735  C  CA  . GLY A 1 98  ? -13.836 -5.674  12.097  1.00 10.52 ? 98  GLY A CA  1 
ATOM   736  C  C   . GLY A 1 98  ? -12.532 -5.150  12.645  1.00 13.51 ? 98  GLY A C   1 
ATOM   737  O  O   . GLY A 1 98  ? -12.424 -3.952  12.924  1.00 13.67 ? 98  GLY A O   1 
ATOM   738  N  N   . TYR A 1 99  ? -11.542 -6.014  12.843  1.00 12.53 ? 99  TYR A N   1 
ATOM   739  C  CA  . TYR A 1 99  ? -10.287 -5.620  13.459  1.00 9.76  ? 99  TYR A CA  1 
ATOM   740  C  C   . TYR A 1 99  ? -9.144  -6.280  12.712  1.00 12.30 ? 99  TYR A C   1 
ATOM   741  O  O   . TYR A 1 99  ? -9.181  -7.485  12.458  1.00 13.27 ? 99  TYR A O   1 
ATOM   742  C  CB  . TYR A 1 99  ? -10.250 -6.020  14.953  1.00 10.96 ? 99  TYR A CB  1 
ATOM   743  C  CG  . TYR A 1 99  ? -11.374 -5.368  15.770  1.00 10.93 ? 99  TYR A CG  1 
ATOM   744  C  CD1 . TYR A 1 99  ? -12.614 -5.984  15.888  1.00 11.90 ? 99  TYR A CD1 1 
ATOM   745  C  CD2 . TYR A 1 99  ? -11.196 -4.127  16.373  1.00 12.54 ? 99  TYR A CD2 1 
ATOM   746  C  CE1 . TYR A 1 99  ? -13.650 -5.388  16.603  1.00 15.26 ? 99  TYR A CE1 1 
ATOM   747  C  CE2 . TYR A 1 99  ? -12.224 -3.535  17.115  1.00 13.64 ? 99  TYR A CE2 1 
ATOM   748  C  CZ  . TYR A 1 99  ? -13.444 -4.173  17.209  1.00 20.37 ? 99  TYR A CZ  1 
ATOM   749  O  OH  . TYR A 1 99  ? -14.465 -3.579  17.904  1.00 22.81 ? 99  TYR A OH  1 
ATOM   750  N  N   . ILE A 1 100 ? -8.133  -5.498  12.373  1.00 10.09 ? 100 ILE A N   1 
ATOM   751  C  CA  . ILE A 1 100 ? -6.916  -6.059  11.802  1.00 11.63 ? 100 ILE A CA  1 
ATOM   752  C  C   . ILE A 1 100 ? -5.994  -6.374  12.974  1.00 11.40 ? 100 ILE A C   1 
ATOM   753  O  O   . ILE A 1 100 ? -5.605  -5.478  13.725  1.00 13.23 ? 100 ILE A O   1 
ATOM   754  C  CB  . ILE A 1 100 ? -6.260  -5.085  10.818  1.00 10.28 ? 100 ILE A CB  1 
ATOM   755  C  CG1 . ILE A 1 100 ? -7.292  -4.656  9.757   1.00 10.35 ? 100 ILE A CG1 1 
ATOM   756  C  CG2 . ILE A 1 100 ? -4.949  -5.728  10.221  1.00 19.74 ? 100 ILE A CG2 1 
ATOM   757  C  CD1 . ILE A 1 100 ? -6.852  -3.444  8.975   1.00 12.48 ? 100 ILE A CD1 1 
ATOM   758  N  N   . SER A 1 101 ? -5.613  -7.643  13.102  1.00 11.24 ? 101 SER A N   1 
ATOM   759  C  CA  . SER A 1 101 ? -4.624  -8.144  14.045  1.00 15.45 ? 101 SER A CA  1 
ATOM   760  C  C   . SER A 1 101 ? -3.225  -8.126  13.441  1.00 12.82 ? 101 SER A C   1 
ATOM   761  O  O   . SER A 1 101 ? -3.039  -7.988  12.224  1.00 13.04 ? 101 SER A O   1 
ATOM   762  C  CB  . SER A 1 101 ? -4.953  -9.582  14.448  1.00 13.54 ? 101 SER A CB  1 
ATOM   763  O  OG  . SER A 1 101 ? -4.755  -10.426 13.328  1.00 13.03 ? 101 SER A OG  1 
ATOM   764  N  N   . ALA A 1 102 ? -2.226  -8.252  14.317  1.00 15.70 ? 102 ALA A N   1 
ATOM   765  C  CA  . ALA A 1 102 ? -0.841  -8.415  13.871  1.00 11.51 ? 102 ALA A CA  1 
ATOM   766  C  C   . ALA A 1 102 ? -0.676  -9.610  12.951  1.00 17.33 ? 102 ALA A C   1 
ATOM   767  O  O   . ALA A 1 102 ? 0.082   -9.537  11.985  1.00 15.78 ? 102 ALA A O   1 
ATOM   768  C  CB  . ALA A 1 102 ? 0.076   -8.551  15.085  1.00 16.12 ? 102 ALA A CB  1 
ATOM   769  N  N   . ALA A 1 103 ? -1.345  -10.724 13.257  1.00 20.49 ? 103 ALA A N   1 
ATOM   770  C  CA  . ALA A 1 103 ? -1.236  -11.900 12.410  1.00 20.35 ? 103 ALA A CA  1 
ATOM   771  C  C   . ALA A 1 103 ? -1.788  -11.623 11.023  1.00 16.50 ? 103 ALA A C   1 
ATOM   772  O  O   . ALA A 1 103 ? -1.213  -12.059 10.023  1.00 19.59 ? 103 ALA A O   1 
ATOM   773  C  CB  . ALA A 1 103 ? -1.961  -13.084 13.050  1.00 18.58 ? 103 ALA A CB  1 
ATOM   774  N  N   . GLU A 1 104 ? -2.910  -10.895 10.952  1.00 14.83 ? 104 GLU A N   1 
ATOM   775  C  CA  . GLU A 1 104 ? -3.508  -10.558 9.670   1.00 12.26 ? 104 GLU A CA  1 
ATOM   776  C  C   . GLU A 1 104 ? -2.608  -9.622  8.886   1.00 14.33 ? 104 GLU A C   1 
ATOM   777  O  O   . GLU A 1 104 ? -2.397  -9.822  7.690   1.00 13.92 ? 104 GLU A O   1 
ATOM   778  C  CB  . GLU A 1 104 ? -4.909  -9.947  9.857   1.00 13.67 ? 104 GLU A CB  1 
ATOM   779  C  CG  . GLU A 1 104 ? -5.970  -10.981 10.233  1.00 15.61 ? 104 GLU A CG  1 
ATOM   780  C  CD  . GLU A 1 104 ? -7.333  -10.397 10.544  1.00 15.26 ? 104 GLU A CD  1 
ATOM   781  O  OE1 . GLU A 1 104 ? -7.389  -9.294  11.103  1.00 16.76 ? 104 GLU A OE1 1 
ATOM   782  O  OE2 . GLU A 1 104 ? -8.365  -11.038 10.227  1.00 18.23 ? 104 GLU A OE2 1 
ATOM   783  N  N   . LEU A 1 105 ? -2.024  -8.627  9.548   1.00 13.54 ? 105 LEU A N   1 
ATOM   784  C  CA  . LEU A 1 105 ? -1.086  -7.745  8.877   1.00 13.20 ? 105 LEU A CA  1 
ATOM   785  C  C   . LEU A 1 105 ? 0.108   -8.545  8.360   1.00 14.58 ? 105 LEU A C   1 
ATOM   786  O  O   . LEU A 1 105 ? 0.575   -8.320  7.239   1.00 15.10 ? 105 LEU A O   1 
ATOM   787  C  CB  . LEU A 1 105 ? -0.626  -6.631  9.824   1.00 13.73 ? 105 LEU A CB  1 
ATOM   788  C  CG  . LEU A 1 105 ? 0.516   -5.768  9.295   1.00 16.64 ? 105 LEU A CG  1 
ATOM   789  C  CD1 . LEU A 1 105 ? 0.200   -5.191  7.947   1.00 18.10 ? 105 LEU A CD1 1 
ATOM   790  C  CD2 . LEU A 1 105 ? 0.915   -4.654  10.255  1.00 14.04 ? 105 LEU A CD2 1 
ATOM   791  N  N   . ARG A 1 106 ? 0.550   -9.532  9.136   1.00 15.04 ? 106 ARG A N   1 
ATOM   792  C  CA  . ARG A 1 106 ? 1.697   -10.349 8.750   1.00 14.63 ? 106 ARG A CA  1 
ATOM   793  C  C   . ARG A 1 106 ? 1.382   -11.157 7.498   1.00 12.66 ? 106 ARG A C   1 
ATOM   794  O  O   . ARG A 1 106 ? 2.198   -11.230 6.571   1.00 16.77 ? 106 ARG A O   1 
ATOM   795  C  CB  . ARG A 1 106 ? 2.073   -11.275 9.906   1.00 12.33 ? 106 ARG A CB  1 
ATOM   796  C  CG  . ARG A 1 106 ? 2.820   -12.571 9.542   1.00 18.69 ? 106 ARG A CG  1 
ATOM   797  C  CD  . ARG A 1 106 ? 4.248   -12.263 9.141   1.00 29.33 ? 106 ARG A CD  1 
ATOM   798  N  NE  . ARG A 1 106 ? 5.113   -12.079 10.297  1.00 27.21 ? 106 ARG A NE  1 
ATOM   799  C  CZ  . ARG A 1 106 ? 6.398   -11.746 10.212  1.00 35.11 ? 106 ARG A CZ  1 
ATOM   800  N  NH1 . ARG A 1 106 ? 6.960   -11.544 9.024   1.00 28.63 ? 106 ARG A NH1 1 
ATOM   801  N  NH2 . ARG A 1 106 ? 7.121   -11.607 11.313  1.00 28.92 ? 106 ARG A NH2 1 
ATOM   802  N  N   . HIS A 1 107 ? 0.189   -11.749 7.450   1.00 14.33 ? 107 HIS A N   1 
ATOM   803  C  CA  . HIS A 1 107 ? -0.197  -12.550 6.293   1.00 15.89 ? 107 HIS A CA  1 
ATOM   804  C  C   . HIS A 1 107 ? -0.179  -11.728 5.008   1.00 19.20 ? 107 HIS A C   1 
ATOM   805  O  O   . HIS A 1 107 ? 0.253   -12.218 3.959   1.00 18.77 ? 107 HIS A O   1 
ATOM   806  C  CB  . HIS A 1 107 ? -1.573  -13.151 6.528   1.00 16.33 ? 107 HIS A CB  1 
ATOM   807  C  CG  . HIS A 1 107 ? -1.628  -14.084 7.685   1.00 18.62 ? 107 HIS A CG  1 
ATOM   808  N  ND1 . HIS A 1 107 ? -2.804  -14.411 8.325   1.00 25.20 ? 107 HIS A ND1 1 
ATOM   809  C  CD2 . HIS A 1 107 ? -0.650  -14.759 8.333   1.00 17.21 ? 107 HIS A CD2 1 
ATOM   810  C  CE1 . HIS A 1 107 ? -2.554  -15.266 9.292   1.00 23.24 ? 107 HIS A CE1 1 
ATOM   811  N  NE2 . HIS A 1 107 ? -1.251  -15.486 9.329   1.00 24.00 ? 107 HIS A NE2 1 
ATOM   812  N  N   . VAL A 1 108 ? -0.678  -10.492 5.057   1.00 18.01 ? 108 VAL A N   1 
ATOM   813  C  CA  . VAL A 1 108 ? -0.631  -9.627  3.886   1.00 21.52 ? 108 VAL A CA  1 
ATOM   814  C  C   . VAL A 1 108 ? 0.814   -9.275  3.536   1.00 20.37 ? 108 VAL A C   1 
ATOM   815  O  O   . VAL A 1 108 ? 1.197   -9.286  2.366   1.00 17.52 ? 108 VAL A O   1 
ATOM   816  C  CB  . VAL A 1 108 ? -1.504  -8.378  4.114   1.00 14.47 ? 108 VAL A CB  1 
ATOM   817  C  CG1 . VAL A 1 108 ? -1.361  -7.402  2.959   1.00 23.12 ? 108 VAL A CG1 1 
ATOM   818  C  CG2 . VAL A 1 108 ? -2.941  -8.799  4.310   1.00 13.61 ? 108 VAL A CG2 1 
HETATM 819  N  N   . MSE A 1 109 ? 1.645   -8.968  4.526   1.00 15.94 ? 109 MSE A N   1 
HETATM 820  C  CA  . MSE A 1 109 ? 3.035   -8.633  4.206   1.00 18.92 ? 109 MSE A CA  1 
HETATM 821  C  C   . MSE A 1 109 ? 3.750   -9.814  3.536   1.00 20.54 ? 109 MSE A C   1 
HETATM 822  O  O   . MSE A 1 109 ? 4.582   -9.604  2.659   1.00 22.65 ? 109 MSE A O   1 
HETATM 823  C  CB  . MSE A 1 109 ? 3.820   -8.179  5.462   1.00 24.41 ? 109 MSE A CB  1 
HETATM 824  C  CG  . MSE A 1 109 ? 3.493   -6.795  6.027   1.00 31.60 ? 109 MSE A CG  1 
HETATM 825  SE SE  . MSE A 1 109 ? 3.339   -5.266  4.817   1.00 39.07 ? 109 MSE A SE  1 
HETATM 826  C  CE  . MSE A 1 109 ? 5.176   -4.654  4.672   1.00 44.64 ? 109 MSE A CE  1 
ATOM   827  N  N   . THR A 1 110 ? 3.410   -11.046 3.924   1.00 17.11 ? 110 THR A N   1 
ATOM   828  C  CA  . THR A 1 110 ? 4.044   -12.208 3.311   1.00 21.07 ? 110 THR A CA  1 
ATOM   829  C  C   . THR A 1 110 ? 3.615   -12.361 1.865   1.00 20.61 ? 110 THR A C   1 
ATOM   830  O  O   . THR A 1 110 ? 4.399   -12.832 1.026   1.00 24.45 ? 110 THR A O   1 
ATOM   831  C  CB  . THR A 1 110 ? 3.710   -13.473 4.096   1.00 20.25 ? 110 THR A CB  1 
ATOM   832  O  OG1 . THR A 1 110 ? 4.073   -13.287 5.461   1.00 24.23 ? 110 THR A OG1 1 
ATOM   833  C  CG2 . THR A 1 110 ? 4.469   -14.678 3.526   1.00 17.88 ? 110 THR A CG2 1 
ATOM   834  N  N   . ASN A 1 111 ? 2.387   -11.973 1.551   1.00 19.15 ? 111 ASN A N   1 
ATOM   835  C  CA  . ASN A 1 111 ? 1.989   -12.006 0.152   1.00 24.40 ? 111 ASN A CA  1 
ATOM   836  C  C   . ASN A 1 111 ? 2.689   -10.934 -0.658  1.00 27.47 ? 111 ASN A C   1 
ATOM   837  O  O   . ASN A 1 111 ? 2.920   -11.123 -1.858  1.00 28.89 ? 111 ASN A O   1 
ATOM   838  C  CB  . ASN A 1 111 ? 0.484   -11.862 0.048   1.00 28.85 ? 111 ASN A CB  1 
ATOM   839  C  CG  . ASN A 1 111 ? -0.195  -13.170 0.172   1.00 30.37 ? 111 ASN A CG  1 
ATOM   840  O  OD1 . ASN A 1 111 ? -0.025  -14.047 -0.682  1.00 31.26 ? 111 ASN A OD1 1 
ATOM   841  N  ND2 . ASN A 1 111 ? -0.962  -13.341 1.247   1.00 39.94 ? 111 ASN A ND2 1 
ATOM   842  N  N   . LEU A 1 112 ? 3.050   -9.818  -0.039  1.00 28.53 ? 112 LEU A N   1 
ATOM   843  C  CA  . LEU A 1 112 ? 3.783   -8.799  -0.775  1.00 28.17 ? 112 LEU A CA  1 
ATOM   844  C  C   . LEU A 1 112 ? 5.273   -9.086  -0.846  1.00 34.66 ? 112 LEU A C   1 
ATOM   845  O  O   . LEU A 1 112 ? 6.015   -8.293  -1.439  1.00 33.92 ? 112 LEU A O   1 
ATOM   846  C  CB  . LEU A 1 112 ? 3.564   -7.435  -0.143  1.00 31.06 ? 112 LEU A CB  1 
ATOM   847  C  CG  . LEU A 1 112 ? 2.159   -6.892  -0.302  1.00 30.34 ? 112 LEU A CG  1 
ATOM   848  C  CD1 . LEU A 1 112 ? 1.890   -5.930  0.831   1.00 36.67 ? 112 LEU A CD1 1 
ATOM   849  C  CD2 . LEU A 1 112 ? 2.033   -6.212  -1.658  1.00 29.88 ? 112 LEU A CD2 1 
ATOM   850  N  N   . GLY A 1 113 ? 5.717   -10.195 -0.262  1.00 25.53 ? 113 GLY A N   1 
ATOM   851  C  CA  . GLY A 1 113 ? 7.126   -10.520 -0.235  1.00 35.29 ? 113 GLY A CA  1 
ATOM   852  C  C   . GLY A 1 113 ? 7.924   -9.609  0.658   1.00 39.90 ? 113 GLY A C   1 
ATOM   853  O  O   . GLY A 1 113 ? 9.078   -9.302  0.352   1.00 41.40 ? 113 GLY A O   1 
ATOM   854  N  N   . GLU A 1 114 ? 7.335   -9.140  1.742   1.00 30.83 ? 114 GLU A N   1 
ATOM   855  C  CA  . GLU A 1 114 ? 8.036   -8.273  2.670   1.00 34.10 ? 114 GLU A CA  1 
ATOM   856  C  C   . GLU A 1 114 ? 8.491   -9.101  3.863   1.00 37.26 ? 114 GLU A C   1 
ATOM   857  O  O   . GLU A 1 114 ? 7.662   -9.696  4.560   1.00 40.22 ? 114 GLU A O   1 
ATOM   858  C  CB  . GLU A 1 114 ? 7.153   -7.115  3.116   1.00 37.25 ? 114 GLU A CB  1 
ATOM   859  C  CG  . GLU A 1 114 ? 7.855   -6.200  4.099   1.00 40.25 ? 114 GLU A CG  1 
ATOM   860  C  CD  . GLU A 1 114 ? 8.814   -5.232  3.443   1.00 46.64 ? 114 GLU A CD  1 
ATOM   861  O  OE1 . GLU A 1 114 ? 9.933   -5.671  3.104   1.00 48.43 ? 114 GLU A OE1 1 
ATOM   862  O  OE2 . GLU A 1 114 ? 8.455   -4.044  3.263   1.00 46.77 ? 114 GLU A OE2 1 
ATOM   863  N  N   . LYS A 1 115 ? 9.807   -9.161  4.075   1.00 34.04 ? 115 LYS A N   1 
ATOM   864  C  CA  . LYS A 1 115 ? 10.370  -9.831  5.238   1.00 34.31 ? 115 LYS A CA  1 
ATOM   865  C  C   . LYS A 1 115 ? 10.356  -8.882  6.428   1.00 32.78 ? 115 LYS A C   1 
ATOM   866  O  O   . LYS A 1 115 ? 10.832  -7.746  6.337   1.00 33.98 ? 115 LYS A O   1 
ATOM   867  C  CB  . LYS A 1 115 ? 11.795  -10.302 4.949   1.00 38.97 ? 115 LYS A CB  1 
ATOM   868  C  CG  . LYS A 1 115 ? 11.895  -11.380 3.876   1.00 41.74 ? 115 LYS A CG  1 
ATOM   869  C  CD  . LYS A 1 115 ? 11.753  -12.776 4.469   1.00 49.42 ? 115 LYS A CD  1 
ATOM   870  C  CE  . LYS A 1 115 ? 13.053  -13.254 5.111   1.00 49.45 ? 115 LYS A CE  1 
ATOM   871  N  NZ  . LYS A 1 115 ? 14.058  -13.732 4.112   1.00 49.22 ? 115 LYS A NZ  1 
ATOM   872  N  N   . LEU A 1 116 ? 9.793   -9.341  7.539   1.00 31.21 ? 116 LEU A N   1 
ATOM   873  C  CA  . LEU A 1 116 ? 9.645   -8.519  8.733   1.00 27.07 ? 116 LEU A CA  1 
ATOM   874  C  C   . LEU A 1 116 ? 9.758   -9.412  9.952   1.00 26.63 ? 116 LEU A C   1 
ATOM   875  O  O   . LEU A 1 116 ? 9.270   -10.543 9.932   1.00 34.12 ? 116 LEU A O   1 
ATOM   876  C  CB  . LEU A 1 116 ? 8.290   -7.800  8.761   1.00 27.33 ? 116 LEU A CB  1 
ATOM   877  C  CG  . LEU A 1 116 ? 8.040   -6.661  7.787   1.00 35.00 ? 116 LEU A CG  1 
ATOM   878  C  CD1 . LEU A 1 116 ? 6.578   -6.277  7.850   1.00 31.85 ? 116 LEU A CD1 1 
ATOM   879  C  CD2 . LEU A 1 116 ? 8.929   -5.473  8.108   1.00 37.76 ? 116 LEU A CD2 1 
ATOM   880  N  N   . THR A 1 117 ? 10.381  -8.899  11.013  1.00 23.60 ? 117 THR A N   1 
ATOM   881  C  CA  . THR A 1 117 ? 10.321  -9.606  12.281  1.00 24.32 ? 117 THR A CA  1 
ATOM   882  C  C   . THR A 1 117 ? 8.941   -9.442  12.907  1.00 26.16 ? 117 THR A C   1 
ATOM   883  O  O   . THR A 1 117 ? 8.129   -8.614  12.487  1.00 21.76 ? 117 THR A O   1 
ATOM   884  C  CB  . THR A 1 117 ? 11.399  -9.112  13.244  1.00 30.49 ? 117 THR A CB  1 
ATOM   885  O  OG1 . THR A 1 117 ? 11.150  -7.740  13.570  1.00 26.75 ? 117 THR A OG1 1 
ATOM   886  C  CG2 . THR A 1 117 ? 12.784  -9.247  12.614  1.00 26.62 ? 117 THR A CG2 1 
ATOM   887  N  N   . ASP A 1 118 ? 8.680   -10.261 13.928  1.00 25.76 ? 118 ASP A N   1 
ATOM   888  C  CA  . ASP A 1 118 ? 7.426   -10.157 14.661  1.00 17.62 ? 118 ASP A CA  1 
ATOM   889  C  C   . ASP A 1 118 ? 7.311   -8.814  15.367  1.00 27.86 ? 118 ASP A C   1 
ATOM   890  O  O   . ASP A 1 118 ? 6.249   -8.179  15.349  1.00 21.25 ? 118 ASP A O   1 
ATOM   891  C  CB  . ASP A 1 118 ? 7.317   -11.300 15.662  1.00 25.50 ? 118 ASP A CB  1 
ATOM   892  C  CG  . ASP A 1 118 ? 6.929   -12.600 15.012  1.00 32.56 ? 118 ASP A CG  1 
ATOM   893  O  OD1 . ASP A 1 118 ? 6.433   -12.566 13.862  1.00 30.79 ? 118 ASP A OD1 1 
ATOM   894  O  OD2 . ASP A 1 118 ? 7.107   -13.653 15.662  1.00 39.26 ? 118 ASP A OD2 1 
ATOM   895  N  N   . GLU A 1 119 ? 8.400   -8.363  15.995  1.00 27.59 ? 119 GLU A N   1 
ATOM   896  C  CA  . GLU A 1 119 ? 8.394   -7.051  16.628  1.00 26.99 ? 119 GLU A CA  1 
ATOM   897  C  C   . GLU A 1 119 ? 8.112   -5.947  15.611  1.00 20.72 ? 119 GLU A C   1 
ATOM   898  O  O   . GLU A 1 119 ? 7.403   -4.981  15.919  1.00 20.02 ? 119 GLU A O   1 
ATOM   899  C  CB  . GLU A 1 119 ? 9.725   -6.809  17.348  1.00 22.23 ? 119 GLU A CB  1 
ATOM   900  C  CG  . GLU A 1 119 ? 10.305  -8.034  18.093  1.00 37.15 ? 119 GLU A CG  1 
ATOM   901  C  CD  . GLU A 1 119 ? 11.170  -8.964  17.211  1.00 37.82 ? 119 GLU A CD  1 
ATOM   902  O  OE1 . GLU A 1 119 ? 12.421  -8.824  17.233  1.00 59.95 ? 119 GLU A OE1 1 
ATOM   903  O  OE2 . GLU A 1 119 ? 10.612  -9.858  16.537  1.00 39.68 ? 119 GLU A OE2 1 
ATOM   904  N  N   . GLU A 1 120 ? 8.639   -6.079  14.391  1.00 23.17 ? 120 GLU A N   1 
ATOM   905  C  CA  . GLU A 1 120 ? 8.395   -5.058  13.377  1.00 23.61 ? 120 GLU A CA  1 
ATOM   906  C  C   . GLU A 1 120 ? 6.921   -5.004  12.988  1.00 21.41 ? 120 GLU A C   1 
ATOM   907  O  O   . GLU A 1 120 ? 6.359   -3.923  12.789  1.00 22.15 ? 120 GLU A O   1 
ATOM   908  C  CB  . GLU A 1 120 ? 9.270   -5.316  12.148  1.00 26.94 ? 120 GLU A CB  1 
ATOM   909  C  CG  . GLU A 1 120 ? 10.676  -4.746  12.285  1.00 21.04 ? 120 GLU A CG  1 
ATOM   910  C  CD  . GLU A 1 120 ? 11.665  -5.253  11.240  1.00 35.78 ? 120 GLU A CD  1 
ATOM   911  O  OE1 . GLU A 1 120 ? 11.423  -6.303  10.617  1.00 35.03 ? 120 GLU A OE1 1 
ATOM   912  O  OE2 . GLU A 1 120 ? 12.706  -4.588  11.057  1.00 42.30 ? 120 GLU A OE2 1 
ATOM   913  N  N   . VAL A 1 121 ? 6.286   -6.166  12.850  1.00 18.73 ? 121 VAL A N   1 
ATOM   914  C  CA  . VAL A 1 121 ? 4.849   -6.188  12.595  1.00 19.16 ? 121 VAL A CA  1 
ATOM   915  C  C   . VAL A 1 121 ? 4.096   -5.555  13.762  1.00 16.00 ? 121 VAL A C   1 
ATOM   916  O  O   . VAL A 1 121 ? 3.165   -4.754  13.566  1.00 18.30 ? 121 VAL A O   1 
ATOM   917  C  CB  . VAL A 1 121 ? 4.379   -7.629  12.343  1.00 20.77 ? 121 VAL A CB  1 
ATOM   918  C  CG1 . VAL A 1 121 ? 2.861   -7.672  12.138  1.00 16.42 ? 121 VAL A CG1 1 
ATOM   919  C  CG2 . VAL A 1 121 ? 5.121   -8.230  11.145  1.00 20.98 ? 121 VAL A CG2 1 
ATOM   920  N  N   . ASP A 1 122 ? 4.483   -5.913  14.994  1.00 20.39 ? 122 ASP A N   1 
ATOM   921  C  CA  . ASP A 1 122 ? 3.834   -5.352  16.178  1.00 20.06 ? 122 ASP A CA  1 
ATOM   922  C  C   . ASP A 1 122 ? 3.978   -3.837  16.216  1.00 18.85 ? 122 ASP A C   1 
ATOM   923  O  O   . ASP A 1 122 ? 3.037   -3.124  16.594  1.00 23.58 ? 122 ASP A O   1 
ATOM   924  C  CB  . ASP A 1 122 ? 4.416   -5.981  17.446  1.00 22.00 ? 122 ASP A CB  1 
ATOM   925  C  CG  . ASP A 1 122 ? 3.958   -7.409  17.657  1.00 26.21 ? 122 ASP A CG  1 
ATOM   926  O  OD1 . ASP A 1 122 ? 2.992   -7.844  16.999  1.00 25.72 ? 122 ASP A OD1 1 
ATOM   927  O  OD2 . ASP A 1 122 ? 4.564   -8.101  18.503  1.00 28.21 ? 122 ASP A OD2 1 
ATOM   928  N  N   . GLU A 1 123 ? 5.140   -3.323  15.804  1.00 19.29 ? 123 GLU A N   1 
ATOM   929  C  CA  . GLU A 1 123 ? 5.336   -1.878  15.722  1.00 19.07 ? 123 GLU A CA  1 
ATOM   930  C  C   . GLU A 1 123 ? 4.370   -1.222  14.741  1.00 16.19 ? 123 GLU A C   1 
ATOM   931  O  O   . GLU A 1 123 ? 3.875   -0.119  15.000  1.00 20.99 ? 123 GLU A O   1 
ATOM   932  C  CB  . GLU A 1 123 ? 6.765   -1.544  15.305  1.00 20.89 ? 123 GLU A CB  1 
ATOM   933  C  CG  . GLU A 1 123 ? 7.851   -1.917  16.309  1.00 31.51 ? 123 GLU A CG  1 
ATOM   934  C  CD  . GLU A 1 123 ? 9.229   -1.957  15.655  1.00 42.26 ? 123 GLU A CD  1 
ATOM   935  O  OE1 . GLU A 1 123 ? 10.123  -2.667  16.174  1.00 46.32 ? 123 GLU A OE1 1 
ATOM   936  O  OE2 . GLU A 1 123 ? 9.414   -1.278  14.614  1.00 44.41 ? 123 GLU A OE2 1 
HETATM 937  N  N   . MSE A 1 124 ? 4.141   -1.833  13.577  1.00 20.92 ? 124 MSE A N   1 
HETATM 938  C  CA  . MSE A 1 124 ? 3.230   -1.182  12.638  1.00 22.69 ? 124 MSE A CA  1 
HETATM 939  C  C   . MSE A 1 124 ? 1.823   -1.151  13.208  1.00 16.21 ? 124 MSE A C   1 
HETATM 940  O  O   . MSE A 1 124 ? 1.103   -0.168  13.040  1.00 19.38 ? 124 MSE A O   1 
HETATM 941  C  CB  . MSE A 1 124 ? 3.226   -1.845  11.265  1.00 30.23 ? 124 MSE A CB  1 
HETATM 942  C  CG  . MSE A 1 124 ? 4.600   -1.881  10.630  1.00 25.00 ? 124 MSE A CG  1 
HETATM 943  SE SE  . MSE A 1 124 ? 4.775   -3.222  9.211   1.00 31.43 ? 124 MSE A SE  1 
HETATM 944  C  CE  . MSE A 1 124 ? 3.557   -2.429  7.977   1.00 25.00 ? 124 MSE A CE  1 
ATOM   945  N  N   . ILE A 1 125 ? 1.432   -2.225  13.888  1.00 13.89 ? 125 ILE A N   1 
ATOM   946  C  CA  . ILE A 1 125 ? 0.101   -2.243  14.477  1.00 20.64 ? 125 ILE A CA  1 
ATOM   947  C  C   . ILE A 1 125 ? -0.020  -1.145  15.525  1.00 17.33 ? 125 ILE A C   1 
ATOM   948  O  O   . ILE A 1 125 ? -0.996  -0.387  15.553  1.00 13.47 ? 125 ILE A O   1 
ATOM   949  C  CB  . ILE A 1 125 ? -0.210  -3.625  15.072  1.00 13.88 ? 125 ILE A CB  1 
ATOM   950  C  CG1 . ILE A 1 125 ? -0.522  -4.640  13.980  1.00 15.07 ? 125 ILE A CG1 1 
ATOM   951  C  CG2 . ILE A 1 125 ? -1.381  -3.520  16.033  1.00 19.00 ? 125 ILE A CG2 1 
ATOM   952  C  CD1 . ILE A 1 125 ? -1.914  -4.441  13.406  1.00 15.15 ? 125 ILE A CD1 1 
ATOM   953  N  N   . ARG A 1 126 ? 0.972   -1.048  16.407  1.00 19.71 ? 126 ARG A N   1 
ATOM   954  C  CA  . ARG A 1 126 ? 0.913   -0.036  17.454  1.00 17.73 ? 126 ARG A CA  1 
ATOM   955  C  C   . ARG A 1 126 ? 0.833   1.367   16.876  1.00 19.14 ? 126 ARG A C   1 
ATOM   956  O  O   . ARG A 1 126 ? 0.080   2.206   17.380  1.00 20.70 ? 126 ARG A O   1 
ATOM   957  C  CB  . ARG A 1 126 ? 2.121   -0.163  18.384  1.00 17.21 ? 126 ARG A CB  1 
ATOM   958  C  CG  . ARG A 1 126 ? 2.099   -1.424  19.199  1.00 26.15 ? 126 ARG A CG  1 
ATOM   959  C  CD  . ARG A 1 126 ? 3.176   -1.411  20.262  1.00 28.96 ? 126 ARG A CD  1 
ATOM   960  N  NE  . ARG A 1 126 ? 3.492   -2.780  20.647  1.00 40.03 ? 126 ARG A NE  1 
ATOM   961  C  CZ  . ARG A 1 126 ? 4.625   -3.396  20.332  1.00 30.85 ? 126 ARG A CZ  1 
ATOM   962  N  NH1 . ARG A 1 126 ? 5.560   -2.758  19.641  1.00 36.98 ? 126 ARG A NH1 1 
ATOM   963  N  NH2 . ARG A 1 126 ? 4.826   -4.650  20.715  1.00 45.97 ? 126 ARG A NH2 1 
ATOM   964  N  N   . GLU A 1 127 ? 1.546   1.635   15.783  1.00 19.69 ? 127 GLU A N   1 
ATOM   965  C  CA  . GLU A 1 127 ? 1.552   2.994   15.254  1.00 21.60 ? 127 GLU A CA  1 
ATOM   966  C  C   . GLU A 1 127 ? 0.159   3.411   14.804  1.00 13.98 ? 127 GLU A C   1 
ATOM   967  O  O   . GLU A 1 127 ? -0.268  4.548   15.046  1.00 20.17 ? 127 GLU A O   1 
ATOM   968  C  CB  . GLU A 1 127 ? 2.570   3.113   14.118  1.00 19.76 ? 127 GLU A CB  1 
ATOM   969  C  CG  . GLU A 1 127 ? 2.704   4.520   13.529  1.00 30.39 ? 127 GLU A CG  1 
ATOM   970  C  CD  . GLU A 1 127 ? 3.300   5.513   14.518  1.00 41.85 ? 127 GLU A CD  1 
ATOM   971  O  OE1 . GLU A 1 127 ? 4.048   5.085   15.431  1.00 32.83 ? 127 GLU A OE1 1 
ATOM   972  O  OE2 . GLU A 1 127 ? 3.009   6.721   14.383  1.00 47.27 ? 127 GLU A OE2 1 
ATOM   973  N  N   . ALA A 1 128 ? -0.596  2.477   14.221  1.00 15.57 ? 128 ALA A N   1 
ATOM   974  C  CA  . ALA A 1 128 ? -1.911  2.754   13.654  1.00 14.23 ? 128 ALA A CA  1 
ATOM   975  C  C   . ALA A 1 128 ? -3.025  2.703   14.689  1.00 17.86 ? 128 ALA A C   1 
ATOM   976  O  O   . ALA A 1 128 ? -4.081  3.333   14.508  1.00 16.35 ? 128 ALA A O   1 
ATOM   977  C  CB  . ALA A 1 128 ? -2.215  1.734   12.555  1.00 18.77 ? 128 ALA A CB  1 
ATOM   978  N  N   . ASP A 1 129 ? -2.803  1.958   15.757  1.00 15.89 ? 129 ASP A N   1 
ATOM   979  C  CA  . ASP A 1 129 ? -3.780  1.806   16.827  1.00 12.43 ? 129 ASP A CA  1 
ATOM   980  C  C   . ASP A 1 129 ? -4.003  3.149   17.520  1.00 11.56 ? 129 ASP A C   1 
ATOM   981  O  O   . ASP A 1 129 ? -3.042  3.851   17.844  1.00 18.77 ? 129 ASP A O   1 
ATOM   982  C  CB  . ASP A 1 129 ? -3.219  0.740   17.770  1.00 14.89 ? 129 ASP A CB  1 
ATOM   983  C  CG  . ASP A 1 129 ? -4.162  0.347   18.881  1.00 12.17 ? 129 ASP A CG  1 
ATOM   984  O  OD1 . ASP A 1 129 ? -5.370  0.705   18.808  1.00 13.54 ? 129 ASP A OD1 1 
ATOM   985  O  OD2 . ASP A 1 129 ? -3.622  -0.330  19.801  1.00 14.47 ? 129 ASP A OD2 1 
ATOM   986  N  N   . ILE A 1 130 ? -5.257  3.533   17.728  1.00 15.03 ? 130 ILE A N   1 
ATOM   987  C  CA  . ILE A 1 130 ? -5.572  4.779   18.418  1.00 14.45 ? 130 ILE A CA  1 
ATOM   988  C  C   . ILE A 1 130 ? -6.125  4.526   19.825  1.00 18.28 ? 130 ILE A C   1 
ATOM   989  O  O   . ILE A 1 130 ? -5.713  5.181   20.779  1.00 20.71 ? 130 ILE A O   1 
ATOM   990  C  CB  . ILE A 1 130 ? -6.535  5.654   17.588  1.00 22.90 ? 130 ILE A CB  1 
ATOM   991  C  CG1 . ILE A 1 130 ? -5.848  6.048   16.293  1.00 16.05 ? 130 ILE A CG1 1 
ATOM   992  C  CG2 . ILE A 1 130 ? -6.918  6.928   18.354  1.00 21.17 ? 130 ILE A CG2 1 
ATOM   993  C  CD1 . ILE A 1 130 ? -6.744  6.669   15.281  1.00 16.60 ? 130 ILE A CD1 1 
ATOM   994  N  N   . ASP A 1 131 ? -7.080  3.606   19.955  1.00 17.14 ? 131 ASP A N   1 
ATOM   995  C  CA  . ASP A 1 131 ? -7.700  3.316   21.240  1.00 12.94 ? 131 ASP A CA  1 
ATOM   996  C  C   . ASP A 1 131 ? -6.838  2.413   22.118  1.00 17.22 ? 131 ASP A C   1 
ATOM   997  O  O   . ASP A 1 131 ? -7.136  2.277   23.311  1.00 16.87 ? 131 ASP A O   1 
ATOM   998  C  CB  . ASP A 1 131 ? -9.101  2.730   21.038  1.00 14.59 ? 131 ASP A CB  1 
ATOM   999  C  CG  . ASP A 1 131 ? -9.138  1.513   20.123  1.00 16.44 ? 131 ASP A CG  1 
ATOM   1000 O  OD1 . ASP A 1 131 ? -8.117  0.765   20.008  1.00 14.16 ? 131 ASP A OD1 1 
ATOM   1001 O  OD2 . ASP A 1 131 ? -10.235 1.289   19.576  1.00 21.57 ? 131 ASP A OD2 1 
ATOM   1002 N  N   . GLY A 1 132 ? -5.791  1.796   21.576  1.00 15.14 ? 132 GLY A N   1 
ATOM   1003 C  CA  . GLY A 1 132 ? -4.880  1.016   22.392  1.00 13.28 ? 132 GLY A CA  1 
ATOM   1004 C  C   . GLY A 1 132 ? -5.303  -0.405  22.658  1.00 13.39 ? 132 GLY A C   1 
ATOM   1005 O  O   . GLY A 1 132 ? -4.706  -1.055  23.540  1.00 13.80 ? 132 GLY A O   1 
ATOM   1006 N  N   . ASP A 1 133 ? -6.304  -0.919  21.921  1.00 14.84 ? 133 ASP A N   1 
ATOM   1007 C  CA  . ASP A 1 133 ? -6.652  -2.324  22.069  1.00 14.44 ? 133 ASP A CA  1 
ATOM   1008 C  C   . ASP A 1 133 ? -5.681  -3.259  21.366  1.00 13.84 ? 133 ASP A C   1 
ATOM   1009 O  O   . ASP A 1 133 ? -5.874  -4.469  21.439  1.00 13.06 ? 133 ASP A O   1 
ATOM   1010 C  CB  . ASP A 1 133 ? -8.084  -2.594  21.603  1.00 13.41 ? 133 ASP A CB  1 
ATOM   1011 C  CG  . ASP A 1 133 ? -8.285  -2.456  20.101  1.00 11.79 ? 133 ASP A CG  1 
ATOM   1012 O  OD1 . ASP A 1 133 ? -7.351  -2.062  19.385  1.00 13.44 ? 133 ASP A OD1 1 
ATOM   1013 O  OD2 . ASP A 1 133 ? -9.407  -2.791  19.675  1.00 16.46 ? 133 ASP A OD2 1 
ATOM   1014 N  N   . GLY A 1 134 ? -4.673  -2.729  20.685  1.00 12.08 ? 134 GLY A N   1 
ATOM   1015 C  CA  . GLY A 1 134 ? -3.715  -3.567  20.007  1.00 15.68 ? 134 GLY A CA  1 
ATOM   1016 C  C   . GLY A 1 134 ? -4.185  -4.136  18.689  1.00 11.39 ? 134 GLY A C   1 
ATOM   1017 O  O   . GLY A 1 134 ? -3.546  -5.052  18.182  1.00 14.10 ? 134 GLY A O   1 
ATOM   1018 N  N   . GLN A 1 135 ? -5.287  -3.619  18.127  1.00 8.83  ? 135 GLN A N   1 
ATOM   1019 C  CA  . GLN A 1 135 ? -5.773  -4.000  16.804  1.00 12.07 ? 135 GLN A CA  1 
ATOM   1020 C  C   . GLN A 1 135 ? -6.170  -2.725  16.083  1.00 11.13 ? 135 GLN A C   1 
ATOM   1021 O  O   . GLN A 1 135 ? -6.276  -1.660  16.683  1.00 11.70 ? 135 GLN A O   1 
ATOM   1022 C  CB  . GLN A 1 135 ? -6.965  -4.960  16.876  1.00 12.05 ? 135 GLN A CB  1 
ATOM   1023 C  CG  . GLN A 1 135 ? -6.701  -6.207  17.700  1.00 11.10 ? 135 GLN A CG  1 
ATOM   1024 C  CD  . GLN A 1 135 ? -7.765  -7.241  17.457  1.00 11.85 ? 135 GLN A CD  1 
ATOM   1025 O  OE1 . GLN A 1 135 ? -8.826  -7.239  18.084  1.00 18.90 ? 135 GLN A OE1 1 
ATOM   1026 N  NE2 . GLN A 1 135 ? -7.515  -8.090  16.482  1.00 17.84 ? 135 GLN A NE2 1 
ATOM   1027 N  N   . VAL A 1 136 ? -6.387  -2.831  14.773  1.00 11.04 ? 136 VAL A N   1 
ATOM   1028 C  CA  . VAL A 1 136 ? -6.758  -1.680  13.963  1.00 13.14 ? 136 VAL A CA  1 
ATOM   1029 C  C   . VAL A 1 136 ? -8.170  -1.878  13.425  1.00 11.98 ? 136 VAL A C   1 
ATOM   1030 O  O   . VAL A 1 136 ? -8.399  -2.726  12.547  1.00 13.92 ? 136 VAL A O   1 
ATOM   1031 C  CB  . VAL A 1 136 ? -5.766  -1.452  12.817  1.00 9.06  ? 136 VAL A CB  1 
ATOM   1032 C  CG1 . VAL A 1 136 ? -6.245  -0.268  12.009  1.00 12.03 ? 136 VAL A CG1 1 
ATOM   1033 C  CG2 . VAL A 1 136 ? -4.423  -1.168  13.387  1.00 12.93 ? 136 VAL A CG2 1 
ATOM   1034 N  N   . ASN A 1 137 ? -9.113  -1.037  13.882  1.00 11.04 ? 137 ASN A N   1 
ATOM   1035 C  CA  . ASN A 1 137 ? -10.487 -1.130  13.442  1.00 13.08 ? 137 ASN A CA  1 
ATOM   1036 C  C   . ASN A 1 137 ? -10.622 -0.256  12.194  1.00 12.05 ? 137 ASN A C   1 
ATOM   1037 O  O   . ASN A 1 137 ? -9.635  0.326   11.733  1.00 13.14 ? 137 ASN A O   1 
ATOM   1038 C  CB  . ASN A 1 137 ? -11.475 -0.772  14.585  1.00 16.58 ? 137 ASN A CB  1 
ATOM   1039 C  CG  . ASN A 1 137 ? -11.436 0.698   15.022  1.00 17.21 ? 137 ASN A CG  1 
ATOM   1040 O  OD1 . ASN A 1 137 ? -10.822 1.551   14.393  1.00 18.16 ? 137 ASN A OD1 1 
ATOM   1041 N  ND2 . ASN A 1 137 ? -12.175 0.994   16.103  1.00 20.13 ? 137 ASN A ND2 1 
ATOM   1042 N  N   . TYR A 1 138 ? -11.830 -0.191  11.617  1.00 11.37 ? 138 TYR A N   1 
ATOM   1043 C  CA  . TYR A 1 138 ? -11.963 0.541   10.365  1.00 11.83 ? 138 TYR A CA  1 
ATOM   1044 C  C   . TYR A 1 138 ? -11.656 2.019   10.552  1.00 14.71 ? 138 TYR A C   1 
ATOM   1045 O  O   . TYR A 1 138 ? -10.938 2.614   9.736   1.00 13.77 ? 138 TYR A O   1 
ATOM   1046 C  CB  . TYR A 1 138 ? -13.351 0.347   9.768   1.00 11.82 ? 138 TYR A CB  1 
ATOM   1047 C  CG  . TYR A 1 138 ? -13.481 0.990   8.401   1.00 14.13 ? 138 TYR A CG  1 
ATOM   1048 C  CD1 . TYR A 1 138 ? -12.709 0.564   7.333   1.00 14.00 ? 138 TYR A CD1 1 
ATOM   1049 C  CD2 . TYR A 1 138 ? -14.392 2.013   8.172   1.00 18.38 ? 138 TYR A CD2 1 
ATOM   1050 C  CE1 . TYR A 1 138 ? -12.797 1.155   6.089   1.00 20.40 ? 138 TYR A CE1 1 
ATOM   1051 C  CE2 . TYR A 1 138 ? -14.491 2.606   6.930   1.00 22.94 ? 138 TYR A CE2 1 
ATOM   1052 C  CZ  . TYR A 1 138 ? -13.708 2.160   5.889   1.00 22.87 ? 138 TYR A CZ  1 
ATOM   1053 O  OH  . TYR A 1 138 ? -13.800 2.751   4.649   1.00 28.16 ? 138 TYR A OH  1 
ATOM   1054 N  N   . GLU A 1 139 ? -12.161 2.630   11.638  1.00 15.87 ? 139 GLU A N   1 
ATOM   1055 C  CA  . GLU A 1 139 ? -11.925 4.061   11.807  1.00 22.77 ? 139 GLU A CA  1 
ATOM   1056 C  C   . GLU A 1 139 ? -10.438 4.372   11.879  1.00 15.25 ? 139 GLU A C   1 
ATOM   1057 O  O   . GLU A 1 139 ? -9.959  5.335   11.270  1.00 16.22 ? 139 GLU A O   1 
ATOM   1058 C  CB  . GLU A 1 139 ? -12.637 4.572   13.057  1.00 19.67 ? 139 GLU A CB  1 
ATOM   1059 C  CG  . GLU A 1 139 ? -12.261 6.005   13.408  1.00 19.55 ? 139 GLU A CG  1 
ATOM   1060 C  CD  . GLU A 1 139 ? -12.787 7.038   12.435  1.00 21.33 ? 139 GLU A CD  1 
ATOM   1061 O  OE1 . GLU A 1 139 ? -13.771 6.756   11.720  1.00 27.31 ? 139 GLU A OE1 1 
ATOM   1062 O  OE2 . GLU A 1 139 ? -12.219 8.152   12.403  1.00 27.08 ? 139 GLU A OE2 1 
ATOM   1063 N  N   . GLU A 1 140 ? -9.683  3.571   12.641  1.00 15.16 ? 140 GLU A N   1 
ATOM   1064 C  CA  . GLU A 1 140 ? -8.250  3.773   12.723  1.00 13.80 ? 140 GLU A CA  1 
ATOM   1065 C  C   . GLU A 1 140 ? -7.598  3.567   11.368  1.00 17.32 ? 140 GLU A C   1 
ATOM   1066 O  O   . GLU A 1 140 ? -6.671  4.296   11.002  1.00 16.47 ? 140 GLU A O   1 
ATOM   1067 C  CB  . GLU A 1 140 ? -7.648  2.821   13.758  1.00 18.23 ? 140 GLU A CB  1 
ATOM   1068 C  CG  . GLU A 1 140 ? -8.120  3.141   15.163  1.00 12.20 ? 140 GLU A CG  1 
ATOM   1069 C  CD  . GLU A 1 140 ? -7.904  2.001   16.199  1.00 16.08 ? 140 GLU A CD  1 
ATOM   1070 O  OE1 . GLU A 1 140 ? -7.991  0.808   15.846  1.00 15.74 ? 140 GLU A OE1 1 
ATOM   1071 O  OE2 . GLU A 1 140 ? -7.648  2.306   17.377  1.00 16.22 ? 140 GLU A OE2 1 
ATOM   1072 N  N   . PHE A 1 141 ? -8.103  2.598   10.604  1.00 15.85 ? 141 PHE A N   1 
ATOM   1073 C  CA  . PHE A 1 141 ? -7.570  2.320   9.280   1.00 15.98 ? 141 PHE A CA  1 
ATOM   1074 C  C   . PHE A 1 141 ? -7.797  3.487   8.348   1.00 15.00 ? 141 PHE A C   1 
ATOM   1075 O  O   . PHE A 1 141 ? -6.874  3.886   7.626   1.00 14.64 ? 141 PHE A O   1 
ATOM   1076 C  CB  . PHE A 1 141 ? -8.222  1.067   8.704   1.00 16.53 ? 141 PHE A CB  1 
ATOM   1077 C  CG  . PHE A 1 141 ? -7.577  0.554   7.449   1.00 12.53 ? 141 PHE A CG  1 
ATOM   1078 C  CD1 . PHE A 1 141 ? -6.399  -0.159  7.529   1.00 12.15 ? 141 PHE A CD1 1 
ATOM   1079 C  CD2 . PHE A 1 141 ? -8.169  0.742   6.213   1.00 17.18 ? 141 PHE A CD2 1 
ATOM   1080 C  CE1 . PHE A 1 141 ? -5.800  -0.706  6.384   1.00 15.64 ? 141 PHE A CE1 1 
ATOM   1081 C  CE2 . PHE A 1 141 ? -7.580  0.227   5.054   1.00 13.69 ? 141 PHE A CE2 1 
ATOM   1082 C  CZ  . PHE A 1 141 ? -6.391  -0.496  5.143   1.00 14.70 ? 141 PHE A CZ  1 
ATOM   1083 N  N   . VAL A 1 142 ? -9.011  4.058   8.373   1.00 16.56 ? 142 VAL A N   1 
ATOM   1084 C  CA  . VAL A 1 142 ? -9.317  5.190   7.499   1.00 15.91 ? 142 VAL A CA  1 
ATOM   1085 C  C   . VAL A 1 142 ? -8.383  6.341   7.807   1.00 19.74 ? 142 VAL A C   1 
ATOM   1086 O  O   . VAL A 1 142 ? -7.804  6.962   6.902   1.00 21.31 ? 142 VAL A O   1 
ATOM   1087 C  CB  . VAL A 1 142 ? -10.795 5.594   7.656   1.00 20.37 ? 142 VAL A CB  1 
ATOM   1088 C  CG1 . VAL A 1 142 ? -11.073 6.890   6.893   1.00 26.46 ? 142 VAL A CG1 1 
ATOM   1089 C  CG2 . VAL A 1 142 ? -11.698 4.496   7.152   1.00 21.53 ? 142 VAL A CG2 1 
ATOM   1090 N  N   . GLN A 1 143 ? -8.173  6.616   9.097   1.00 18.69 ? 143 GLN A N   1 
ATOM   1091 C  CA  . GLN A 1 143 ? -7.307  7.721   9.479   1.00 21.02 ? 143 GLN A CA  1 
ATOM   1092 C  C   . GLN A 1 143 ? -5.895  7.517   8.953   1.00 19.63 ? 143 GLN A C   1 
ATOM   1093 O  O   . GLN A 1 143 ? -5.269  8.463   8.459   1.00 20.92 ? 143 GLN A O   1 
ATOM   1094 C  CB  . GLN A 1 143 ? -7.315  7.885   11.002  1.00 21.33 ? 143 GLN A CB  1 
ATOM   1095 C  CG  . GLN A 1 143 ? -8.641  8.482   11.480  1.00 19.92 ? 143 GLN A CG  1 
ATOM   1096 C  CD  . GLN A 1 143 ? -8.541  9.048   12.876  1.00 18.64 ? 143 GLN A CD  1 
ATOM   1097 O  OE1 . GLN A 1 143 ? -7.492  9.523   13.290  1.00 22.73 ? 143 GLN A OE1 1 
ATOM   1098 N  NE2 . GLN A 1 143 ? -9.628  8.973   13.614  1.00 20.40 ? 143 GLN A NE2 1 
HETATM 1099 N  N   . MSE A 1 144 ? -5.384  6.291   9.047   1.00 16.04 ? 144 MSE A N   1 
HETATM 1100 C  CA  . MSE A 1 144 ? -4.090  5.941   8.506   1.00 14.94 ? 144 MSE A CA  1 
HETATM 1101 C  C   . MSE A 1 144 ? -4.006  6.239   7.020   1.00 20.75 ? 144 MSE A C   1 
HETATM 1102 O  O   . MSE A 1 144 ? -3.073  6.903   6.566   1.00 29.78 ? 144 MSE A O   1 
HETATM 1103 C  CB  . MSE A 1 144 ? -3.802  4.470   8.684   1.00 25.00 ? 144 MSE A CB  1 
HETATM 1104 C  CG  . MSE A 1 144 ? -2.449  4.109   8.129   1.00 25.00 ? 144 MSE A CG  1 
HETATM 1105 SE SE  . MSE A 1 144 ? -1.952  2.332   8.611   1.00 34.70 ? 144 MSE A SE  1 
HETATM 1106 C  CE  . MSE A 1 144 ? -3.181  1.480   7.378   1.00 27.46 ? 144 MSE A CE  1 
HETATM 1107 N  N   . MSE A 1 145 ? -4.971  5.717   6.270   1.00 20.73 ? 145 MSE A N   1 
HETATM 1108 C  CA  . MSE A 1 145 ? -4.926  5.829   4.794   1.00 21.23 ? 145 MSE A CA  1 
HETATM 1109 C  C   . MSE A 1 145 ? -5.142  7.242   4.296   1.00 35.53 ? 145 MSE A C   1 
HETATM 1110 O  O   . MSE A 1 145 ? -4.708  7.566   3.188   1.00 32.56 ? 145 MSE A O   1 
HETATM 1111 C  CB  . MSE A 1 145 ? -5.960  4.915   4.129   1.00 25.00 ? 145 MSE A CB  1 
HETATM 1112 C  CG  . MSE A 1 145 ? -5.764  3.456   4.464   1.00 25.00 ? 145 MSE A CG  1 
HETATM 1113 SE SE  . MSE A 1 145 ? -4.036  2.787   3.760   1.00 38.68 ? 145 MSE A SE  1 
HETATM 1114 C  CE  . MSE A 1 145 ? -4.757  1.928   2.217   1.00 42.77 ? 145 MSE A CE  1 
ATOM   1115 N  N   . THR A 1 146 ? -5.821  8.077   5.078   1.00 23.86 ? 146 THR A N   1 
ATOM   1116 C  CA  . THR A 1 146 ? -6.047  9.473   4.689   1.00 32.00 ? 146 THR A CA  1 
ATOM   1117 C  C   . THR A 1 146 ? -5.103  10.397  5.452   1.00 32.86 ? 146 THR A C   1 
ATOM   1118 O  O   . THR A 1 146 ? -5.513  11.233  6.265   1.00 48.09 ? 146 THR A O   1 
ATOM   1119 C  CB  . THR A 1 146 ? -7.504  9.873   4.912   1.00 30.48 ? 146 THR A CB  1 
ATOM   1120 O  OG1 . THR A 1 146 ? -7.793  9.865   6.317   1.00 39.07 ? 146 THR A OG1 1 
ATOM   1121 C  CG2 . THR A 1 146 ? -8.444  8.923   4.192   1.00 34.06 ? 146 THR A CG2 1 
ATOM   1122 N  N   . ALA A 1 147 ? -3.816  10.205  5.173   1.00 51.98 ? 147 ALA A N   1 
ATOM   1123 C  CA  . ALA A 1 147 ? -2.725  10.988  5.752   1.00 45.17 ? 147 ALA A CA  1 
ATOM   1124 C  C   . ALA A 1 147 ? -2.661  10.779  7.253   1.00 30.88 ? 147 ALA A C   1 
ATOM   1125 O  O   . ALA A 1 147 ? -2.042  9.814   7.720   1.00 57.18 ? 147 ALA A O   1 
ATOM   1126 C  CB  . ALA A 1 147 ? -2.885  12.488  5.408   1.00 40.54 ? 147 ALA A CB  1 
HETATM 1127 C  C1  . KN9 B 2 .   ? 9.839   0.978   9.832   1.00 43.27 ? 201 KN9 A C1  1 
HETATM 1128 C  C10 . KN9 B 2 .   ? 5.940   -1.350  4.296   1.00 45.83 ? 201 KN9 A C10 1 
HETATM 1129 C  C11 . KN9 B 2 .   ? 7.519   0.487   9.461   1.00 45.41 ? 201 KN9 A C11 1 
HETATM 1130 C  C12 . KN9 B 2 .   ? 6.952   1.278   10.640  1.00 42.76 ? 201 KN9 A C12 1 
HETATM 1131 C  C13 . KN9 B 2 .   ? 7.170   0.824   11.930  1.00 36.54 ? 201 KN9 A C13 1 
HETATM 1132 C  C14 . KN9 B 2 .   ? 6.669   1.525   13.012  1.00 38.95 ? 201 KN9 A C14 1 
HETATM 1133 C  C15 . KN9 B 2 .   ? 5.937   2.677   12.823  1.00 44.52 ? 201 KN9 A C15 1 
HETATM 1134 C  C16 . KN9 B 2 .   ? 5.707   3.135   11.538  1.00 40.56 ? 201 KN9 A C16 1 
HETATM 1135 C  C17 . KN9 B 2 .   ? 6.219   2.447   10.447  1.00 40.99 ? 201 KN9 A C17 1 
HETATM 1136 C  C18 . KN9 B 2 .   ? 6.692   4.026   8.499   1.00 51.67 ? 201 KN9 A C18 1 
HETATM 1137 C  C19 . KN9 B 2 .   ? 3.079   2.987   9.190   1.00 35.72 ? 201 KN9 A C19 1 
HETATM 1138 C  C2  . KN9 B 2 .   ? 9.083   0.489   7.669   1.00 47.30 ? 201 KN9 A C2  1 
HETATM 1139 C  C20 . KN9 B 2 .   ? 2.403   2.178   10.094  1.00 31.76 ? 201 KN9 A C20 1 
HETATM 1140 C  C21 . KN9 B 2 .   ? 1.283   2.665   10.762  1.00 25.06 ? 201 KN9 A C21 1 
HETATM 1141 C  C22 . KN9 B 2 .   ? 0.836   3.953   10.540  1.00 28.58 ? 201 KN9 A C22 1 
HETATM 1142 C  C23 . KN9 B 2 .   ? 1.509   4.757   9.637   1.00 32.52 ? 201 KN9 A C23 1 
HETATM 1143 C  C24 . KN9 B 2 .   ? 2.628   4.276   8.977   1.00 38.39 ? 201 KN9 A C24 1 
HETATM 1144 C  C26 . KN9 B 2 .   ? -0.508  5.812   11.148  1.00 26.57 ? 201 KN9 A C26 1 
HETATM 1145 C  C27 . KN9 B 2 .   ? 8.085   4.138   9.109   1.00 50.39 ? 201 KN9 A C27 1 
HETATM 1146 C  C3  . KN9 B 2 .   ? 8.044   0.810   6.599   1.00 45.87 ? 201 KN9 A C3  1 
HETATM 1147 C  C4  . KN9 B 2 .   ? 7.697   -0.494  5.891   1.00 47.82 ? 201 KN9 A C4  1 
HETATM 1148 C  C5  . KN9 B 2 .   ? 6.551   -0.266  4.910   1.00 43.41 ? 201 KN9 A C5  1 
HETATM 1149 C  C6  . KN9 B 2 .   ? 6.126   1.015   4.625   1.00 42.87 ? 201 KN9 A C6  1 
HETATM 1150 C  C7  . KN9 B 2 .   ? 5.085   1.206   3.729   1.00 44.38 ? 201 KN9 A C7  1 
HETATM 1151 C  C8  . KN9 B 2 .   ? 4.471   0.123   3.117   1.00 47.26 ? 201 KN9 A C8  1 
HETATM 1152 C  C9  . KN9 B 2 .   ? 4.899   -1.167  3.400   1.00 44.05 ? 201 KN9 A C9  1 
HETATM 1153 N  N1  . KN9 B 2 .   ? 8.715   1.121   8.923   1.00 51.06 ? 201 KN9 A N1  1 
HETATM 1154 N  N2  . KN9 B 2 .   ? 5.921   2.968   9.130   1.00 49.28 ? 201 KN9 A N2  1 
HETATM 1155 O  O1  . KN9 B 2 .   ? 9.009   3.743   8.480   1.00 49.55 ? 201 KN9 A O1  1 
HETATM 1156 O  O2  . KN9 B 2 .   ? 4.626   2.747   6.746   1.00 49.05 ? 201 KN9 A O2  1 
HETATM 1157 O  O25 . KN9 B 2 .   ? -0.300  4.428   11.212  1.00 27.24 ? 201 KN9 A O25 1 
HETATM 1158 O  O3  . KN9 B 2 .   ? 4.516   0.692   8.507   1.00 34.42 ? 201 KN9 A O3  1 
HETATM 1159 S  S   . KN9 B 2 .   ? 4.548   2.335   8.343   1.00 43.01 ? 201 KN9 A S   1 
HETATM 1160 CL CL  . KN9 B 2 .   ? 3.135   0.413   1.966   1.00 61.76 ? 201 KN9 A CL  1 
HETATM 1161 C  C1  . KN9 C 2 .   ? 2.066   3.865   5.589   1.00 51.31 ? 202 KN9 A C1  1 
HETATM 1162 C  C10 . KN9 C 2 .   ? -0.845  -1.273  6.923   1.00 23.91 ? 202 KN9 A C10 1 
HETATM 1163 C  C11 . KN9 C 2 .   ? 0.390   3.274   4.025   1.00 51.58 ? 202 KN9 A C11 1 
HETATM 1164 C  C12 . KN9 C 2 .   ? -0.010  4.632   3.438   1.00 51.81 ? 202 KN9 A C12 1 
HETATM 1165 C  C13 . KN9 C 2 .   ? -0.778  5.496   4.199   1.00 46.76 ? 202 KN9 A C13 1 
HETATM 1166 C  C14 . KN9 C 2 .   ? -1.153  6.724   3.698   1.00 41.81 ? 202 KN9 A C14 1 
HETATM 1167 C  C15 . KN9 C 2 .   ? -0.764  7.109   2.434   1.00 52.37 ? 202 KN9 A C15 1 
HETATM 1168 C  C16 . KN9 C 2 .   ? 0.006   6.257   1.665   1.00 49.66 ? 202 KN9 A C16 1 
HETATM 1169 C  C17 . KN9 C 2 .   ? 0.389   5.019   2.160   1.00 50.55 ? 202 KN9 A C17 1 
HETATM 1170 C  C18 . KN9 C 2 .   ? 2.601   4.427   1.135   1.00 50.73 ? 202 KN9 A C18 1 
HETATM 1171 C  C19 . KN9 C 2 .   ? -0.273  3.460   -1.055  1.00 64.27 ? 202 KN9 A C19 1 
HETATM 1172 C  C2  . KN9 C 2 .   ? 0.425   2.250   6.223   1.00 49.91 ? 202 KN9 A C2  1 
HETATM 1173 C  C20 . KN9 C 2 .   ? -1.562  3.989   -1.050  1.00 63.96 ? 202 KN9 A C20 1 
HETATM 1174 C  C21 . KN9 C 2 .   ? -2.143  4.450   -2.223  1.00 65.11 ? 202 KN9 A C21 1 
HETATM 1175 C  C22 . KN9 C 2 .   ? -1.437  4.381   -3.415  1.00 68.31 ? 202 KN9 A C22 1 
HETATM 1176 C  C23 . KN9 C 2 .   ? -0.157  3.846   -3.426  1.00 66.00 ? 202 KN9 A C23 1 
HETATM 1177 C  C24 . KN9 C 2 .   ? 0.427   3.391   -2.254  1.00 60.00 ? 202 KN9 A C24 1 
HETATM 1178 C  C26 . KN9 C 2 .   ? -3.337  5.306   -4.490  1.00 62.07 ? 202 KN9 A C26 1 
HETATM 1179 C  C27 . KN9 C 2 .   ? 3.378   3.774   2.270   1.00 54.53 ? 202 KN9 A C27 1 
HETATM 1180 C  C3  . KN9 C 2 .   ? 1.009   0.963   5.649   1.00 45.68 ? 202 KN9 A C3  1 
HETATM 1181 C  C4  . KN9 C 2 .   ? 1.382   -0.001  6.780   1.00 38.34 ? 202 KN9 A C4  1 
HETATM 1182 C  C5  . KN9 C 2 .   ? 0.204   -0.623  7.557   1.00 39.73 ? 202 KN9 A C5  1 
HETATM 1183 C  C6  . KN9 C 2 .   ? 0.211   -0.551  8.941   1.00 29.12 ? 202 KN9 A C6  1 
HETATM 1184 C  C7  . KN9 C 2 .   ? -0.813  -1.110  9.680   1.00 21.60 ? 202 KN9 A C7  1 
HETATM 1185 C  C8  . KN9 C 2 .   ? -1.854  -1.755  9.037   1.00 19.77 ? 202 KN9 A C8  1 
HETATM 1186 C  C9  . KN9 C 2 .   ? -1.878  -1.838  7.649   1.00 23.17 ? 202 KN9 A C9  1 
HETATM 1187 N  N1  . KN9 C 2 .   ? 0.690   3.444   5.431   1.00 50.73 ? 202 KN9 A N1  1 
HETATM 1188 N  N2  . KN9 C 2 .   ? 1.190   4.157   1.315   1.00 56.61 ? 202 KN9 A N2  1 
HETATM 1189 O  O1  . KN9 C 2 .   ? 3.990   4.453   3.023   1.00 53.71 ? 202 KN9 A O1  1 
HETATM 1190 O  O2  . KN9 C 2 .   ? 1.556   1.664   0.205   1.00 54.38 ? 202 KN9 A O2  1 
HETATM 1191 O  O25 . KN9 C 2 .   ? -2.017  4.847   -4.606  1.00 68.22 ? 202 KN9 A O25 1 
HETATM 1192 O  O3  . KN9 C 2 .   ? -0.795  2.259   1.422   1.00 60.41 ? 202 KN9 A O3  1 
HETATM 1193 S  S   . KN9 C 2 .   ? 0.445   2.853   0.505   1.00 61.61 ? 202 KN9 A S   1 
HETATM 1194 CL CL  . KN9 C 2 .   ? -3.172  -2.456  10.009  1.00 30.27 ? 202 KN9 A CL  1 
HETATM 1195 C  C1  . KN9 D 2 .   ? -6.292  0.224   -4.887  1.00 62.49 ? 203 KN9 A C1  1 
HETATM 1196 C  C10 . KN9 D 2 .   ? -0.716  1.757   -6.119  1.00 53.54 ? 203 KN9 A C10 1 
HETATM 1197 C  C11 . KN9 D 2 .   ? -4.537  -1.029  -3.870  1.00 61.61 ? 203 KN9 A C11 1 
HETATM 1198 C  C12 . KN9 D 2 .   ? -4.821  -1.778  -2.561  1.00 63.15 ? 203 KN9 A C12 1 
HETATM 1199 C  C13 . KN9 D 2 .   ? -5.662  -2.878  -2.592  1.00 62.53 ? 203 KN9 A C13 1 
HETATM 1200 C  C14 . KN9 D 2 .   ? -5.926  -3.584  -1.439  1.00 61.47 ? 203 KN9 A C14 1 
HETATM 1201 C  C15 . KN9 D 2 .   ? -5.343  -3.210  -0.244  1.00 64.17 ? 203 KN9 A C15 1 
HETATM 1202 C  C16 . KN9 D 2 .   ? -4.498  -2.115  -0.196  1.00 60.80 ? 203 KN9 A C16 1 
HETATM 1203 C  C17 . KN9 D 2 .   ? -4.237  -1.385  -1.352  1.00 58.16 ? 203 KN9 A C17 1 
HETATM 1204 C  C18 . KN9 D 2 .   ? -3.712  1.129   -1.016  1.00 59.87 ? 203 KN9 A C18 1 
HETATM 1205 C  C19 . KN9 D 2 .   ? -0.950  -1.377  -0.140  1.00 62.04 ? 203 KN9 A C19 1 
HETATM 1206 C  C2  . KN9 D 2 .   ? -4.223  1.282   -4.407  1.00 61.02 ? 203 KN9 A C2  1 
HETATM 1207 C  C20 . KN9 D 2 .   ? -0.310  -0.654  0.855   1.00 57.06 ? 203 KN9 A C20 1 
HETATM 1208 C  C21 . KN9 D 2 .   ? 0.245   -1.313  1.943   1.00 51.54 ? 203 KN9 A C21 1 
HETATM 1209 C  C22 . KN9 D 2 .   ? 0.155   -2.696  2.028   1.00 56.66 ? 203 KN9 A C22 1 
HETATM 1210 C  C23 . KN9 D 2 .   ? -0.487  -3.409  1.034   1.00 54.26 ? 203 KN9 A C23 1 
HETATM 1211 C  C24 . KN9 D 2 .   ? -1.035  -2.750  -0.042  1.00 58.38 ? 203 KN9 A C24 1 
HETATM 1212 C  C26 . KN9 D 2 .   ? 0.891   -2.603  4.259   1.00 52.38 ? 203 KN9 A C26 1 
HETATM 1213 C  C27 . KN9 D 2 .   ? -5.194  1.441   -1.218  1.00 54.60 ? 203 KN9 A C27 1 
HETATM 1214 C  C3  . KN9 D 2 .   ? -3.331  0.775   -5.533  1.00 63.36 ? 203 KN9 A C3  1 
HETATM 1215 C  C4  . KN9 D 2 .   ? -3.193  1.900   -6.556  1.00 58.29 ? 203 KN9 A C4  1 
HETATM 1216 C  C5  . KN9 D 2 .   ? -1.740  2.041   -7.005  1.00 53.38 ? 203 KN9 A C5  1 
HETATM 1217 C  C6  . KN9 D 2 .   ? -1.452  2.461   -8.294  1.00 46.66 ? 203 KN9 A C6  1 
HETATM 1218 C  C7  . KN9 D 2 .   ? -0.135  2.592   -8.697  1.00 47.36 ? 203 KN9 A C7  1 
HETATM 1219 C  C8  . KN9 D 2 .   ? 0.890   2.304   -7.809  1.00 47.06 ? 203 KN9 A C8  1 
HETATM 1220 C  C9  . KN9 D 2 .   ? 0.602   1.890   -6.519  1.00 46.10 ? 203 KN9 A C9  1 
HETATM 1221 N  N1  . KN9 D 2 .   ? -5.174  0.273   -3.963  1.00 61.82 ? 203 KN9 A N1  1 
HETATM 1222 N  N2  . KN9 D 2 .   ? -3.329  -0.247  -1.301  1.00 62.06 ? 203 KN9 A N2  1 
HETATM 1223 O  O1  . KN9 D 2 .   ? -5.501  2.404   -1.852  1.00 53.35 ? 203 KN9 A O1  1 
HETATM 1224 O  O2  . KN9 D 2 .   ? -0.882  0.843   -1.875  1.00 62.45 ? 203 KN9 A O2  1 
HETATM 1225 O  O25 . KN9 D 2 .   ? 0.706   -3.388  3.114   1.00 58.61 ? 203 KN9 A O25 1 
HETATM 1226 O  O3  . KN9 D 2 .   ? -1.532  -1.513  -2.918  1.00 64.21 ? 203 KN9 A O3  1 
HETATM 1227 S  S   . KN9 D 2 .   ? -1.681  -0.558  -1.581  1.00 68.59 ? 203 KN9 A S   1 
HETATM 1228 CL CL  . KN9 D 2 .   ? 2.593   2.466   -8.310  1.00 50.38 ? 203 KN9 A CL  1 
HETATM 1229 CA CA  . CA  E 3 .   ? 7.881   7.523   -16.066 1.00 27.10 ? 204 CA  A CA  1 
HETATM 1230 CA CA  . CA  F 3 .   ? -9.732  -9.586  11.837  1.00 12.94 ? 205 CA  A CA  1 
HETATM 1231 CA CA  . CA  G 3 .   ? -7.455  -0.122  17.976  1.00 13.21 ? 206 CA  A CA  1 
HETATM 1232 CA CA  . CA  H 3 .   ? 11.095  -2.803  -11.828 1.00 28.63 ? 207 CA  A CA  1 
HETATM 1233 O  O   . HOH I 4 .   ? 10.875  10.836  -13.899 1.00 42.46 ? 301 HOH A O   1 
HETATM 1234 O  O   . HOH I 4 .   ? -17.994 1.808   0.029   1.00 30.61 ? 302 HOH A O   1 
HETATM 1235 O  O   . HOH I 4 .   ? -17.913 -1.872  0.545   1.00 30.34 ? 303 HOH A O   1 
HETATM 1236 O  O   . HOH I 4 .   ? 1.786   5.995   -19.439 1.00 33.02 ? 304 HOH A O   1 
HETATM 1237 O  O   . HOH I 4 .   ? 15.047  9.144   5.078   1.00 38.39 ? 305 HOH A O   1 
HETATM 1238 O  O   . HOH I 4 .   ? -15.897 -4.940  19.445  1.00 28.21 ? 306 HOH A O   1 
HETATM 1239 O  O   . HOH I 4 .   ? 4.239   -11.665 13.012  1.00 28.22 ? 307 HOH A O   1 
HETATM 1240 O  O   . HOH I 4 .   ? 11.123  -3.834  -13.773 1.00 35.40 ? 308 HOH A O   1 
HETATM 1241 O  O   . HOH I 4 .   ? -1.222  -0.799  20.737  1.00 31.67 ? 309 HOH A O   1 
HETATM 1242 O  O   . HOH I 4 .   ? 0.471   -11.722 -7.856  1.00 19.04 ? 310 HOH A O   1 
HETATM 1243 O  O   . HOH I 4 .   ? 15.536  6.729   3.445   1.00 36.62 ? 311 HOH A O   1 
HETATM 1244 O  O   . HOH I 4 .   ? -17.996 -3.380  -3.502  1.00 25.62 ? 312 HOH A O   1 
HETATM 1245 O  O   . HOH I 4 .   ? 8.742   -5.638  -15.038 1.00 29.87 ? 313 HOH A O   1 
HETATM 1246 O  O   . HOH I 4 .   ? -6.071  2.713   -21.763 1.00 36.45 ? 314 HOH A O   1 
HETATM 1247 O  O   . HOH I 4 .   ? 2.638   1.748   -19.041 1.00 28.61 ? 315 HOH A O   1 
HETATM 1248 O  O   . HOH I 4 .   ? -6.172  -11.579 -7.792  1.00 24.21 ? 316 HOH A O   1 
HETATM 1249 O  O   . HOH I 4 .   ? 4.999   1.426   16.884  1.00 31.85 ? 317 HOH A O   1 
HETATM 1250 O  O   . HOH I 4 .   ? -8.949  -10.309 15.941  1.00 21.29 ? 318 HOH A O   1 
HETATM 1251 O  O   . HOH I 4 .   ? 3.286   -8.902  -4.499  1.00 20.99 ? 319 HOH A O   1 
HETATM 1252 O  O   . HOH I 4 .   ? 13.346  5.589   -9.376  1.00 30.06 ? 320 HOH A O   1 
HETATM 1253 O  O   . HOH I 4 .   ? -9.817  -0.907  17.754  1.00 17.63 ? 321 HOH A O   1 
HETATM 1254 O  O   . HOH I 4 .   ? -9.049  -10.876 13.524  1.00 16.66 ? 322 HOH A O   1 
HETATM 1255 O  O   . HOH I 4 .   ? -15.965 7.982   -1.815  1.00 32.11 ? 323 HOH A O   1 
HETATM 1256 O  O   . HOH I 4 .   ? 5.230   -4.068  -18.413 1.00 31.24 ? 324 HOH A O   1 
HETATM 1257 O  O   . HOH I 4 .   ? -16.134 -4.933  9.348   1.00 15.98 ? 325 HOH A O   1 
HETATM 1258 O  O   . HOH I 4 .   ? -4.848  -8.888  -12.890 1.00 19.21 ? 326 HOH A O   1 
HETATM 1259 O  O   . HOH I 4 .   ? -6.516  -12.570 13.322  1.00 27.13 ? 327 HOH A O   1 
HETATM 1260 O  O   . HOH I 4 .   ? -2.976  -7.522  17.053  1.00 21.51 ? 328 HOH A O   1 
HETATM 1261 O  O   . HOH I 4 .   ? 12.990  -6.371  15.141  1.00 31.63 ? 329 HOH A O   1 
HETATM 1262 O  O   . HOH I 4 .   ? -11.903 -2.074  20.697  1.00 21.82 ? 330 HOH A O   1 
HETATM 1263 O  O   . HOH I 4 .   ? -14.311 -6.242  7.605   1.00 25.21 ? 331 HOH A O   1 
HETATM 1264 O  O   . HOH I 4 .   ? -1.546  6.650   16.376  1.00 38.28 ? 332 HOH A O   1 
HETATM 1265 O  O   . HOH I 4 .   ? -14.143 -1.852  12.212  1.00 14.90 ? 333 HOH A O   1 
HETATM 1266 O  O   . HOH I 4 .   ? 10.379  -12.506 13.854  1.00 32.18 ? 334 HOH A O   1 
HETATM 1267 O  O   . HOH I 4 .   ? -4.490  5.300   12.532  1.00 20.82 ? 335 HOH A O   1 
HETATM 1268 O  O   . HOH I 4 .   ? -4.758  -10.803 6.439   1.00 26.81 ? 336 HOH A O   1 
HETATM 1269 O  O   . HOH I 4 .   ? 13.863  0.216   -5.950  1.00 40.23 ? 337 HOH A O   1 
HETATM 1270 O  O   . HOH I 4 .   ? -17.564 -9.065  7.947   1.00 25.92 ? 338 HOH A O   1 
HETATM 1271 O  O   . HOH I 4 .   ? 9.765   7.568   -15.390 1.00 37.73 ? 339 HOH A O   1 
HETATM 1272 O  O   . HOH I 4 .   ? -6.707  -13.162 -12.273 1.00 31.74 ? 340 HOH A O   1 
HETATM 1273 O  O   . HOH I 4 .   ? 3.296   -10.234 15.427  1.00 37.28 ? 341 HOH A O   1 
HETATM 1274 O  O   . HOH I 4 .   ? 2.361   -13.432 -3.484  1.00 29.23 ? 342 HOH A O   1 
HETATM 1275 O  O   . HOH I 4 .   ? -13.035 -9.139  5.005   1.00 28.06 ? 343 HOH A O   1 
HETATM 1276 O  O   . HOH I 4 .   ? 10.029  -7.518  -11.744 1.00 31.35 ? 344 HOH A O   1 
HETATM 1277 O  O   . HOH I 4 .   ? 5.812   -11.059 6.388   1.00 34.66 ? 345 HOH A O   1 
HETATM 1278 O  O   . HOH I 4 .   ? -15.682 -2.289  10.064  1.00 17.59 ? 346 HOH A O   1 
HETATM 1279 O  O   . HOH I 4 .   ? 9.612   -12.249 7.238   1.00 33.01 ? 347 HOH A O   1 
HETATM 1280 O  O   . HOH I 4 .   ? 0.728   3.751   -19.363 1.00 36.78 ? 348 HOH A O   1 
HETATM 1281 O  O   . HOH I 4 .   ? 5.591   -0.847  -17.665 1.00 31.54 ? 349 HOH A O   1 
HETATM 1282 O  O   . HOH I 4 .   ? -14.322 1.739   13.503  1.00 24.38 ? 350 HOH A O   1 
HETATM 1283 O  O   . HOH I 4 .   ? -14.630 -2.966  -4.284  1.00 38.19 ? 351 HOH A O   1 
HETATM 1284 O  O   . HOH I 4 .   ? -10.519 -2.909  -19.233 1.00 34.69 ? 352 HOH A O   1 
HETATM 1285 O  O   . HOH I 4 .   ? -5.674  -13.120 -5.248  1.00 31.88 ? 353 HOH A O   1 
HETATM 1286 O  O   . HOH I 4 .   ? 2.448   -0.371  -21.013 1.00 25.19 ? 354 HOH A O   1 
HETATM 1287 O  O   . HOH I 4 .   ? -16.907 -13.118 8.981   1.00 32.65 ? 355 HOH A O   1 
HETATM 1288 O  O   . HOH I 4 .   ? -0.006  7.519   7.705   1.00 40.19 ? 356 HOH A O   1 
HETATM 1289 O  O   . HOH I 4 .   ? 0.222   8.063   14.027  1.00 35.42 ? 357 HOH A O   1 
HETATM 1290 O  O   . HOH I 4 .   ? -2.363  -11.374 16.141  1.00 23.03 ? 358 HOH A O   1 
HETATM 1291 O  O   . HOH I 4 .   ? -1.706  -0.569  24.321  1.00 33.97 ? 359 HOH A O   1 
HETATM 1292 O  O   . HOH I 4 .   ? -11.904 -13.416 15.560  1.00 37.45 ? 360 HOH A O   1 
HETATM 1293 O  O   . HOH I 4 .   ? -7.700  -14.091 10.769  1.00 30.57 ? 361 HOH A O   1 
HETATM 1294 O  O   . HOH I 4 .   ? -3.226  10.115  2.017   1.00 38.83 ? 362 HOH A O   1 
HETATM 1295 O  O   . HOH I 4 .   ? 0.539   -6.209  18.221  1.00 33.65 ? 363 HOH A O   1 
HETATM 1296 O  O   . HOH I 4 .   ? -5.560  -13.002 7.487   1.00 28.58 ? 364 HOH A O   1 
HETATM 1297 O  O   . HOH I 4 .   ? -2.049  -6.728  20.498  1.00 30.57 ? 365 HOH A O   1 
HETATM 1298 O  O   . HOH I 4 .   ? 18.673  5.911   -0.392  1.00 41.51 ? 366 HOH A O   1 
HETATM 1299 O  O   . HOH I 4 .   ? -15.011 5.976   5.180   1.00 35.86 ? 367 HOH A O   1 
HETATM 1300 O  O   . HOH I 4 .   ? -5.012  1.282   -23.267 1.00 38.25 ? 368 HOH A O   1 
HETATM 1301 O  O   . HOH I 4 .   ? -6.585  -9.841  -16.198 1.00 32.10 ? 369 HOH A O   1 
HETATM 1302 O  O   . HOH I 4 .   ? 6.209   -11.412 -5.387  1.00 35.12 ? 370 HOH A O   1 
HETATM 1303 O  O   . HOH I 4 .   ? -9.183  -15.823 9.030   1.00 39.78 ? 371 HOH A O   1 
HETATM 1304 O  O   . HOH I 4 .   ? -15.854 2.680   11.523  1.00 25.89 ? 372 HOH A O   1 
HETATM 1305 O  O   . HOH I 4 .   ? 5.154   -14.159 -2.562  1.00 38.36 ? 373 HOH A O   1 
HETATM 1306 O  O   . HOH I 4 .   ? -13.688 -16.390 8.397   1.00 37.46 ? 374 HOH A O   1 
HETATM 1307 O  O   . HOH I 4 .   ? -12.624 -16.798 6.081   1.00 38.08 ? 375 HOH A O   1 
HETATM 1308 O  O   . HOH I 4 .   ? -3.553  7.714   12.566  1.00 25.69 ? 376 HOH A O   1 
HETATM 1309 O  O   . HOH I 4 .   ? 7.202   -2.093  -19.547 1.00 34.92 ? 377 HOH A O   1 
HETATM 1310 O  O   . HOH I 4 .   ? -15.705 -0.892  14.329  1.00 21.67 ? 378 HOH A O   1 
HETATM 1311 O  O   . HOH I 4 .   ? -15.538 6.518   7.469   1.00 36.04 ? 379 HOH A O   1 
# 
